data_2L4Z
#
_entry.id   2L4Z
#
loop_
_entity.id
_entity.type
_entity.pdbx_description
1 polymer 'DNA endonuclease RBBP8,LIM domain transcription factor LMO4'
2 non-polymer 'ZINC ION'
#
_entity_poly.entity_id   1
_entity_poly.type   'polypeptide(L)'
_entity_poly.pdbx_seq_one_letter_code
;GSSLQNNQDVSFENIQWSIDPGADLSQYKMDVTVIDTKDGSQSKLGGGGSGGHMGSGGLSWKRCAGCGGKIADRFLLYAM
DSYWHSRCLKCSSCQAQLGDIGTSSYTKSGMILCRNDYIRLFG
;
_entity_poly.pdbx_strand_id   A
#
loop_
_chem_comp.id
_chem_comp.type
_chem_comp.name
_chem_comp.formula
ZN non-polymer 'ZINC ION' 'Zn 2'
#
# COMPACT_ATOMS: atom_id res chain seq x y z
N SER A 3 35.44 35.81 29.90
CA SER A 3 34.67 35.73 28.65
C SER A 3 33.46 34.81 28.80
N LEU A 4 32.45 35.01 27.96
CA LEU A 4 31.26 34.18 27.97
C LEU A 4 30.83 33.85 26.54
N GLN A 5 31.81 33.73 25.67
CA GLN A 5 31.55 33.38 24.28
C GLN A 5 31.68 31.87 24.09
N ASN A 6 30.80 31.14 24.75
CA ASN A 6 30.86 29.69 24.76
C ASN A 6 29.50 29.10 24.42
N ASN A 7 29.01 29.40 23.23
CA ASN A 7 27.71 28.89 22.78
C ASN A 7 27.47 29.23 21.33
N GLN A 8 27.70 28.26 20.45
CA GLN A 8 27.41 28.41 19.04
C GLN A 8 26.64 27.21 18.53
N ASP A 9 26.22 27.25 17.29
CA ASP A 9 25.48 26.15 16.70
C ASP A 9 26.43 25.03 16.29
N VAL A 10 26.20 23.84 16.83
CA VAL A 10 27.09 22.73 16.60
C VAL A 10 26.34 21.44 16.25
N SER A 11 25.01 21.50 16.32
CA SER A 11 24.20 20.35 16.02
C SER A 11 22.85 20.75 15.43
N PHE A 12 22.87 21.63 14.43
CA PHE A 12 21.64 22.04 13.76
C PHE A 12 21.92 22.68 12.40
N GLU A 13 21.90 24.02 12.35
CA GLU A 13 21.87 24.74 11.08
C GLU A 13 23.23 24.76 10.39
N ASN A 14 24.30 24.55 11.14
CA ASN A 14 25.63 24.50 10.54
C ASN A 14 25.73 23.34 9.54
N ILE A 15 24.97 22.29 9.81
CA ILE A 15 24.94 21.12 8.93
C ILE A 15 23.55 20.94 8.34
N GLN A 16 23.04 21.99 7.70
CA GLN A 16 21.71 21.95 7.12
C GLN A 16 21.73 21.25 5.76
N TRP A 17 21.85 19.93 5.79
CA TRP A 17 21.81 19.15 4.57
C TRP A 17 20.43 18.53 4.37
N SER A 18 20.05 18.32 3.13
CA SER A 18 18.74 17.77 2.81
C SER A 18 18.71 16.26 3.07
N ILE A 19 17.65 15.81 3.73
CA ILE A 19 17.52 14.40 4.06
C ILE A 19 16.40 13.75 3.26
N ASP A 20 16.37 12.42 3.25
CA ASP A 20 15.33 11.67 2.56
C ASP A 20 13.98 11.88 3.24
N PRO A 21 12.88 11.86 2.48
CA PRO A 21 11.54 12.08 3.01
C PRO A 21 11.01 10.91 3.85
N GLY A 22 11.67 10.66 4.98
CA GLY A 22 11.24 9.60 5.86
C GLY A 22 12.16 8.40 5.78
N ALA A 23 13.46 8.65 5.93
CA ALA A 23 14.45 7.58 5.89
C ALA A 23 14.66 7.01 7.29
N ASP A 24 14.50 7.86 8.29
CA ASP A 24 14.65 7.44 9.68
C ASP A 24 13.32 6.94 10.24
N LEU A 25 12.26 7.16 9.47
CA LEU A 25 10.93 6.68 9.85
C LEU A 25 10.66 5.33 9.18
N SER A 26 11.71 4.55 8.99
CA SER A 26 11.64 3.28 8.27
C SER A 26 10.73 2.28 8.99
N GLN A 27 10.64 2.42 10.31
CA GLN A 27 9.83 1.51 11.12
C GLN A 27 8.35 1.78 10.91
N TYR A 28 8.01 3.01 10.53
CA TYR A 28 6.63 3.40 10.30
C TYR A 28 6.29 3.32 8.83
N LYS A 29 7.32 3.07 8.02
CA LYS A 29 7.18 3.04 6.58
C LYS A 29 6.54 1.74 6.12
N MET A 30 5.81 1.83 5.02
CA MET A 30 5.23 0.65 4.39
C MET A 30 5.73 0.55 2.96
N ASP A 31 5.78 -0.65 2.43
CA ASP A 31 6.24 -0.85 1.06
C ASP A 31 5.06 -0.99 0.12
N VAL A 32 4.93 -0.07 -0.79
CA VAL A 32 3.85 -0.12 -1.75
C VAL A 32 4.24 -1.01 -2.91
N THR A 33 3.85 -2.27 -2.83
CA THR A 33 4.13 -3.24 -3.88
C THR A 33 3.01 -3.21 -4.92
N VAL A 34 3.33 -2.77 -6.12
CA VAL A 34 2.36 -2.70 -7.19
C VAL A 34 2.36 -4.00 -7.98
N ILE A 35 1.33 -4.81 -7.79
CA ILE A 35 1.24 -6.11 -8.45
C ILE A 35 0.64 -5.94 -9.85
N ASP A 36 1.36 -6.38 -10.86
CA ASP A 36 0.90 -6.27 -12.22
C ASP A 36 0.04 -7.48 -12.60
N THR A 37 -1.04 -7.21 -13.30
CA THR A 37 -1.92 -8.25 -13.79
C THR A 37 -1.54 -8.62 -15.21
N LYS A 38 -1.00 -9.82 -15.38
CA LYS A 38 -0.54 -10.27 -16.70
C LYS A 38 -1.73 -10.67 -17.58
N ASP A 39 -2.92 -10.61 -17.02
CA ASP A 39 -4.14 -10.91 -17.77
C ASP A 39 -4.84 -9.63 -18.21
N GLY A 40 -4.68 -9.29 -19.48
CA GLY A 40 -5.38 -8.12 -20.00
C GLY A 40 -4.45 -7.09 -20.59
N SER A 41 -3.16 -7.20 -20.29
CA SER A 41 -2.17 -6.25 -20.80
C SER A 41 -1.80 -6.60 -22.24
N GLN A 42 -2.27 -7.74 -22.69
CA GLN A 42 -2.08 -8.17 -24.07
C GLN A 42 -3.41 -8.13 -24.81
N SER A 43 -3.62 -7.08 -25.60
CA SER A 43 -4.88 -6.91 -26.31
C SER A 43 -5.12 -8.04 -27.32
N LYS A 44 -4.02 -8.68 -27.73
CA LYS A 44 -4.09 -9.76 -28.71
C LYS A 44 -4.37 -11.10 -28.04
N LEU A 45 -4.57 -11.09 -26.72
CA LEU A 45 -4.84 -12.31 -25.98
C LEU A 45 -6.16 -12.93 -26.41
N GLY A 46 -7.18 -12.10 -26.50
CA GLY A 46 -8.50 -12.56 -26.89
C GLY A 46 -9.54 -11.48 -26.72
N GLY A 47 -10.81 -11.84 -26.90
CA GLY A 47 -11.88 -10.87 -26.78
C GLY A 47 -12.33 -10.69 -25.35
N GLY A 48 -11.39 -10.32 -24.48
CA GLY A 48 -11.71 -10.12 -23.08
C GLY A 48 -12.24 -11.39 -22.43
N GLY A 49 -13.37 -11.29 -21.76
CA GLY A 49 -13.97 -12.45 -21.13
C GLY A 49 -15.11 -13.01 -21.97
N SER A 50 -15.26 -12.47 -23.17
CA SER A 50 -16.31 -12.93 -24.07
C SER A 50 -15.74 -13.78 -25.20
N GLY A 51 -14.73 -13.24 -25.88
CA GLY A 51 -14.08 -13.96 -26.97
C GLY A 51 -13.10 -14.98 -26.45
N GLY A 52 -13.63 -16.08 -25.94
CA GLY A 52 -12.80 -17.11 -25.35
C GLY A 52 -13.36 -17.59 -24.03
N HIS A 53 -13.61 -18.88 -23.92
CA HIS A 53 -14.23 -19.43 -22.72
C HIS A 53 -13.16 -19.89 -21.73
N MET A 54 -12.61 -18.93 -21.01
CA MET A 54 -11.55 -19.21 -20.05
C MET A 54 -12.13 -19.38 -18.65
N GLY A 55 -12.74 -20.53 -18.40
CA GLY A 55 -13.32 -20.80 -17.10
C GLY A 55 -12.26 -20.87 -16.02
N SER A 56 -12.30 -19.95 -15.08
CA SER A 56 -11.32 -19.88 -14.02
C SER A 56 -11.89 -20.49 -12.73
N GLY A 57 -11.09 -21.30 -12.07
CA GLY A 57 -11.52 -21.93 -10.83
C GLY A 57 -11.40 -21.00 -9.64
N GLY A 58 -10.58 -19.96 -9.78
CA GLY A 58 -10.43 -18.99 -8.73
C GLY A 58 -11.60 -18.02 -8.71
N LEU A 59 -12.36 -18.05 -7.62
CA LEU A 59 -13.53 -17.20 -7.51
C LEU A 59 -13.34 -16.18 -6.38
N SER A 60 -12.27 -16.33 -5.62
CA SER A 60 -11.97 -15.41 -4.54
C SER A 60 -10.88 -14.43 -4.95
N TRP A 61 -9.92 -14.93 -5.76
CA TRP A 61 -8.78 -14.14 -6.21
C TRP A 61 -7.99 -13.61 -5.02
N LYS A 62 -7.98 -12.29 -4.84
CA LYS A 62 -7.31 -11.68 -3.70
C LYS A 62 -8.32 -10.89 -2.89
N ARG A 63 -8.43 -11.20 -1.60
CA ARG A 63 -9.38 -10.54 -0.74
C ARG A 63 -8.86 -9.18 -0.29
N CYS A 64 -9.70 -8.15 -0.43
CA CYS A 64 -9.31 -6.81 -0.07
C CYS A 64 -9.56 -6.56 1.42
N ALA A 65 -8.72 -5.74 2.00
CA ALA A 65 -8.88 -5.36 3.40
C ALA A 65 -9.50 -3.97 3.48
N GLY A 66 -9.82 -3.40 2.32
CA GLY A 66 -10.40 -2.09 2.26
C GLY A 66 -11.91 -2.12 2.17
N CYS A 67 -12.44 -2.82 1.17
CA CYS A 67 -13.89 -2.88 0.99
C CYS A 67 -14.45 -4.11 1.67
N GLY A 68 -13.58 -5.08 1.94
CA GLY A 68 -13.98 -6.28 2.64
C GLY A 68 -14.35 -7.40 1.69
N GLY A 69 -14.38 -7.08 0.40
CA GLY A 69 -14.70 -8.08 -0.59
C GLY A 69 -13.46 -8.64 -1.25
N LYS A 70 -13.53 -8.86 -2.56
CA LYS A 70 -12.40 -9.34 -3.31
C LYS A 70 -11.96 -8.29 -4.30
N ILE A 71 -10.67 -8.26 -4.59
CA ILE A 71 -10.13 -7.30 -5.53
C ILE A 71 -10.43 -7.70 -6.96
N ALA A 72 -11.34 -6.96 -7.58
CA ALA A 72 -11.68 -7.17 -8.98
C ALA A 72 -11.13 -6.01 -9.80
N ASP A 73 -10.24 -5.25 -9.19
CA ASP A 73 -9.60 -4.13 -9.85
C ASP A 73 -8.48 -4.63 -10.76
N ARG A 74 -7.87 -3.70 -11.50
CA ARG A 74 -6.80 -4.07 -12.42
C ARG A 74 -5.50 -4.31 -11.65
N PHE A 75 -4.95 -3.25 -11.09
CA PHE A 75 -3.72 -3.33 -10.33
C PHE A 75 -4.00 -3.32 -8.84
N LEU A 76 -3.53 -4.33 -8.14
CA LEU A 76 -3.67 -4.37 -6.70
C LEU A 76 -2.37 -3.92 -6.06
N LEU A 77 -2.48 -3.28 -4.91
CA LEU A 77 -1.33 -2.69 -4.26
C LEU A 77 -1.14 -3.29 -2.88
N TYR A 78 0.05 -3.15 -2.34
CA TYR A 78 0.39 -3.67 -1.03
C TYR A 78 0.58 -2.55 -0.03
N ALA A 79 0.09 -2.76 1.17
CA ALA A 79 0.28 -1.83 2.26
C ALA A 79 0.23 -2.56 3.59
N MET A 80 1.30 -2.42 4.36
CA MET A 80 1.45 -3.08 5.66
C MET A 80 1.61 -4.58 5.50
N ASP A 81 0.54 -5.26 5.13
CA ASP A 81 0.56 -6.72 4.96
C ASP A 81 -0.68 -7.22 4.22
N SER A 82 -1.59 -6.32 3.88
CA SER A 82 -2.86 -6.73 3.30
C SER A 82 -2.91 -6.41 1.80
N TYR A 83 -3.93 -6.91 1.13
CA TYR A 83 -4.13 -6.65 -0.29
C TYR A 83 -5.05 -5.46 -0.47
N TRP A 84 -4.69 -4.55 -1.37
CA TRP A 84 -5.51 -3.37 -1.65
C TRP A 84 -5.59 -3.10 -3.15
N HIS A 85 -6.33 -2.06 -3.50
CA HIS A 85 -6.43 -1.56 -4.87
C HIS A 85 -6.63 -0.05 -4.80
N SER A 86 -6.77 0.59 -5.95
CA SER A 86 -6.77 2.06 -6.06
C SER A 86 -7.67 2.76 -5.03
N ARG A 87 -8.95 2.40 -4.99
CA ARG A 87 -9.94 3.14 -4.19
C ARG A 87 -9.86 2.84 -2.70
N CYS A 88 -9.29 1.70 -2.31
CA CYS A 88 -9.23 1.34 -0.91
C CYS A 88 -7.89 1.73 -0.28
N LEU A 89 -6.83 1.62 -1.06
CA LEU A 89 -5.52 2.01 -0.58
C LEU A 89 -5.38 3.51 -0.69
N LYS A 90 -5.81 4.21 0.34
CA LYS A 90 -5.78 5.66 0.37
C LYS A 90 -5.47 6.18 1.76
N CYS A 91 -5.34 7.50 1.88
CA CYS A 91 -5.16 8.14 3.17
C CYS A 91 -6.47 8.10 3.95
N SER A 92 -6.38 7.80 5.23
CA SER A 92 -7.57 7.79 6.08
C SER A 92 -7.94 9.22 6.48
N SER A 93 -7.10 10.16 6.09
CA SER A 93 -7.33 11.56 6.38
C SER A 93 -7.68 12.34 5.11
N CYS A 94 -7.03 11.98 4.01
CA CYS A 94 -7.30 12.62 2.73
C CYS A 94 -8.38 11.90 1.96
N GLN A 95 -8.40 10.57 2.11
CA GLN A 95 -9.23 9.69 1.30
C GLN A 95 -8.77 9.71 -0.16
N ALA A 96 -7.63 10.34 -0.39
CA ALA A 96 -7.06 10.40 -1.72
C ALA A 96 -6.47 9.05 -2.08
N GLN A 97 -6.94 8.48 -3.18
CA GLN A 97 -6.53 7.15 -3.61
C GLN A 97 -5.02 7.07 -3.74
N LEU A 98 -4.39 6.45 -2.75
CA LEU A 98 -2.93 6.35 -2.70
C LEU A 98 -2.43 5.41 -3.79
N GLY A 99 -3.32 4.53 -4.24
CA GLY A 99 -2.98 3.63 -5.33
C GLY A 99 -3.07 4.30 -6.67
N ASP A 100 -3.63 5.51 -6.69
CA ASP A 100 -3.75 6.29 -7.92
C ASP A 100 -2.67 7.35 -7.97
N ILE A 101 -1.81 7.31 -6.97
CA ILE A 101 -0.72 8.28 -6.85
C ILE A 101 0.62 7.57 -6.69
N GLY A 102 0.63 6.59 -5.81
CA GLY A 102 1.83 5.83 -5.56
C GLY A 102 2.63 6.41 -4.40
N THR A 103 1.94 7.17 -3.57
CA THR A 103 2.56 7.83 -2.44
C THR A 103 2.97 6.82 -1.37
N SER A 104 4.24 6.89 -0.96
CA SER A 104 4.74 6.05 0.12
C SER A 104 4.19 6.55 1.45
N SER A 105 3.03 6.02 1.83
CA SER A 105 2.35 6.43 3.05
C SER A 105 3.03 5.83 4.29
N TYR A 106 2.58 6.28 5.46
CA TYR A 106 3.14 5.81 6.73
C TYR A 106 2.02 5.43 7.68
N THR A 107 2.37 4.81 8.79
CA THR A 107 1.39 4.43 9.78
C THR A 107 1.99 4.53 11.18
N LYS A 108 1.17 4.21 12.17
CA LYS A 108 1.59 4.26 13.56
C LYS A 108 0.58 3.53 14.42
N SER A 109 -0.64 4.06 14.47
CA SER A 109 -1.70 3.47 15.26
C SER A 109 -2.69 2.72 14.38
N GLY A 110 -2.18 2.06 13.36
CA GLY A 110 -3.03 1.26 12.48
C GLY A 110 -3.65 2.06 11.35
N MET A 111 -3.77 3.37 11.55
CA MET A 111 -4.36 4.24 10.55
C MET A 111 -3.39 4.47 9.39
N ILE A 112 -3.91 4.45 8.18
CA ILE A 112 -3.09 4.67 6.99
C ILE A 112 -3.13 6.13 6.59
N LEU A 113 -2.04 6.83 6.78
CA LEU A 113 -1.98 8.25 6.47
C LEU A 113 -0.93 8.51 5.40
N CYS A 114 -1.16 9.54 4.59
CA CYS A 114 -0.22 9.90 3.55
C CYS A 114 1.11 10.37 4.14
N ARG A 115 2.11 10.52 3.27
CA ARG A 115 3.46 10.91 3.67
C ARG A 115 3.45 12.13 4.58
N ASN A 116 2.73 13.16 4.15
CA ASN A 116 2.70 14.43 4.88
C ASN A 116 1.77 14.35 6.09
N ASP A 117 0.69 13.58 5.96
CA ASP A 117 -0.33 13.53 7.00
C ASP A 117 0.19 12.89 8.27
N TYR A 118 1.00 11.85 8.14
CA TYR A 118 1.53 11.18 9.31
C TYR A 118 2.32 12.14 10.20
N ILE A 119 3.14 12.98 9.58
CA ILE A 119 3.96 13.93 10.32
C ILE A 119 3.09 15.00 10.97
N ARG A 120 2.03 15.38 10.27
CA ARG A 120 1.11 16.39 10.76
C ARG A 120 0.21 15.82 11.86
N LEU A 121 -0.17 14.58 11.71
CA LEU A 121 -1.11 13.95 12.63
C LEU A 121 -0.42 13.42 13.88
N PHE A 122 0.51 12.49 13.71
CA PHE A 122 1.13 11.84 14.85
C PHE A 122 2.57 12.31 15.05
N GLY A 123 3.51 11.61 14.44
CA GLY A 123 4.91 11.92 14.64
C GLY A 123 5.56 10.89 15.54
ZN ZN B . -11.18 -2.74 -1.63
ZN ZN C . -3.44 12.57 3.95
N SER A 3 -0.11 3.36 41.43
CA SER A 3 -0.63 2.00 41.70
C SER A 3 0.17 0.97 40.93
N LEU A 4 0.25 1.13 39.62
CA LEU A 4 1.01 0.23 38.78
C LEU A 4 2.07 1.00 38.01
N GLN A 5 3.30 0.56 38.12
CA GLN A 5 4.40 1.17 37.39
C GLN A 5 5.13 0.11 36.59
N ASN A 6 4.41 -0.48 35.65
CA ASN A 6 4.94 -1.55 34.81
C ASN A 6 5.84 -0.98 33.73
N ASN A 7 7.09 -0.69 34.10
CA ASN A 7 8.08 -0.17 33.16
C ASN A 7 8.32 -1.17 32.04
N GLN A 8 7.74 -0.90 30.88
CA GLN A 8 7.84 -1.79 29.74
C GLN A 8 9.27 -1.85 29.23
N ASP A 9 9.71 -3.06 28.89
CA ASP A 9 11.09 -3.27 28.48
C ASP A 9 11.28 -2.85 27.03
N VAL A 10 12.05 -1.80 26.83
CA VAL A 10 12.32 -1.29 25.49
C VAL A 10 13.66 -1.81 24.98
N SER A 11 14.32 -2.61 25.80
CA SER A 11 15.61 -3.17 25.43
C SER A 11 15.44 -4.31 24.42
N PHE A 12 16.04 -4.14 23.26
CA PHE A 12 15.98 -5.15 22.21
C PHE A 12 17.38 -5.69 21.91
N GLU A 13 17.50 -6.99 21.75
CA GLU A 13 18.79 -7.60 21.43
C GLU A 13 19.19 -7.28 19.99
N ASN A 14 18.20 -7.32 19.10
CA ASN A 14 18.42 -7.01 17.68
C ASN A 14 18.92 -5.58 17.52
N ILE A 15 18.22 -4.65 18.14
CA ILE A 15 18.61 -3.24 18.11
C ILE A 15 18.92 -2.75 19.51
N GLN A 16 20.15 -3.01 19.95
CA GLN A 16 20.55 -2.67 21.31
C GLN A 16 21.30 -1.34 21.36
N TRP A 17 21.57 -0.79 20.19
CA TRP A 17 22.26 0.50 20.10
C TRP A 17 21.26 1.63 20.26
N SER A 18 21.76 2.83 20.53
CA SER A 18 20.92 4.00 20.73
C SER A 18 20.21 4.41 19.44
N ILE A 19 19.06 3.78 19.19
CA ILE A 19 18.27 4.06 18.01
C ILE A 19 17.71 5.48 18.03
N ASP A 20 17.26 5.94 16.88
CA ASP A 20 16.69 7.28 16.75
C ASP A 20 15.28 7.31 17.33
N PRO A 21 15.00 8.30 18.19
CA PRO A 21 13.67 8.50 18.77
C PRO A 21 12.58 8.66 17.72
N GLY A 22 12.91 9.25 16.57
CA GLY A 22 11.93 9.41 15.52
C GLY A 22 12.19 10.59 14.60
N ALA A 23 13.46 10.92 14.39
CA ALA A 23 13.82 11.99 13.46
C ALA A 23 13.71 11.49 12.03
N ASP A 24 13.60 10.18 11.88
CA ASP A 24 13.41 9.57 10.57
C ASP A 24 12.34 8.48 10.65
N LEU A 25 11.37 8.54 9.76
CA LEU A 25 10.27 7.58 9.76
C LEU A 25 10.60 6.37 8.90
N SER A 26 11.67 5.68 9.24
CA SER A 26 12.08 4.48 8.51
C SER A 26 11.21 3.29 8.90
N GLN A 27 10.98 3.17 10.20
CA GLN A 27 10.18 2.08 10.76
C GLN A 27 8.70 2.30 10.46
N TYR A 28 8.30 3.57 10.45
CA TYR A 28 6.92 3.94 10.22
C TYR A 28 6.58 3.93 8.73
N LYS A 29 7.58 3.68 7.90
CA LYS A 29 7.39 3.71 6.45
C LYS A 29 6.78 2.42 5.95
N MET A 30 5.98 2.55 4.91
CA MET A 30 5.38 1.40 4.25
C MET A 30 5.46 1.61 2.74
N ASP A 31 6.04 0.64 2.05
CA ASP A 31 6.25 0.79 0.61
C ASP A 31 5.18 0.05 -0.17
N VAL A 32 4.80 0.61 -1.30
CA VAL A 32 3.72 0.07 -2.11
C VAL A 32 4.25 -0.92 -3.17
N THR A 33 4.01 -2.20 -2.93
CA THR A 33 4.37 -3.22 -3.90
C THR A 33 3.22 -3.42 -4.88
N VAL A 34 3.40 -2.99 -6.11
CA VAL A 34 2.34 -3.02 -7.10
C VAL A 34 2.25 -4.39 -7.77
N ILE A 35 1.12 -5.05 -7.62
CA ILE A 35 0.90 -6.34 -8.25
C ILE A 35 0.32 -6.18 -9.63
N ASP A 36 0.97 -6.78 -10.62
CA ASP A 36 0.51 -6.71 -11.99
C ASP A 36 -0.41 -7.89 -12.30
N THR A 37 -1.64 -7.56 -12.65
CA THR A 37 -2.65 -8.56 -12.96
C THR A 37 -2.48 -9.08 -14.39
N LYS A 38 -1.46 -9.89 -14.59
CA LYS A 38 -1.16 -10.44 -15.90
C LYS A 38 -2.13 -11.56 -16.25
N ASP A 39 -2.05 -12.66 -15.51
CA ASP A 39 -2.91 -13.81 -15.74
C ASP A 39 -4.24 -13.62 -15.04
N GLY A 40 -5.06 -12.74 -15.60
CA GLY A 40 -6.33 -12.42 -14.99
C GLY A 40 -6.15 -11.68 -13.69
N SER A 41 -6.26 -12.39 -12.58
CA SER A 41 -6.05 -11.81 -11.26
C SER A 41 -4.67 -12.18 -10.73
N GLN A 42 -4.22 -13.40 -11.06
CA GLN A 42 -2.94 -13.91 -10.59
C GLN A 42 -2.64 -15.27 -11.23
N SER A 43 -1.38 -15.48 -11.57
CA SER A 43 -0.96 -16.76 -12.14
C SER A 43 -1.09 -17.88 -11.12
N LYS A 44 -0.97 -17.51 -9.84
CA LYS A 44 -1.06 -18.47 -8.75
C LYS A 44 -2.48 -18.55 -8.21
N LEU A 45 -3.42 -17.98 -8.96
CA LEU A 45 -4.83 -18.01 -8.57
C LEU A 45 -5.49 -19.29 -9.05
N GLY A 46 -5.03 -19.79 -10.19
CA GLY A 46 -5.58 -21.02 -10.74
C GLY A 46 -6.80 -20.77 -11.60
N GLY A 47 -7.91 -20.45 -10.95
CA GLY A 47 -9.14 -20.18 -11.67
C GLY A 47 -10.01 -21.42 -11.78
N GLY A 48 -9.73 -22.42 -10.95
CA GLY A 48 -10.51 -23.63 -10.96
C GLY A 48 -9.70 -24.83 -11.40
N GLY A 49 -10.38 -25.84 -11.90
CA GLY A 49 -9.72 -27.04 -12.37
C GLY A 49 -10.60 -27.83 -13.32
N SER A 50 -11.76 -28.24 -12.84
CA SER A 50 -12.73 -28.94 -13.66
C SER A 50 -13.88 -28.01 -14.03
N GLY A 51 -13.75 -27.35 -15.16
CA GLY A 51 -14.78 -26.43 -15.61
C GLY A 51 -15.41 -26.89 -16.90
N GLY A 52 -15.17 -26.15 -17.96
CA GLY A 52 -15.72 -26.48 -19.26
C GLY A 52 -15.32 -25.48 -20.31
N HIS A 53 -15.80 -24.26 -20.16
CA HIS A 53 -15.45 -23.17 -21.06
C HIS A 53 -14.61 -22.14 -20.32
N MET A 54 -13.55 -21.66 -20.97
CA MET A 54 -12.69 -20.66 -20.38
C MET A 54 -13.31 -19.27 -20.48
N GLY A 55 -14.24 -19.00 -19.58
CA GLY A 55 -14.87 -17.70 -19.51
C GLY A 55 -14.94 -17.19 -18.08
N SER A 56 -13.82 -16.70 -17.58
CA SER A 56 -13.70 -16.26 -16.19
C SER A 56 -14.35 -14.89 -15.97
N GLY A 57 -15.63 -14.79 -16.29
CA GLY A 57 -16.36 -13.55 -16.09
C GLY A 57 -17.01 -13.47 -14.72
N GLY A 58 -16.55 -14.32 -13.82
CA GLY A 58 -17.06 -14.33 -12.47
C GLY A 58 -16.22 -15.24 -11.58
N LEU A 59 -15.59 -14.64 -10.58
CA LEU A 59 -14.69 -15.39 -9.71
C LEU A 59 -14.48 -14.66 -8.39
N SER A 60 -13.60 -15.18 -7.57
CA SER A 60 -13.29 -14.59 -6.28
C SER A 60 -12.12 -13.62 -6.37
N TRP A 61 -11.18 -13.94 -7.27
CA TRP A 61 -9.97 -13.14 -7.48
C TRP A 61 -9.23 -12.93 -6.16
N LYS A 62 -8.99 -11.66 -5.81
CA LYS A 62 -8.27 -11.32 -4.60
C LYS A 62 -9.24 -10.68 -3.59
N ARG A 63 -9.01 -10.94 -2.32
CA ARG A 63 -9.87 -10.38 -1.28
C ARG A 63 -9.23 -9.14 -0.68
N CYS A 64 -10.06 -8.12 -0.42
CA CYS A 64 -9.59 -6.85 0.07
C CYS A 64 -9.69 -6.75 1.59
N ALA A 65 -8.87 -5.89 2.17
CA ALA A 65 -8.90 -5.62 3.59
C ALA A 65 -9.49 -4.24 3.86
N GLY A 66 -9.80 -3.53 2.78
CA GLY A 66 -10.34 -2.19 2.91
C GLY A 66 -11.86 -2.15 2.84
N CYS A 67 -12.45 -2.83 1.87
CA CYS A 67 -13.90 -2.83 1.76
C CYS A 67 -14.47 -4.10 2.37
N GLY A 68 -13.87 -5.24 2.03
CA GLY A 68 -14.26 -6.49 2.65
C GLY A 68 -14.66 -7.56 1.66
N GLY A 69 -15.00 -7.13 0.46
CA GLY A 69 -15.39 -8.07 -0.57
C GLY A 69 -14.23 -8.45 -1.46
N LYS A 70 -14.52 -8.71 -2.73
CA LYS A 70 -13.50 -9.08 -3.68
C LYS A 70 -12.96 -7.85 -4.40
N ILE A 71 -11.68 -7.87 -4.70
CA ILE A 71 -11.06 -6.76 -5.43
C ILE A 71 -11.44 -6.86 -6.91
N ALA A 72 -12.28 -5.93 -7.33
CA ALA A 72 -12.70 -5.88 -8.73
C ALA A 72 -11.99 -4.75 -9.44
N ASP A 73 -10.93 -4.26 -8.80
CA ASP A 73 -10.09 -3.24 -9.40
C ASP A 73 -9.10 -3.91 -10.35
N ARG A 74 -8.32 -3.12 -11.06
CA ARG A 74 -7.36 -3.67 -12.01
C ARG A 74 -6.09 -4.10 -11.30
N PHE A 75 -5.38 -3.14 -10.75
CA PHE A 75 -4.13 -3.41 -10.08
C PHE A 75 -4.29 -3.43 -8.56
N LEU A 76 -3.88 -4.51 -7.93
CA LEU A 76 -3.88 -4.58 -6.48
C LEU A 76 -2.50 -4.17 -5.95
N LEU A 77 -2.49 -3.58 -4.78
CA LEU A 77 -1.26 -3.02 -4.24
C LEU A 77 -1.00 -3.51 -2.82
N TYR A 78 0.28 -3.70 -2.51
CA TYR A 78 0.72 -4.04 -1.17
C TYR A 78 1.03 -2.77 -0.42
N ALA A 79 0.52 -2.65 0.80
CA ALA A 79 0.81 -1.50 1.62
C ALA A 79 1.49 -1.92 2.91
N MET A 80 0.69 -2.30 3.88
CA MET A 80 1.21 -2.71 5.18
C MET A 80 1.59 -4.19 5.16
N ASP A 81 0.69 -5.02 4.64
CA ASP A 81 0.85 -6.47 4.70
C ASP A 81 -0.31 -7.17 3.99
N SER A 82 -1.38 -6.42 3.77
CA SER A 82 -2.59 -6.96 3.16
C SER A 82 -2.69 -6.55 1.70
N TYR A 83 -3.63 -7.12 0.98
CA TYR A 83 -3.88 -6.76 -0.41
C TYR A 83 -4.90 -5.64 -0.49
N TRP A 84 -4.59 -4.62 -1.26
CA TRP A 84 -5.50 -3.49 -1.43
C TRP A 84 -5.67 -3.17 -2.92
N HIS A 85 -6.55 -2.23 -3.21
CA HIS A 85 -6.73 -1.71 -4.56
C HIS A 85 -6.88 -0.20 -4.48
N SER A 86 -6.85 0.47 -5.62
CA SER A 86 -6.81 1.93 -5.69
C SER A 86 -7.83 2.62 -4.77
N ARG A 87 -9.02 2.04 -4.66
CA ARG A 87 -10.11 2.67 -3.92
C ARG A 87 -9.94 2.58 -2.40
N CYS A 88 -9.38 1.48 -1.91
CA CYS A 88 -9.23 1.30 -0.47
C CYS A 88 -7.85 1.68 0.02
N LEU A 89 -6.85 1.47 -0.83
CA LEU A 89 -5.49 1.84 -0.50
C LEU A 89 -5.32 3.34 -0.59
N LYS A 90 -5.88 4.04 0.38
CA LYS A 90 -5.83 5.48 0.45
C LYS A 90 -5.71 5.93 1.90
N CYS A 91 -5.62 7.23 2.07
CA CYS A 91 -5.61 7.84 3.38
C CYS A 91 -6.97 7.69 4.05
N SER A 92 -6.98 7.41 5.33
CA SER A 92 -8.22 7.36 6.09
C SER A 92 -8.66 8.78 6.47
N SER A 93 -7.76 9.73 6.27
CA SER A 93 -8.02 11.11 6.67
C SER A 93 -8.50 11.96 5.48
N CYS A 94 -7.74 11.96 4.39
CA CYS A 94 -8.11 12.77 3.24
C CYS A 94 -8.54 11.89 2.06
N GLN A 95 -8.26 10.60 2.17
CA GLN A 95 -8.67 9.61 1.19
C GLN A 95 -8.10 9.88 -0.20
N ALA A 96 -6.91 10.47 -0.24
CA ALA A 96 -6.20 10.67 -1.50
C ALA A 96 -5.77 9.32 -2.07
N GLN A 97 -5.73 9.22 -3.39
CA GLN A 97 -5.39 7.97 -4.06
C GLN A 97 -3.95 7.53 -3.74
N LEU A 98 -3.79 6.79 -2.65
CA LEU A 98 -2.48 6.34 -2.21
C LEU A 98 -1.93 5.26 -3.13
N GLY A 99 -2.83 4.59 -3.84
CA GLY A 99 -2.43 3.55 -4.75
C GLY A 99 -2.17 4.07 -6.15
N ASP A 100 -2.33 5.37 -6.33
CA ASP A 100 -2.10 5.98 -7.64
C ASP A 100 -0.76 6.69 -7.68
N ILE A 101 0.05 6.41 -6.69
CA ILE A 101 1.39 6.98 -6.62
C ILE A 101 2.36 5.95 -6.09
N GLY A 102 3.55 5.90 -6.67
CA GLY A 102 4.56 4.97 -6.21
C GLY A 102 5.36 5.51 -5.04
N THR A 103 4.73 6.36 -4.25
CA THR A 103 5.38 6.95 -3.09
C THR A 103 4.95 6.23 -1.81
N SER A 104 5.92 5.84 -1.01
CA SER A 104 5.66 5.13 0.22
C SER A 104 4.92 6.01 1.24
N SER A 105 3.93 5.43 1.89
CA SER A 105 3.18 6.13 2.91
C SER A 105 3.73 5.77 4.30
N TYR A 106 3.10 6.28 5.35
CA TYR A 106 3.55 6.02 6.70
C TYR A 106 2.39 5.54 7.57
N THR A 107 2.73 4.94 8.69
CA THR A 107 1.74 4.49 9.64
C THR A 107 2.28 4.55 11.06
N LYS A 108 1.42 4.28 12.03
CA LYS A 108 1.80 4.29 13.42
C LYS A 108 0.82 3.44 14.22
N SER A 109 -0.41 3.90 14.29
CA SER A 109 -1.46 3.20 15.02
C SER A 109 -2.23 2.25 14.10
N GLY A 110 -1.50 1.59 13.19
CA GLY A 110 -2.12 0.63 12.29
C GLY A 110 -3.12 1.27 11.34
N MET A 111 -2.90 2.53 11.02
CA MET A 111 -3.83 3.29 10.19
C MET A 111 -3.16 3.71 8.88
N ILE A 112 -3.87 3.55 7.77
CA ILE A 112 -3.37 3.98 6.47
C ILE A 112 -3.54 5.49 6.32
N LEU A 113 -2.44 6.21 6.35
CA LEU A 113 -2.46 7.66 6.25
C LEU A 113 -1.45 8.12 5.21
N CYS A 114 -1.72 9.25 4.56
CA CYS A 114 -0.77 9.81 3.61
C CYS A 114 0.42 10.41 4.35
N ARG A 115 1.49 10.66 3.62
CA ARG A 115 2.71 11.21 4.18
C ARG A 115 2.44 12.55 4.85
N ASN A 116 1.56 13.33 4.24
CA ASN A 116 1.24 14.66 4.73
C ASN A 116 0.40 14.59 6.00
N ASP A 117 -0.60 13.70 6.00
CA ASP A 117 -1.56 13.62 7.10
C ASP A 117 -0.93 12.99 8.33
N TYR A 118 -0.08 11.99 8.12
CA TYR A 118 0.54 11.27 9.23
C TYR A 118 1.31 12.24 10.13
N ILE A 119 2.11 13.10 9.53
CA ILE A 119 2.93 14.03 10.28
C ILE A 119 2.06 15.10 10.95
N ARG A 120 0.93 15.40 10.32
CA ARG A 120 -0.01 16.38 10.86
C ARG A 120 -0.78 15.80 12.05
N LEU A 121 -1.03 14.50 12.00
CA LEU A 121 -1.81 13.83 13.02
C LEU A 121 -0.94 13.32 14.16
N PHE A 122 0.13 12.60 13.81
CA PHE A 122 0.98 11.99 14.81
C PHE A 122 2.37 12.61 14.79
N GLY A 123 3.28 11.98 14.07
CA GLY A 123 4.65 12.42 14.05
C GLY A 123 5.57 11.39 14.67
ZN ZN B . -11.36 -2.65 -1.02
ZN ZN C . -4.20 12.23 3.94
N SER A 3 18.24 -12.25 -1.49
CA SER A 3 19.13 -11.16 -1.05
C SER A 3 19.11 -11.04 0.48
N LEU A 4 19.76 -11.99 1.14
CA LEU A 4 19.76 -12.07 2.58
C LEU A 4 20.57 -10.93 3.20
N GLN A 5 20.22 -10.55 4.42
CA GLN A 5 20.96 -9.53 5.14
C GLN A 5 21.58 -10.13 6.38
N ASN A 6 22.90 -10.28 6.36
CA ASN A 6 23.62 -10.83 7.51
C ASN A 6 23.80 -9.76 8.58
N ASN A 7 23.04 -9.89 9.65
CA ASN A 7 23.13 -8.96 10.76
C ASN A 7 23.44 -9.71 12.04
N GLN A 8 24.58 -9.40 12.63
CA GLN A 8 25.01 -10.08 13.85
C GLN A 8 24.90 -9.15 15.05
N ASP A 9 25.86 -9.26 15.97
CA ASP A 9 25.87 -8.43 17.17
C ASP A 9 26.40 -7.03 16.86
N VAL A 10 25.58 -6.26 16.18
CA VAL A 10 25.95 -4.91 15.77
C VAL A 10 25.91 -3.95 16.97
N SER A 11 27.08 -3.63 17.49
CA SER A 11 27.18 -2.65 18.56
C SER A 11 26.87 -1.26 18.03
N PHE A 12 25.75 -0.70 18.44
CA PHE A 12 25.28 0.58 17.91
C PHE A 12 25.15 1.62 19.01
N GLU A 13 25.27 1.17 20.26
CA GLU A 13 25.12 2.05 21.41
C GLU A 13 26.19 3.14 21.43
N ASN A 14 27.32 2.87 20.80
CA ASN A 14 28.41 3.85 20.74
C ASN A 14 28.19 4.82 19.57
N ILE A 15 27.34 4.43 18.64
CA ILE A 15 27.09 5.25 17.46
C ILE A 15 25.75 5.96 17.57
N GLN A 16 25.59 6.74 18.64
CA GLN A 16 24.39 7.52 18.83
C GLN A 16 24.51 8.84 18.08
N TRP A 17 24.17 8.82 16.81
CA TRP A 17 24.28 9.99 15.96
C TRP A 17 23.27 11.06 16.37
N SER A 18 23.77 12.25 16.70
CA SER A 18 22.93 13.38 17.04
C SER A 18 22.36 14.02 15.77
N ILE A 19 21.66 13.22 14.98
CA ILE A 19 21.11 13.70 13.72
C ILE A 19 19.67 14.18 13.90
N ASP A 20 18.92 14.21 12.82
CA ASP A 20 17.53 14.66 12.86
C ASP A 20 16.58 13.49 13.00
N PRO A 21 15.91 13.38 14.16
CA PRO A 21 14.98 12.28 14.45
C PRO A 21 13.67 12.39 13.66
N GLY A 22 13.50 13.50 12.95
CA GLY A 22 12.31 13.69 12.17
C GLY A 22 12.58 13.67 10.68
N ALA A 23 13.85 13.49 10.32
CA ALA A 23 14.25 13.44 8.92
C ALA A 23 13.91 12.10 8.30
N ASP A 24 14.10 11.03 9.07
CA ASP A 24 13.83 9.69 8.57
C ASP A 24 12.42 9.26 8.92
N LEU A 25 11.62 9.00 7.90
CA LEU A 25 10.28 8.47 8.08
C LEU A 25 10.19 7.09 7.43
N SER A 26 11.36 6.52 7.16
CA SER A 26 11.46 5.26 6.43
C SER A 26 11.04 4.07 7.31
N GLN A 27 11.10 4.23 8.62
CA GLN A 27 10.70 3.16 9.53
C GLN A 27 9.18 3.14 9.69
N TYR A 28 8.55 4.26 9.33
CA TYR A 28 7.09 4.37 9.38
C TYR A 28 6.49 3.93 8.05
N LYS A 29 7.36 3.66 7.10
CA LYS A 29 6.92 3.28 5.76
C LYS A 29 6.59 1.80 5.70
N MET A 30 5.74 1.45 4.76
CA MET A 30 5.39 0.07 4.50
C MET A 30 5.82 -0.31 3.09
N ASP A 31 6.20 -1.56 2.89
CA ASP A 31 6.62 -2.01 1.56
C ASP A 31 5.41 -2.23 0.68
N VAL A 32 5.27 -1.38 -0.32
CA VAL A 32 4.18 -1.48 -1.26
C VAL A 32 4.55 -2.42 -2.40
N THR A 33 4.14 -3.67 -2.28
CA THR A 33 4.40 -4.64 -3.33
C THR A 33 3.29 -4.60 -4.37
N VAL A 34 3.59 -3.99 -5.51
CA VAL A 34 2.62 -3.87 -6.59
C VAL A 34 2.73 -5.08 -7.51
N ILE A 35 1.67 -5.86 -7.56
CA ILE A 35 1.67 -7.09 -8.34
C ILE A 35 1.06 -6.87 -9.72
N ASP A 36 1.77 -7.27 -10.76
CA ASP A 36 1.26 -7.19 -12.12
C ASP A 36 0.17 -8.23 -12.32
N THR A 37 -1.08 -7.79 -12.26
CA THR A 37 -2.21 -8.68 -12.40
C THR A 37 -2.48 -9.03 -13.86
N LYS A 38 -1.58 -9.82 -14.43
CA LYS A 38 -1.75 -10.33 -15.78
C LYS A 38 -2.70 -11.53 -15.77
N ASP A 39 -2.98 -12.03 -14.57
CA ASP A 39 -3.89 -13.13 -14.40
C ASP A 39 -5.32 -12.66 -14.56
N GLY A 40 -5.87 -12.93 -15.73
CA GLY A 40 -7.18 -12.44 -16.08
C GLY A 40 -7.19 -11.77 -17.42
N SER A 41 -6.06 -11.18 -17.76
CA SER A 41 -5.87 -10.55 -19.07
C SER A 41 -5.54 -11.61 -20.11
N GLN A 42 -5.04 -12.75 -19.65
CA GLN A 42 -4.76 -13.88 -20.53
C GLN A 42 -6.07 -14.51 -21.00
N SER A 43 -6.42 -14.23 -22.25
CA SER A 43 -7.68 -14.71 -22.83
C SER A 43 -7.70 -16.22 -22.98
N LYS A 44 -6.52 -16.83 -22.94
CA LYS A 44 -6.41 -18.28 -23.03
C LYS A 44 -6.68 -18.92 -21.67
N LEU A 45 -6.52 -18.14 -20.61
CA LEU A 45 -6.73 -18.63 -19.26
C LEU A 45 -8.21 -18.54 -18.90
N GLY A 46 -8.82 -17.41 -19.20
CA GLY A 46 -10.21 -17.19 -18.85
C GLY A 46 -11.14 -17.39 -20.03
N GLY A 47 -10.61 -17.97 -21.10
CA GLY A 47 -11.40 -18.18 -22.30
C GLY A 47 -11.37 -19.62 -22.77
N GLY A 48 -11.14 -20.54 -21.84
CA GLY A 48 -11.08 -21.94 -22.19
C GLY A 48 -12.46 -22.55 -22.32
N GLY A 49 -13.19 -22.60 -21.22
CA GLY A 49 -14.52 -23.17 -21.24
C GLY A 49 -15.56 -22.20 -20.71
N SER A 50 -15.29 -20.92 -20.87
CA SER A 50 -16.20 -19.88 -20.41
C SER A 50 -17.44 -19.80 -21.32
N GLY A 51 -17.19 -19.57 -22.59
CA GLY A 51 -18.28 -19.45 -23.55
C GLY A 51 -18.30 -18.10 -24.21
N GLY A 52 -19.26 -17.89 -25.10
CA GLY A 52 -19.38 -16.62 -25.78
C GLY A 52 -20.36 -15.71 -25.09
N HIS A 53 -20.06 -15.33 -23.86
CA HIS A 53 -20.96 -14.50 -23.08
C HIS A 53 -20.23 -13.29 -22.54
N MET A 54 -20.95 -12.19 -22.37
CA MET A 54 -20.39 -10.98 -21.79
C MET A 54 -20.81 -10.86 -20.34
N GLY A 55 -20.37 -11.80 -19.52
CA GLY A 55 -20.75 -11.80 -18.13
C GLY A 55 -19.56 -11.81 -17.19
N SER A 56 -19.37 -10.71 -16.47
CA SER A 56 -18.30 -10.62 -15.51
C SER A 56 -18.71 -11.29 -14.19
N GLY A 57 -17.94 -12.29 -13.78
CA GLY A 57 -18.25 -13.01 -12.58
C GLY A 57 -17.69 -14.41 -12.60
N GLY A 58 -17.99 -15.19 -11.57
CA GLY A 58 -17.49 -16.55 -11.48
C GLY A 58 -16.09 -16.60 -10.90
N LEU A 59 -15.28 -15.62 -11.25
CA LEU A 59 -13.93 -15.53 -10.73
C LEU A 59 -13.92 -14.80 -9.39
N SER A 60 -13.01 -15.21 -8.51
CA SER A 60 -12.92 -14.63 -7.19
C SER A 60 -11.83 -13.56 -7.12
N TRP A 61 -10.89 -13.63 -8.05
CA TRP A 61 -9.76 -12.71 -8.10
C TRP A 61 -9.03 -12.69 -6.76
N LYS A 62 -9.10 -11.57 -6.06
CA LYS A 62 -8.51 -11.45 -4.74
C LYS A 62 -9.40 -10.62 -3.84
N ARG A 63 -9.61 -11.08 -2.63
CA ARG A 63 -10.46 -10.38 -1.68
C ARG A 63 -9.67 -9.27 -0.99
N CYS A 64 -10.22 -8.06 -0.98
CA CYS A 64 -9.53 -6.91 -0.46
C CYS A 64 -10.01 -6.53 0.94
N ALA A 65 -9.14 -5.88 1.69
CA ALA A 65 -9.39 -5.60 3.10
C ALA A 65 -10.34 -4.41 3.32
N GLY A 66 -10.10 -3.32 2.59
CA GLY A 66 -10.85 -2.09 2.84
C GLY A 66 -12.34 -2.22 2.58
N CYS A 67 -12.70 -2.49 1.32
CA CYS A 67 -14.11 -2.70 0.97
C CYS A 67 -14.65 -3.93 1.68
N GLY A 68 -13.85 -4.98 1.70
CA GLY A 68 -14.29 -6.23 2.28
C GLY A 68 -14.91 -7.12 1.23
N GLY A 69 -14.54 -6.89 -0.02
CA GLY A 69 -15.07 -7.67 -1.11
C GLY A 69 -13.96 -8.24 -1.97
N LYS A 70 -14.15 -8.21 -3.28
CA LYS A 70 -13.14 -8.70 -4.20
C LYS A 70 -12.64 -7.56 -5.07
N ILE A 71 -11.33 -7.52 -5.31
CA ILE A 71 -10.73 -6.48 -6.12
C ILE A 71 -11.21 -6.59 -7.57
N ALA A 72 -12.05 -5.66 -7.97
CA ALA A 72 -12.54 -5.60 -9.33
C ALA A 72 -11.78 -4.54 -10.12
N ASP A 73 -10.65 -4.13 -9.57
CA ASP A 73 -9.80 -3.16 -10.24
C ASP A 73 -8.70 -3.89 -11.00
N ARG A 74 -7.74 -3.15 -11.53
CA ARG A 74 -6.67 -3.74 -12.31
C ARG A 74 -5.50 -4.16 -11.43
N PHE A 75 -4.77 -3.19 -10.90
CA PHE A 75 -3.54 -3.46 -10.18
C PHE A 75 -3.76 -3.42 -8.68
N LEU A 76 -3.38 -4.51 -8.01
CA LEU A 76 -3.47 -4.57 -6.56
C LEU A 76 -2.10 -4.32 -5.93
N LEU A 77 -2.11 -3.75 -4.74
CA LEU A 77 -0.88 -3.41 -4.04
C LEU A 77 -0.87 -4.01 -2.65
N TYR A 78 0.31 -4.34 -2.16
CA TYR A 78 0.48 -4.87 -0.82
C TYR A 78 0.74 -3.74 0.16
N ALA A 79 0.13 -3.83 1.33
CA ALA A 79 0.37 -2.88 2.40
C ALA A 79 0.12 -3.52 3.74
N MET A 80 1.15 -3.52 4.58
CA MET A 80 1.08 -4.04 5.95
C MET A 80 1.02 -5.56 5.95
N ASP A 81 -0.05 -6.12 5.41
CA ASP A 81 -0.29 -7.55 5.48
C ASP A 81 -1.37 -8.00 4.48
N SER A 82 -2.17 -7.06 4.01
CA SER A 82 -3.33 -7.41 3.20
C SER A 82 -3.17 -6.96 1.74
N TYR A 83 -4.09 -7.41 0.90
CA TYR A 83 -4.12 -7.00 -0.49
C TYR A 83 -5.08 -5.83 -0.66
N TRP A 84 -4.61 -4.76 -1.27
CA TRP A 84 -5.46 -3.61 -1.52
C TRP A 84 -5.37 -3.19 -2.98
N HIS A 85 -6.24 -2.26 -3.36
CA HIS A 85 -6.22 -1.65 -4.69
C HIS A 85 -6.30 -0.14 -4.51
N SER A 86 -6.45 0.59 -5.62
CA SER A 86 -6.42 2.04 -5.61
C SER A 86 -7.42 2.65 -4.61
N ARG A 87 -8.65 2.15 -4.58
CA ARG A 87 -9.68 2.72 -3.72
C ARG A 87 -9.70 2.07 -2.33
N CYS A 88 -8.91 1.02 -2.14
CA CYS A 88 -8.82 0.38 -0.83
C CYS A 88 -7.69 1.01 -0.03
N LEU A 89 -6.50 0.97 -0.60
CA LEU A 89 -5.34 1.55 0.03
C LEU A 89 -5.39 3.06 -0.10
N LYS A 90 -5.94 3.72 0.91
CA LYS A 90 -5.99 5.17 0.93
C LYS A 90 -5.83 5.67 2.35
N CYS A 91 -5.59 6.96 2.47
CA CYS A 91 -5.47 7.61 3.76
C CYS A 91 -6.81 7.60 4.47
N SER A 92 -6.81 7.13 5.71
CA SER A 92 -8.04 7.04 6.48
C SER A 92 -8.42 8.41 7.06
N SER A 93 -7.62 9.42 6.76
CA SER A 93 -7.86 10.75 7.29
C SER A 93 -8.49 11.66 6.24
N CYS A 94 -7.89 11.75 5.05
CA CYS A 94 -8.41 12.66 4.03
C CYS A 94 -9.02 11.87 2.86
N GLN A 95 -8.85 10.55 2.90
CA GLN A 95 -9.44 9.65 1.90
C GLN A 95 -8.71 9.73 0.57
N ALA A 96 -7.52 10.32 0.59
CA ALA A 96 -6.69 10.38 -0.61
C ALA A 96 -6.28 8.97 -1.02
N GLN A 97 -6.61 8.60 -2.25
CA GLN A 97 -6.28 7.27 -2.76
C GLN A 97 -4.77 7.09 -2.80
N LEU A 98 -4.29 6.08 -2.08
CA LEU A 98 -2.86 5.87 -1.93
C LEU A 98 -2.34 4.90 -3.00
N GLY A 99 -3.15 4.66 -4.01
CA GLY A 99 -2.72 3.84 -5.12
C GLY A 99 -1.98 4.65 -6.17
N ASP A 100 -2.57 5.76 -6.57
CA ASP A 100 -2.01 6.60 -7.63
C ASP A 100 -1.30 7.81 -7.04
N ILE A 101 -0.16 7.57 -6.41
CA ILE A 101 0.59 8.67 -5.78
C ILE A 101 2.03 8.72 -6.29
N GLY A 102 2.95 8.24 -5.46
CA GLY A 102 4.36 8.30 -5.79
C GLY A 102 5.20 8.20 -4.53
N THR A 103 4.88 9.05 -3.56
CA THR A 103 5.48 8.96 -2.24
C THR A 103 4.73 7.93 -1.41
N SER A 104 5.46 7.04 -0.75
CA SER A 104 4.85 5.94 -0.01
C SER A 104 4.06 6.43 1.20
N SER A 105 3.08 5.64 1.60
CA SER A 105 2.27 5.94 2.78
C SER A 105 3.03 5.57 4.05
N TYR A 106 2.61 6.14 5.17
CA TYR A 106 3.25 5.86 6.45
C TYR A 106 2.20 5.42 7.46
N THR A 107 2.65 4.75 8.51
CA THR A 107 1.75 4.31 9.57
C THR A 107 2.45 4.37 10.93
N LYS A 108 1.63 4.44 11.97
CA LYS A 108 2.13 4.54 13.34
C LYS A 108 1.01 4.21 14.32
N SER A 109 -0.18 4.73 14.03
CA SER A 109 -1.35 4.49 14.87
C SER A 109 -2.15 3.28 14.37
N GLY A 110 -1.51 2.45 13.57
CA GLY A 110 -2.19 1.29 13.01
C GLY A 110 -3.21 1.69 11.96
N MET A 111 -3.02 2.86 11.37
CA MET A 111 -3.90 3.35 10.31
C MET A 111 -3.07 3.82 9.13
N ILE A 112 -3.61 3.67 7.93
CA ILE A 112 -2.92 4.13 6.73
C ILE A 112 -3.15 5.61 6.52
N LEU A 113 -2.09 6.38 6.65
CA LEU A 113 -2.18 7.82 6.56
C LEU A 113 -1.26 8.34 5.45
N CYS A 114 -1.70 9.38 4.75
CA CYS A 114 -0.89 9.95 3.69
C CYS A 114 0.27 10.74 4.26
N ARG A 115 1.24 11.03 3.40
CA ARG A 115 2.42 11.82 3.75
C ARG A 115 2.04 13.12 4.44
N ASN A 116 1.04 13.82 3.90
CA ASN A 116 0.66 15.12 4.41
C ASN A 116 -0.08 15.00 5.75
N ASP A 117 -0.84 13.92 5.91
CA ASP A 117 -1.66 13.74 7.09
C ASP A 117 -0.86 13.24 8.27
N TYR A 118 -0.04 12.22 8.06
CA TYR A 118 0.71 11.61 9.14
C TYR A 118 1.62 12.62 9.83
N ILE A 119 2.42 13.33 9.05
CA ILE A 119 3.38 14.29 9.60
C ILE A 119 2.67 15.41 10.35
N ARG A 120 1.50 15.79 9.86
CA ARG A 120 0.72 16.85 10.47
C ARG A 120 0.07 16.38 11.77
N LEU A 121 -0.52 15.19 11.72
CA LEU A 121 -1.24 14.65 12.87
C LEU A 121 -0.29 14.15 13.95
N PHE A 122 0.66 13.30 13.56
CA PHE A 122 1.55 12.66 14.52
C PHE A 122 2.98 13.11 14.32
N GLY A 123 3.77 12.28 13.65
CA GLY A 123 5.19 12.55 13.48
C GLY A 123 6.01 11.41 14.03
ZN ZN B . -11.22 -2.90 -1.74
ZN ZN C . -4.46 12.15 4.13
N SER A 3 10.61 -8.73 20.83
CA SER A 3 11.70 -9.41 20.11
C SER A 3 11.36 -10.88 19.84
N LEU A 4 12.33 -11.65 19.35
CA LEU A 4 12.08 -13.01 18.90
C LEU A 4 12.48 -14.06 19.93
N GLN A 5 13.55 -13.79 20.68
CA GLN A 5 14.10 -14.76 21.62
C GLN A 5 13.29 -14.81 22.93
N ASN A 6 12.18 -15.52 22.87
CA ASN A 6 11.24 -15.64 23.99
C ASN A 6 11.88 -16.33 25.19
N ASN A 7 12.59 -17.41 24.93
CA ASN A 7 13.21 -18.20 26.01
C ASN A 7 14.53 -17.57 26.46
N GLN A 8 14.87 -16.43 25.85
CA GLN A 8 16.11 -15.75 26.17
C GLN A 8 15.89 -14.24 26.18
N ASP A 9 14.73 -13.84 26.71
CA ASP A 9 14.35 -12.43 26.74
C ASP A 9 15.36 -11.61 27.53
N VAL A 10 15.95 -10.63 26.86
CA VAL A 10 16.98 -9.80 27.47
C VAL A 10 16.44 -8.44 27.87
N SER A 11 17.14 -7.76 28.76
CA SER A 11 16.71 -6.47 29.27
C SER A 11 16.89 -5.37 28.23
N PHE A 12 15.85 -5.12 27.45
CA PHE A 12 15.86 -4.05 26.45
C PHE A 12 15.70 -2.71 27.14
N GLU A 13 15.10 -2.75 28.33
CA GLU A 13 14.91 -1.57 29.17
C GLU A 13 16.25 -1.01 29.64
N ASN A 14 17.28 -1.85 29.56
CA ASN A 14 18.63 -1.42 29.90
C ASN A 14 19.18 -0.51 28.82
N ILE A 15 18.66 -0.67 27.61
CA ILE A 15 19.09 0.13 26.47
C ILE A 15 18.05 1.22 26.17
N GLN A 16 17.64 1.92 27.21
CA GLN A 16 16.65 2.97 27.08
C GLN A 16 17.32 4.33 27.06
N TRP A 17 18.28 4.48 26.18
CA TRP A 17 19.02 5.73 26.05
C TRP A 17 18.32 6.66 25.06
N SER A 18 18.83 7.87 24.91
CA SER A 18 18.21 8.85 24.03
C SER A 18 18.55 8.57 22.57
N ILE A 19 17.78 7.66 21.97
CA ILE A 19 17.95 7.32 20.57
C ILE A 19 17.44 8.43 19.67
N ASP A 20 17.58 8.25 18.35
CA ASP A 20 17.10 9.23 17.37
C ASP A 20 15.61 9.50 17.59
N PRO A 21 15.27 10.76 17.96
CA PRO A 21 13.90 11.14 18.36
C PRO A 21 12.85 10.70 17.34
N GLY A 22 13.13 10.95 16.08
CA GLY A 22 12.21 10.57 15.02
C GLY A 22 12.76 10.90 13.66
N ALA A 23 14.01 10.54 13.43
CA ALA A 23 14.67 10.84 12.16
C ALA A 23 14.34 9.79 11.11
N ASP A 24 13.96 8.60 11.57
CA ASP A 24 13.64 7.51 10.66
C ASP A 24 12.13 7.33 10.53
N LEU A 25 11.63 7.57 9.34
CA LEU A 25 10.22 7.33 9.04
C LEU A 25 10.10 6.10 8.15
N SER A 26 11.24 5.48 7.87
CA SER A 26 11.29 4.28 7.04
C SER A 26 10.69 3.09 7.79
N GLN A 27 10.77 3.15 9.11
CA GLN A 27 10.14 2.13 9.95
C GLN A 27 8.63 2.25 9.90
N TYR A 28 8.15 3.45 9.59
CA TYR A 28 6.72 3.72 9.50
C TYR A 28 6.27 3.71 8.05
N LYS A 29 7.21 3.48 7.15
CA LYS A 29 6.94 3.53 5.72
C LYS A 29 6.17 2.30 5.27
N MET A 30 5.14 2.52 4.49
CA MET A 30 4.37 1.44 3.90
C MET A 30 4.76 1.30 2.45
N ASP A 31 5.83 0.55 2.20
CA ASP A 31 6.33 0.38 0.84
C ASP A 31 5.41 -0.53 0.04
N VAL A 32 4.86 0.02 -1.03
CA VAL A 32 3.86 -0.68 -1.82
C VAL A 32 4.49 -1.60 -2.85
N THR A 33 4.12 -2.86 -2.81
CA THR A 33 4.55 -3.83 -3.82
C THR A 33 3.45 -4.00 -4.85
N VAL A 34 3.80 -4.09 -6.12
CA VAL A 34 2.80 -4.21 -7.17
C VAL A 34 2.56 -5.68 -7.51
N ILE A 35 1.32 -6.03 -7.77
CA ILE A 35 0.97 -7.40 -8.14
C ILE A 35 0.63 -7.48 -9.62
N ASP A 36 1.34 -8.34 -10.33
CA ASP A 36 1.12 -8.53 -11.75
C ASP A 36 -0.05 -9.48 -12.00
N THR A 37 -1.03 -8.99 -12.75
CA THR A 37 -2.18 -9.80 -13.14
C THR A 37 -2.11 -10.14 -14.62
N LYS A 38 -2.04 -11.42 -14.93
CA LYS A 38 -1.88 -11.86 -16.31
C LYS A 38 -3.20 -12.27 -16.93
N ASP A 39 -4.06 -12.91 -16.15
CA ASP A 39 -5.31 -13.40 -16.67
C ASP A 39 -6.31 -12.25 -16.80
N GLY A 40 -7.53 -12.60 -17.14
CA GLY A 40 -8.52 -11.60 -17.42
C GLY A 40 -8.36 -11.01 -18.81
N SER A 41 -7.36 -10.15 -18.97
CA SER A 41 -7.13 -9.47 -20.24
C SER A 41 -6.38 -10.38 -21.23
N GLN A 42 -5.31 -11.01 -20.77
CA GLN A 42 -4.50 -11.85 -21.64
C GLN A 42 -5.04 -13.28 -21.70
N SER A 43 -6.33 -13.39 -21.96
CA SER A 43 -6.99 -14.69 -22.06
C SER A 43 -6.81 -15.25 -23.47
N LYS A 44 -6.42 -14.38 -24.39
CA LYS A 44 -6.23 -14.76 -25.79
C LYS A 44 -4.92 -15.51 -25.97
N LEU A 45 -4.02 -15.37 -25.01
CA LEU A 45 -2.70 -15.99 -25.10
C LEU A 45 -2.74 -17.41 -24.54
N GLY A 46 -2.95 -18.38 -25.42
CA GLY A 46 -2.97 -19.76 -25.01
C GLY A 46 -4.30 -20.42 -25.28
N GLY A 47 -4.83 -21.12 -24.29
CA GLY A 47 -6.12 -21.75 -24.43
C GLY A 47 -6.32 -22.87 -23.43
N GLY A 48 -5.81 -24.04 -23.75
CA GLY A 48 -5.96 -25.18 -22.88
C GLY A 48 -7.33 -25.84 -23.03
N GLY A 49 -7.76 -25.99 -24.27
CA GLY A 49 -9.05 -26.60 -24.55
C GLY A 49 -10.21 -25.80 -24.00
N SER A 50 -10.70 -26.21 -22.84
CA SER A 50 -11.81 -25.54 -22.18
C SER A 50 -11.30 -24.37 -21.33
N GLY A 51 -10.00 -24.38 -21.08
CA GLY A 51 -9.39 -23.33 -20.28
C GLY A 51 -8.29 -23.85 -19.39
N GLY A 52 -7.05 -23.63 -19.79
CA GLY A 52 -5.91 -24.04 -18.98
C GLY A 52 -5.89 -23.33 -17.65
N HIS A 53 -6.03 -22.01 -17.70
CA HIS A 53 -6.14 -21.21 -16.50
C HIS A 53 -7.46 -20.47 -16.51
N MET A 54 -8.22 -20.59 -15.43
CA MET A 54 -9.51 -19.95 -15.32
C MET A 54 -9.36 -18.45 -15.17
N GLY A 55 -9.79 -17.71 -16.19
CA GLY A 55 -9.74 -16.27 -16.11
C GLY A 55 -10.71 -15.73 -15.08
N SER A 56 -10.27 -14.75 -14.31
CA SER A 56 -11.09 -14.20 -13.24
C SER A 56 -12.18 -13.27 -13.78
N GLY A 57 -13.06 -13.81 -14.61
CA GLY A 57 -14.15 -13.03 -15.16
C GLY A 57 -15.31 -12.92 -14.20
N GLY A 58 -15.51 -11.73 -13.65
CA GLY A 58 -16.58 -11.50 -12.70
C GLY A 58 -16.46 -12.37 -11.45
N LEU A 59 -15.23 -12.70 -11.08
CA LEU A 59 -14.99 -13.60 -9.96
C LEU A 59 -14.71 -12.82 -8.68
N SER A 60 -14.06 -13.47 -7.73
CA SER A 60 -13.71 -12.85 -6.46
C SER A 60 -12.36 -12.18 -6.53
N TRP A 61 -11.54 -12.61 -7.49
CA TRP A 61 -10.20 -12.05 -7.71
C TRP A 61 -9.37 -12.12 -6.43
N LYS A 62 -9.10 -10.97 -5.84
CA LYS A 62 -8.38 -10.91 -4.59
C LYS A 62 -9.20 -10.17 -3.55
N ARG A 63 -9.45 -10.84 -2.44
CA ARG A 63 -10.22 -10.26 -1.34
C ARG A 63 -9.47 -9.07 -0.74
N CYS A 64 -10.15 -7.95 -0.64
CA CYS A 64 -9.53 -6.73 -0.15
C CYS A 64 -9.76 -6.59 1.35
N ALA A 65 -8.86 -5.86 2.02
CA ALA A 65 -8.84 -5.81 3.47
C ALA A 65 -9.73 -4.71 4.06
N GLY A 66 -9.66 -3.52 3.47
CA GLY A 66 -10.36 -2.37 4.02
C GLY A 66 -11.86 -2.50 3.92
N CYS A 67 -12.40 -2.43 2.70
CA CYS A 67 -13.82 -2.65 2.48
C CYS A 67 -14.21 -4.06 2.89
N GLY A 68 -13.42 -5.03 2.46
CA GLY A 68 -13.71 -6.41 2.75
C GLY A 68 -14.42 -7.06 1.60
N GLY A 69 -14.05 -6.66 0.40
CA GLY A 69 -14.68 -7.19 -0.79
C GLY A 69 -13.69 -7.79 -1.74
N LYS A 70 -13.60 -7.22 -2.93
CA LYS A 70 -12.71 -7.73 -3.96
C LYS A 70 -12.05 -6.59 -4.70
N ILE A 71 -10.76 -6.73 -4.96
CA ILE A 71 -10.01 -5.72 -5.69
C ILE A 71 -10.41 -5.71 -7.16
N ALA A 72 -11.12 -4.67 -7.56
CA ALA A 72 -11.54 -4.52 -8.94
C ALA A 72 -10.71 -3.47 -9.64
N ASP A 73 -9.53 -3.21 -9.08
CA ASP A 73 -8.61 -2.22 -9.65
C ASP A 73 -7.71 -2.86 -10.70
N ARG A 74 -7.98 -4.13 -11.01
CA ARG A 74 -7.17 -4.91 -11.96
C ARG A 74 -5.82 -5.28 -11.33
N PHE A 75 -5.02 -4.26 -11.04
CA PHE A 75 -3.75 -4.45 -10.34
C PHE A 75 -3.93 -4.08 -8.88
N LEU A 76 -3.54 -4.97 -7.99
CA LEU A 76 -3.72 -4.74 -6.56
C LEU A 76 -2.44 -4.20 -5.94
N LEU A 77 -2.60 -3.57 -4.78
CA LEU A 77 -1.50 -2.94 -4.09
C LEU A 77 -1.12 -3.72 -2.83
N TYR A 78 0.16 -3.92 -2.63
CA TYR A 78 0.68 -4.59 -1.45
C TYR A 78 1.21 -3.58 -0.45
N ALA A 79 0.45 -3.31 0.60
CA ALA A 79 0.89 -2.40 1.64
C ALA A 79 1.26 -3.18 2.91
N MET A 80 0.45 -3.02 3.95
CA MET A 80 0.72 -3.70 5.22
C MET A 80 0.30 -5.17 5.17
N ASP A 81 0.99 -5.95 4.32
CA ASP A 81 0.84 -7.41 4.26
C ASP A 81 -0.47 -7.85 3.59
N SER A 82 -1.42 -6.94 3.48
CA SER A 82 -2.73 -7.29 2.96
C SER A 82 -2.87 -6.85 1.50
N TYR A 83 -3.95 -7.28 0.86
CA TYR A 83 -4.23 -6.89 -0.52
C TYR A 83 -5.11 -5.64 -0.53
N TRP A 84 -4.72 -4.64 -1.31
CA TRP A 84 -5.47 -3.41 -1.40
C TRP A 84 -5.70 -2.99 -2.84
N HIS A 85 -6.57 -2.02 -3.04
CA HIS A 85 -6.82 -1.40 -4.34
C HIS A 85 -6.86 0.11 -4.14
N SER A 86 -7.28 0.86 -5.15
CA SER A 86 -7.25 2.32 -5.07
C SER A 86 -8.28 2.87 -4.08
N ARG A 87 -9.25 2.04 -3.73
CA ARG A 87 -10.29 2.46 -2.78
C ARG A 87 -10.00 1.91 -1.39
N CYS A 88 -9.00 1.05 -1.29
CA CYS A 88 -8.58 0.51 0.00
C CYS A 88 -7.34 1.25 0.49
N LEU A 89 -6.30 1.23 -0.33
CA LEU A 89 -5.07 1.93 -0.03
C LEU A 89 -5.25 3.42 -0.24
N LYS A 90 -5.90 4.06 0.71
CA LYS A 90 -6.14 5.49 0.66
C LYS A 90 -6.07 6.08 2.06
N CYS A 91 -5.89 7.39 2.13
CA CYS A 91 -5.87 8.09 3.40
C CYS A 91 -7.25 8.01 4.04
N SER A 92 -7.28 7.65 5.32
CA SER A 92 -8.54 7.60 6.06
C SER A 92 -9.10 9.00 6.29
N SER A 93 -8.28 10.00 5.97
CA SER A 93 -8.66 11.39 6.13
C SER A 93 -8.91 12.05 4.78
N CYS A 94 -7.99 11.85 3.83
CA CYS A 94 -8.10 12.45 2.51
C CYS A 94 -9.06 11.66 1.61
N GLN A 95 -9.04 10.34 1.78
CA GLN A 95 -9.79 9.43 0.92
C GLN A 95 -9.29 9.52 -0.51
N ALA A 96 -8.02 9.90 -0.65
CA ALA A 96 -7.38 10.01 -1.95
C ALA A 96 -6.59 8.75 -2.25
N GLN A 97 -6.39 8.47 -3.52
CA GLN A 97 -5.72 7.25 -3.95
C GLN A 97 -4.26 7.22 -3.49
N LEU A 98 -4.02 6.53 -2.38
CA LEU A 98 -2.70 6.48 -1.76
C LEU A 98 -1.78 5.52 -2.50
N GLY A 99 -2.36 4.61 -3.27
CA GLY A 99 -1.56 3.69 -4.04
C GLY A 99 -1.08 4.30 -5.34
N ASP A 100 -1.71 5.39 -5.75
CA ASP A 100 -1.40 6.03 -7.02
C ASP A 100 -0.50 7.25 -6.83
N ILE A 101 0.44 7.16 -5.90
CA ILE A 101 1.40 8.23 -5.68
C ILE A 101 2.79 7.67 -5.41
N GLY A 102 3.81 8.37 -5.91
CA GLY A 102 5.18 7.95 -5.74
C GLY A 102 5.60 7.93 -4.28
N THR A 103 5.13 8.90 -3.51
CA THR A 103 5.39 8.92 -2.08
C THR A 103 4.46 7.95 -1.37
N SER A 104 5.03 6.96 -0.72
CA SER A 104 4.26 5.91 -0.07
C SER A 104 3.58 6.43 1.20
N SER A 105 2.57 5.70 1.65
CA SER A 105 1.85 6.05 2.85
C SER A 105 2.63 5.65 4.09
N TYR A 106 2.19 6.12 5.25
CA TYR A 106 2.85 5.80 6.50
C TYR A 106 1.84 5.30 7.52
N THR A 107 2.32 4.55 8.49
CA THR A 107 1.46 4.04 9.54
C THR A 107 2.18 4.04 10.88
N LYS A 108 1.42 3.82 11.94
CA LYS A 108 1.96 3.81 13.29
C LYS A 108 0.94 3.20 14.25
N SER A 109 -0.22 3.83 14.31
CA SER A 109 -1.30 3.37 15.17
C SER A 109 -2.21 2.38 14.44
N GLY A 110 -1.69 1.77 13.37
CA GLY A 110 -2.46 0.80 12.61
C GLY A 110 -3.47 1.44 11.69
N MET A 111 -3.22 2.69 11.31
CA MET A 111 -4.13 3.43 10.46
C MET A 111 -3.46 3.76 9.13
N ILE A 112 -4.27 3.89 8.08
CA ILE A 112 -3.76 4.24 6.77
C ILE A 112 -3.93 5.74 6.54
N LEU A 113 -2.82 6.46 6.54
CA LEU A 113 -2.84 7.91 6.33
C LEU A 113 -1.80 8.28 5.28
N CYS A 114 -2.01 9.42 4.63
CA CYS A 114 -1.07 9.90 3.63
C CYS A 114 0.22 10.40 4.29
N ARG A 115 1.22 10.69 3.47
CA ARG A 115 2.50 11.19 3.97
C ARG A 115 2.32 12.53 4.68
N ASN A 116 1.27 13.26 4.31
CA ASN A 116 0.99 14.56 4.88
C ASN A 116 0.26 14.41 6.20
N ASP A 117 -0.78 13.57 6.19
CA ASP A 117 -1.64 13.40 7.35
C ASP A 117 -0.89 12.78 8.52
N TYR A 118 -0.08 11.77 8.23
CA TYR A 118 0.66 11.09 9.28
C TYR A 118 1.59 12.06 10.00
N ILE A 119 2.34 12.85 9.24
CA ILE A 119 3.30 13.77 9.82
C ILE A 119 2.58 14.91 10.54
N ARG A 120 1.47 15.35 9.96
CA ARG A 120 0.66 16.39 10.57
C ARG A 120 0.07 15.89 11.89
N LEU A 121 -0.39 14.64 11.90
CA LEU A 121 -1.00 14.05 13.09
C LEU A 121 0.07 13.66 14.11
N PHE A 122 0.93 12.73 13.73
CA PHE A 122 1.95 12.20 14.64
C PHE A 122 3.33 12.72 14.25
N GLY A 123 3.79 12.31 13.07
CA GLY A 123 5.12 12.69 12.62
C GLY A 123 6.18 11.81 13.25
ZN ZN B . -11.22 -2.56 -0.44
ZN ZN C . -4.37 12.56 4.14
N SER A 3 15.74 8.49 37.31
CA SER A 3 15.77 9.94 37.04
C SER A 3 14.90 10.26 35.82
N LEU A 4 15.12 11.44 35.24
CA LEU A 4 14.39 11.88 34.06
C LEU A 4 14.52 10.87 32.91
N GLN A 5 13.53 9.99 32.81
CA GLN A 5 13.50 8.95 31.79
C GLN A 5 12.24 8.12 31.96
N ASN A 6 12.14 7.47 33.12
CA ASN A 6 10.97 6.67 33.46
C ASN A 6 10.31 7.23 34.71
N ASN A 7 10.87 8.33 35.18
CA ASN A 7 10.34 9.03 36.34
C ASN A 7 10.47 10.54 36.11
N GLN A 8 9.34 11.24 36.20
CA GLN A 8 9.31 12.69 35.96
C GLN A 8 9.89 13.03 34.60
N ASP A 9 9.54 12.23 33.60
CA ASP A 9 10.05 12.39 32.25
C ASP A 9 9.38 13.58 31.55
N VAL A 10 10.09 14.69 31.54
CA VAL A 10 9.63 15.90 30.87
C VAL A 10 10.65 16.34 29.83
N SER A 11 10.36 17.44 29.14
CA SER A 11 11.29 17.98 28.17
C SER A 11 12.02 19.18 28.77
N PHE A 12 13.33 19.24 28.57
CA PHE A 12 14.15 20.29 29.16
C PHE A 12 15.18 20.80 28.16
N GLU A 13 15.39 22.11 28.16
CA GLU A 13 16.35 22.74 27.25
C GLU A 13 17.79 22.39 27.62
N ASN A 14 17.97 21.85 28.81
CA ASN A 14 19.30 21.49 29.29
C ASN A 14 19.75 20.15 28.70
N ILE A 15 18.80 19.40 28.16
CA ILE A 15 19.12 18.11 27.55
C ILE A 15 18.61 18.05 26.13
N GLN A 16 19.44 18.46 25.19
CA GLN A 16 19.07 18.48 23.78
C GLN A 16 19.79 17.39 23.03
N TRP A 17 19.73 16.18 23.56
CA TRP A 17 20.34 15.03 22.93
C TRP A 17 19.35 14.36 21.99
N SER A 18 19.54 13.08 21.73
CA SER A 18 18.61 12.33 20.90
C SER A 18 17.36 11.96 21.69
N ILE A 19 16.48 12.94 21.90
CA ILE A 19 15.27 12.71 22.67
C ILE A 19 14.15 12.22 21.77
N ASP A 20 14.41 12.25 20.47
CA ASP A 20 13.47 11.74 19.49
C ASP A 20 13.53 10.22 19.44
N PRO A 21 12.39 9.55 19.61
CA PRO A 21 12.32 8.07 19.60
C PRO A 21 12.50 7.50 18.19
N GLY A 22 12.63 8.39 17.23
CA GLY A 22 12.81 7.98 15.85
C GLY A 22 12.16 8.93 14.88
N ALA A 23 12.89 9.99 14.52
CA ALA A 23 12.36 11.00 13.61
C ALA A 23 12.31 10.47 12.18
N ASP A 24 13.25 9.59 11.86
CA ASP A 24 13.29 8.96 10.56
C ASP A 24 12.22 7.87 10.47
N LEU A 25 11.26 8.07 9.57
CA LEU A 25 10.13 7.14 9.46
C LEU A 25 10.40 6.05 8.42
N SER A 26 11.55 5.41 8.53
CA SER A 26 11.93 4.35 7.60
C SER A 26 11.04 3.13 7.80
N GLN A 27 10.97 2.66 9.05
CA GLN A 27 10.17 1.50 9.41
C GLN A 27 8.69 1.81 9.34
N TYR A 28 8.38 3.10 9.31
CA TYR A 28 6.99 3.54 9.25
C TYR A 28 6.51 3.62 7.80
N LYS A 29 7.45 3.56 6.88
CA LYS A 29 7.13 3.65 5.46
C LYS A 29 6.48 2.36 4.98
N MET A 30 5.30 2.48 4.41
CA MET A 30 4.64 1.32 3.82
C MET A 30 5.10 1.14 2.38
N ASP A 31 5.93 0.14 2.16
CA ASP A 31 6.44 -0.13 0.82
C ASP A 31 5.33 -0.58 -0.10
N VAL A 32 5.00 0.24 -1.07
CA VAL A 32 3.86 -0.02 -1.94
C VAL A 32 4.24 -0.96 -3.05
N THR A 33 3.98 -2.25 -2.82
CA THR A 33 4.24 -3.28 -3.81
C THR A 33 3.01 -3.52 -4.67
N VAL A 34 3.12 -3.18 -5.95
CA VAL A 34 1.99 -3.33 -6.86
C VAL A 34 1.98 -4.72 -7.48
N ILE A 35 0.79 -5.30 -7.57
CA ILE A 35 0.63 -6.62 -8.15
C ILE A 35 -0.09 -6.56 -9.49
N ASP A 36 0.46 -7.25 -10.49
CA ASP A 36 -0.12 -7.28 -11.82
C ASP A 36 -1.42 -8.08 -11.81
N THR A 37 -2.52 -7.36 -11.64
CA THR A 37 -3.86 -7.94 -11.68
C THR A 37 -4.19 -8.73 -10.40
N LYS A 38 -5.48 -8.90 -10.15
CA LYS A 38 -5.97 -9.59 -8.96
C LYS A 38 -5.63 -11.09 -9.00
N ASP A 39 -5.27 -11.57 -10.18
CA ASP A 39 -5.07 -13.00 -10.41
C ASP A 39 -3.61 -13.38 -10.19
N GLY A 40 -3.19 -14.44 -10.85
CA GLY A 40 -1.81 -14.89 -10.77
C GLY A 40 -1.66 -16.08 -9.84
N SER A 41 -2.23 -15.97 -8.65
CA SER A 41 -2.16 -17.04 -7.66
C SER A 41 -3.18 -18.12 -7.99
N GLN A 42 -4.30 -17.71 -8.56
CA GLN A 42 -5.31 -18.65 -9.03
C GLN A 42 -5.10 -18.87 -10.52
N SER A 43 -4.30 -19.88 -10.85
CA SER A 43 -3.95 -20.18 -12.24
C SER A 43 -5.10 -20.86 -12.99
N LYS A 44 -6.32 -20.43 -12.70
CA LYS A 44 -7.50 -20.95 -13.37
C LYS A 44 -8.00 -19.95 -14.41
N LEU A 45 -7.27 -18.85 -14.52
CA LEU A 45 -7.61 -17.80 -15.45
C LEU A 45 -6.55 -17.67 -16.54
N GLY A 46 -6.42 -18.72 -17.33
CA GLY A 46 -5.46 -18.71 -18.43
C GLY A 46 -6.14 -18.76 -19.78
N GLY A 47 -7.22 -19.53 -19.85
CA GLY A 47 -7.97 -19.64 -21.08
C GLY A 47 -7.87 -21.03 -21.69
N GLY A 48 -7.37 -21.09 -22.91
CA GLY A 48 -7.20 -22.37 -23.58
C GLY A 48 -8.48 -22.87 -24.22
N GLY A 49 -9.32 -21.93 -24.65
CA GLY A 49 -10.58 -22.29 -25.28
C GLY A 49 -11.64 -22.65 -24.26
N SER A 50 -11.48 -23.80 -23.63
CA SER A 50 -12.38 -24.24 -22.58
C SER A 50 -11.59 -24.47 -21.28
N GLY A 51 -12.04 -23.82 -20.21
CA GLY A 51 -11.35 -23.94 -18.93
C GLY A 51 -11.83 -25.12 -18.11
N GLY A 52 -12.22 -26.20 -18.79
CA GLY A 52 -12.70 -27.37 -18.10
C GLY A 52 -14.15 -27.26 -17.73
N HIS A 53 -14.43 -26.53 -16.66
CA HIS A 53 -15.79 -26.31 -16.21
C HIS A 53 -16.25 -24.91 -16.56
N MET A 54 -17.53 -24.76 -16.83
CA MET A 54 -18.08 -23.46 -17.23
C MET A 54 -18.24 -22.57 -16.02
N GLY A 55 -17.52 -21.45 -16.03
CA GLY A 55 -17.58 -20.52 -14.93
C GLY A 55 -16.20 -20.24 -14.35
N SER A 56 -15.99 -19.03 -13.87
CA SER A 56 -14.73 -18.65 -13.27
C SER A 56 -14.64 -19.19 -11.85
N GLY A 57 -13.81 -20.22 -11.67
CA GLY A 57 -13.63 -20.82 -10.36
C GLY A 57 -12.87 -19.92 -9.41
N GLY A 58 -13.18 -20.04 -8.11
CA GLY A 58 -12.56 -19.18 -7.13
C GLY A 58 -13.14 -17.78 -7.16
N LEU A 59 -14.40 -17.67 -6.77
CA LEU A 59 -15.13 -16.41 -6.87
C LEU A 59 -14.78 -15.46 -5.73
N SER A 60 -13.75 -15.81 -4.98
CA SER A 60 -13.26 -14.94 -3.92
C SER A 60 -12.17 -14.02 -4.44
N TRP A 61 -11.50 -14.46 -5.51
CA TRP A 61 -10.39 -13.73 -6.13
C TRP A 61 -9.38 -13.29 -5.08
N LYS A 62 -9.27 -11.99 -4.88
CA LYS A 62 -8.42 -11.43 -3.84
C LYS A 62 -9.27 -10.65 -2.86
N ARG A 63 -8.81 -10.51 -1.64
CA ARG A 63 -9.63 -9.92 -0.59
C ARG A 63 -8.92 -8.75 0.08
N CYS A 64 -9.51 -7.57 -0.02
CA CYS A 64 -8.96 -6.39 0.62
C CYS A 64 -9.49 -6.27 2.04
N ALA A 65 -8.74 -5.60 2.88
CA ALA A 65 -9.13 -5.40 4.27
C ALA A 65 -9.88 -4.09 4.45
N GLY A 66 -10.17 -3.42 3.35
CA GLY A 66 -10.79 -2.12 3.40
C GLY A 66 -12.27 -2.13 3.07
N CYS A 67 -12.59 -2.13 1.78
CA CYS A 67 -13.96 -1.97 1.33
C CYS A 67 -14.76 -3.29 1.37
N GLY A 68 -14.99 -3.88 0.21
CA GLY A 68 -15.87 -5.02 0.11
C GLY A 68 -15.22 -6.32 0.53
N GLY A 69 -13.90 -6.33 0.60
CA GLY A 69 -13.19 -7.54 0.96
C GLY A 69 -13.10 -8.51 -0.19
N LYS A 70 -13.44 -8.02 -1.37
CA LYS A 70 -13.36 -8.80 -2.59
C LYS A 70 -12.89 -7.90 -3.72
N ILE A 71 -11.62 -8.03 -4.06
CA ILE A 71 -11.03 -7.16 -5.05
C ILE A 71 -11.46 -7.56 -6.46
N ALA A 72 -12.31 -6.73 -7.04
CA ALA A 72 -12.69 -6.86 -8.44
C ALA A 72 -12.01 -5.77 -9.23
N ASP A 73 -10.97 -5.21 -8.65
CA ASP A 73 -10.21 -4.13 -9.26
C ASP A 73 -9.17 -4.70 -10.22
N ARG A 74 -8.39 -3.82 -10.81
CA ARG A 74 -7.39 -4.24 -11.77
C ARG A 74 -6.12 -4.71 -11.07
N PHE A 75 -5.37 -3.77 -10.50
CA PHE A 75 -4.09 -4.08 -9.89
C PHE A 75 -4.19 -4.15 -8.37
N LEU A 76 -3.30 -4.93 -7.76
CA LEU A 76 -3.26 -5.04 -6.30
C LEU A 76 -2.16 -4.16 -5.74
N LEU A 77 -2.28 -3.79 -4.48
CA LEU A 77 -1.29 -2.97 -3.82
C LEU A 77 -1.01 -3.48 -2.41
N TYR A 78 0.27 -3.56 -2.07
CA TYR A 78 0.69 -3.92 -0.72
C TYR A 78 0.99 -2.66 0.07
N ALA A 79 0.63 -2.69 1.35
CA ALA A 79 0.93 -1.57 2.23
C ALA A 79 1.66 -2.05 3.47
N MET A 80 0.91 -2.64 4.39
CA MET A 80 1.49 -3.17 5.62
C MET A 80 1.64 -4.68 5.52
N ASP A 81 0.59 -5.35 5.09
CA ASP A 81 0.57 -6.82 5.05
C ASP A 81 -0.61 -7.34 4.23
N SER A 82 -1.65 -6.53 4.11
CA SER A 82 -2.89 -6.97 3.50
C SER A 82 -2.89 -6.69 2.00
N TYR A 83 -3.82 -7.33 1.30
CA TYR A 83 -4.04 -7.08 -0.10
C TYR A 83 -4.95 -5.87 -0.26
N TRP A 84 -4.52 -4.89 -1.05
CA TRP A 84 -5.34 -3.73 -1.34
C TRP A 84 -5.44 -3.51 -2.83
N HIS A 85 -6.16 -2.46 -3.19
CA HIS A 85 -6.26 -2.01 -4.58
C HIS A 85 -6.35 -0.49 -4.56
N SER A 86 -6.43 0.12 -5.74
CA SER A 86 -6.39 1.58 -5.84
C SER A 86 -7.52 2.27 -5.06
N ARG A 87 -8.66 1.60 -4.96
CA ARG A 87 -9.82 2.16 -4.27
C ARG A 87 -9.74 1.94 -2.76
N CYS A 88 -8.93 1.00 -2.32
CA CYS A 88 -8.80 0.71 -0.89
C CYS A 88 -7.56 1.36 -0.31
N LEU A 89 -6.45 1.33 -1.04
CA LEU A 89 -5.20 1.90 -0.58
C LEU A 89 -5.21 3.42 -0.78
N LYS A 90 -6.09 4.07 -0.07
CA LYS A 90 -6.21 5.52 -0.10
C LYS A 90 -6.08 6.05 1.31
N CYS A 91 -5.83 7.35 1.42
CA CYS A 91 -5.74 7.99 2.71
C CYS A 91 -7.06 7.88 3.46
N SER A 92 -6.96 7.64 4.75
CA SER A 92 -8.13 7.59 5.61
C SER A 92 -8.57 9.01 6.00
N SER A 93 -7.76 10.00 5.64
CA SER A 93 -8.04 11.38 6.01
C SER A 93 -8.34 12.24 4.78
N CYS A 94 -7.46 12.21 3.77
CA CYS A 94 -7.68 12.99 2.56
C CYS A 94 -8.42 12.16 1.51
N GLN A 95 -8.31 10.84 1.66
CA GLN A 95 -8.93 9.89 0.73
C GLN A 95 -8.28 9.94 -0.65
N ALA A 96 -6.99 10.27 -0.67
CA ALA A 96 -6.22 10.26 -1.90
C ALA A 96 -5.65 8.87 -2.14
N GLN A 97 -5.65 8.42 -3.38
CA GLN A 97 -5.18 7.08 -3.71
C GLN A 97 -3.66 7.01 -3.61
N LEU A 98 -3.17 6.83 -2.39
CA LEU A 98 -1.73 6.81 -2.13
C LEU A 98 -1.05 5.64 -2.81
N GLY A 99 -1.84 4.62 -3.16
CA GLY A 99 -1.30 3.48 -3.87
C GLY A 99 -1.19 3.73 -5.37
N ASP A 100 -1.95 4.69 -5.87
CA ASP A 100 -1.96 4.99 -7.31
C ASP A 100 -1.04 6.15 -7.61
N ILE A 101 -0.72 6.88 -6.57
CA ILE A 101 0.25 7.96 -6.65
C ILE A 101 1.57 7.47 -6.08
N GLY A 102 2.67 7.93 -6.66
CA GLY A 102 4.00 7.48 -6.23
C GLY A 102 4.41 8.07 -4.88
N THR A 103 3.60 7.85 -3.87
CA THR A 103 3.87 8.38 -2.54
C THR A 103 4.45 7.29 -1.62
N SER A 104 5.45 7.67 -0.83
CA SER A 104 5.96 6.80 0.20
C SER A 104 5.23 7.10 1.51
N SER A 105 4.02 6.56 1.63
CA SER A 105 3.17 6.85 2.78
C SER A 105 3.71 6.17 4.04
N TYR A 106 3.30 6.69 5.18
CA TYR A 106 3.75 6.15 6.46
C TYR A 106 2.56 5.66 7.26
N THR A 107 2.82 4.86 8.28
CA THR A 107 1.77 4.33 9.11
C THR A 107 2.27 4.04 10.52
N LYS A 108 1.33 3.77 11.40
CA LYS A 108 1.64 3.45 12.79
C LYS A 108 0.71 2.34 13.26
N SER A 109 -0.56 2.67 13.36
CA SER A 109 -1.58 1.70 13.78
C SER A 109 -2.25 1.05 12.57
N GLY A 110 -1.54 1.02 11.44
CA GLY A 110 -2.08 0.42 10.24
C GLY A 110 -3.01 1.36 9.50
N MET A 111 -2.96 2.63 9.84
CA MET A 111 -3.79 3.63 9.18
C MET A 111 -3.07 4.21 7.97
N ILE A 112 -3.78 4.31 6.86
CA ILE A 112 -3.21 4.86 5.63
C ILE A 112 -3.33 6.38 5.63
N LEU A 113 -2.21 7.06 5.68
CA LEU A 113 -2.19 8.52 5.74
C LEU A 113 -1.02 9.07 4.92
N CYS A 114 -1.12 10.33 4.52
CA CYS A 114 -0.08 10.95 3.71
C CYS A 114 1.03 11.51 4.59
N ARG A 115 1.92 12.28 3.98
CA ARG A 115 3.12 12.76 4.65
C ARG A 115 2.79 13.74 5.78
N ASN A 116 2.09 14.80 5.46
CA ASN A 116 1.85 15.88 6.42
C ASN A 116 0.79 15.49 7.45
N ASP A 117 -0.29 14.88 6.99
CA ASP A 117 -1.41 14.56 7.85
C ASP A 117 -1.04 13.46 8.86
N TYR A 118 -0.18 12.54 8.45
CA TYR A 118 0.24 11.48 9.35
C TYR A 118 1.08 12.04 10.50
N ILE A 119 1.98 12.96 10.16
CA ILE A 119 2.84 13.60 11.16
C ILE A 119 2.00 14.37 12.16
N ARG A 120 0.96 15.04 11.67
CA ARG A 120 0.07 15.80 12.52
C ARG A 120 -0.73 14.86 13.44
N LEU A 121 -1.27 13.80 12.86
CA LEU A 121 -2.13 12.87 13.59
C LEU A 121 -1.34 11.98 14.54
N PHE A 122 -0.38 11.25 13.99
CA PHE A 122 0.40 10.29 14.79
C PHE A 122 1.81 10.78 15.03
N GLY A 123 2.56 10.95 13.95
CA GLY A 123 3.97 11.28 14.08
C GLY A 123 4.79 10.09 14.53
ZN ZN B . -11.30 -2.83 -1.30
ZN ZN C . -3.85 12.12 3.62
N SER A 3 37.76 13.72 -3.60
CA SER A 3 36.42 14.33 -3.76
C SER A 3 36.12 15.25 -2.58
N LEU A 4 35.39 16.33 -2.86
CA LEU A 4 35.05 17.31 -1.82
C LEU A 4 33.53 17.41 -1.66
N GLN A 5 32.80 16.94 -2.66
CA GLN A 5 31.35 16.94 -2.61
C GLN A 5 30.81 15.53 -2.65
N ASN A 6 30.06 15.15 -1.63
CA ASN A 6 29.45 13.83 -1.55
C ASN A 6 28.31 13.84 -0.53
N ASN A 7 28.47 14.68 0.50
CA ASN A 7 27.44 14.89 1.52
C ASN A 7 27.21 13.64 2.35
N GLN A 8 28.13 13.38 3.27
CA GLN A 8 28.04 12.24 4.17
C GLN A 8 28.96 12.43 5.36
N ASP A 9 28.54 13.26 6.30
CA ASP A 9 29.30 13.49 7.53
C ASP A 9 29.34 12.21 8.36
N VAL A 10 30.52 11.60 8.43
CA VAL A 10 30.67 10.30 9.08
C VAL A 10 31.16 10.42 10.51
N SER A 11 31.21 11.65 11.02
CA SER A 11 31.60 11.87 12.40
C SER A 11 30.47 11.43 13.32
N PHE A 12 30.74 10.41 14.13
CA PHE A 12 29.73 9.85 15.02
C PHE A 12 29.37 10.82 16.12
N GLU A 13 30.16 11.90 16.25
CA GLU A 13 29.86 12.97 17.19
C GLU A 13 28.55 13.65 16.82
N ASN A 14 28.24 13.63 15.52
CA ASN A 14 26.99 14.23 15.03
C ASN A 14 25.80 13.40 15.48
N ILE A 15 26.04 12.13 15.74
CA ILE A 15 25.01 11.22 16.22
C ILE A 15 25.44 10.56 17.51
N GLN A 16 25.84 11.39 18.47
CA GLN A 16 26.27 10.89 19.78
C GLN A 16 25.08 10.85 20.74
N TRP A 17 23.95 11.36 20.27
CA TRP A 17 22.74 11.42 21.07
C TRP A 17 21.80 10.29 20.68
N SER A 18 20.73 10.13 21.44
CA SER A 18 19.79 9.05 21.22
C SER A 18 18.56 9.54 20.45
N ILE A 19 18.36 8.99 19.27
CA ILE A 19 17.19 9.31 18.46
C ILE A 19 16.31 8.09 18.30
N ASP A 20 15.21 8.26 17.59
CA ASP A 20 14.27 7.18 17.33
C ASP A 20 14.91 6.14 16.42
N PRO A 21 14.61 4.84 16.62
CA PRO A 21 15.08 3.77 15.74
C PRO A 21 14.75 4.05 14.28
N GLY A 22 13.64 4.75 14.06
CA GLY A 22 13.26 5.14 12.73
C GLY A 22 13.19 6.64 12.59
N ALA A 23 14.30 7.31 12.92
CA ALA A 23 14.37 8.77 12.91
C ALA A 23 14.23 9.32 11.49
N ASP A 24 14.53 8.49 10.51
CA ASP A 24 14.38 8.86 9.11
C ASP A 24 13.10 8.26 8.54
N LEU A 25 12.22 7.83 9.44
CA LEU A 25 10.92 7.25 9.09
C LEU A 25 11.06 6.02 8.20
N SER A 26 12.14 5.27 8.42
CA SER A 26 12.45 4.10 7.61
C SER A 26 11.39 3.01 7.77
N GLN A 27 11.24 2.53 8.99
CA GLN A 27 10.30 1.45 9.28
C GLN A 27 8.88 1.99 9.42
N TYR A 28 8.76 3.31 9.50
CA TYR A 28 7.46 3.95 9.62
C TYR A 28 6.76 3.94 8.30
N LYS A 29 7.53 4.10 7.22
CA LYS A 29 6.98 4.07 5.89
C LYS A 29 6.52 2.66 5.56
N MET A 30 5.33 2.55 5.02
CA MET A 30 4.80 1.28 4.57
C MET A 30 5.14 1.06 3.12
N ASP A 31 5.85 -0.03 2.84
CA ASP A 31 6.29 -0.30 1.49
C ASP A 31 5.13 -0.77 0.63
N VAL A 32 4.66 0.10 -0.25
CA VAL A 32 3.53 -0.21 -1.08
C VAL A 32 3.97 -1.01 -2.30
N THR A 33 3.63 -2.28 -2.29
CA THR A 33 3.96 -3.16 -3.39
C THR A 33 2.83 -3.17 -4.42
N VAL A 34 3.07 -2.52 -5.55
CA VAL A 34 2.07 -2.41 -6.60
C VAL A 34 2.12 -3.61 -7.52
N ILE A 35 1.05 -4.38 -7.53
CA ILE A 35 0.96 -5.56 -8.38
C ILE A 35 0.49 -5.17 -9.77
N ASP A 36 1.37 -5.31 -10.74
CA ASP A 36 1.03 -5.03 -12.13
C ASP A 36 0.46 -6.27 -12.78
N THR A 37 -0.79 -6.57 -12.45
CA THR A 37 -1.49 -7.77 -12.94
C THR A 37 -0.58 -9.00 -12.90
N LYS A 38 0.18 -9.13 -11.82
CA LYS A 38 1.16 -10.21 -11.69
C LYS A 38 0.65 -11.32 -10.79
N ASP A 39 -0.42 -11.06 -10.05
CA ASP A 39 -0.92 -12.02 -9.08
C ASP A 39 -1.70 -13.12 -9.78
N GLY A 40 -0.96 -14.09 -10.29
CA GLY A 40 -1.54 -15.19 -11.02
C GLY A 40 -0.50 -15.91 -11.85
N SER A 41 0.54 -15.17 -12.23
CA SER A 41 1.64 -15.74 -13.01
C SER A 41 2.76 -16.26 -12.11
N GLN A 42 2.56 -16.09 -10.80
CA GLN A 42 3.58 -16.44 -9.82
C GLN A 42 3.85 -17.94 -9.80
N SER A 43 5.03 -18.32 -10.25
CA SER A 43 5.46 -19.70 -10.21
C SER A 43 6.26 -19.94 -8.92
N LYS A 44 6.46 -18.85 -8.18
CA LYS A 44 7.12 -18.91 -6.88
C LYS A 44 6.12 -19.27 -5.80
N LEU A 45 4.89 -19.56 -6.21
CA LEU A 45 3.83 -19.91 -5.29
C LEU A 45 3.29 -21.28 -5.63
N GLY A 46 2.68 -21.93 -4.64
CA GLY A 46 2.11 -23.24 -4.84
C GLY A 46 0.74 -23.16 -5.47
N GLY A 47 0.69 -22.96 -6.78
CA GLY A 47 -0.58 -22.88 -7.49
C GLY A 47 -0.36 -22.76 -8.97
N GLY A 48 -1.45 -22.80 -9.73
CA GLY A 48 -1.34 -22.66 -11.16
C GLY A 48 -2.49 -23.33 -11.88
N GLY A 49 -2.17 -24.11 -12.90
CA GLY A 49 -3.20 -24.76 -13.69
C GLY A 49 -2.71 -26.03 -14.35
N SER A 50 -2.17 -26.93 -13.55
CA SER A 50 -1.70 -28.22 -14.05
C SER A 50 -2.89 -29.07 -14.51
N GLY A 51 -2.89 -29.41 -15.80
CA GLY A 51 -3.96 -30.20 -16.35
C GLY A 51 -4.69 -29.47 -17.46
N GLY A 52 -5.94 -29.13 -17.23
CA GLY A 52 -6.71 -28.40 -18.22
C GLY A 52 -7.09 -27.03 -17.72
N HIS A 53 -6.20 -26.06 -17.93
CA HIS A 53 -6.43 -24.70 -17.45
C HIS A 53 -7.19 -23.88 -18.48
N MET A 54 -8.21 -23.18 -18.03
CA MET A 54 -9.03 -22.36 -18.90
C MET A 54 -8.62 -20.90 -18.80
N GLY A 55 -7.97 -20.56 -17.69
CA GLY A 55 -7.56 -19.19 -17.47
C GLY A 55 -8.54 -18.47 -16.56
N SER A 56 -9.75 -18.29 -17.05
CA SER A 56 -10.82 -17.70 -16.27
C SER A 56 -11.42 -18.73 -15.32
N GLY A 57 -10.61 -19.16 -14.36
CA GLY A 57 -11.05 -20.18 -13.42
C GLY A 57 -11.22 -19.63 -12.02
N GLY A 58 -12.48 -19.45 -11.63
CA GLY A 58 -12.78 -18.92 -10.32
C GLY A 58 -13.53 -17.60 -10.40
N LEU A 59 -14.39 -17.35 -9.44
CA LEU A 59 -15.19 -16.13 -9.43
C LEU A 59 -14.93 -15.32 -8.17
N SER A 60 -14.03 -15.80 -7.33
CA SER A 60 -13.71 -15.12 -6.08
C SER A 60 -12.49 -14.21 -6.26
N TRP A 61 -11.56 -14.66 -7.10
CA TRP A 61 -10.31 -13.92 -7.36
C TRP A 61 -9.54 -13.68 -6.06
N LYS A 62 -9.59 -12.45 -5.59
CA LYS A 62 -8.91 -12.07 -4.35
C LYS A 62 -9.86 -11.27 -3.47
N ARG A 63 -9.77 -11.50 -2.17
CA ARG A 63 -10.63 -10.81 -1.22
C ARG A 63 -9.93 -9.57 -0.66
N CYS A 64 -10.66 -8.47 -0.61
CA CYS A 64 -10.10 -7.21 -0.16
C CYS A 64 -10.10 -7.11 1.36
N ALA A 65 -9.17 -6.31 1.86
CA ALA A 65 -9.10 -6.02 3.28
C ALA A 65 -9.68 -4.64 3.56
N GLY A 66 -10.04 -3.94 2.50
CA GLY A 66 -10.59 -2.61 2.63
C GLY A 66 -12.10 -2.59 2.61
N CYS A 67 -12.69 -3.15 1.57
CA CYS A 67 -14.15 -3.15 1.44
C CYS A 67 -14.72 -4.49 1.85
N GLY A 68 -13.92 -5.54 1.67
CA GLY A 68 -14.32 -6.86 2.08
C GLY A 68 -14.81 -7.71 0.92
N GLY A 69 -15.04 -7.05 -0.21
CA GLY A 69 -15.52 -7.75 -1.38
C GLY A 69 -14.40 -8.41 -2.14
N LYS A 70 -14.62 -8.66 -3.41
CA LYS A 70 -13.60 -9.24 -4.25
C LYS A 70 -12.95 -8.13 -5.08
N ILE A 71 -11.63 -8.16 -5.18
CA ILE A 71 -10.91 -7.16 -5.94
C ILE A 71 -11.14 -7.37 -7.43
N ALA A 72 -11.90 -6.47 -8.03
CA ALA A 72 -12.21 -6.55 -9.44
C ALA A 72 -11.76 -5.29 -10.15
N ASP A 73 -10.91 -4.53 -9.49
CA ASP A 73 -10.37 -3.31 -10.08
C ASP A 73 -9.45 -3.66 -11.25
N ARG A 74 -8.17 -3.81 -10.96
CA ARG A 74 -7.19 -4.23 -11.97
C ARG A 74 -5.84 -4.39 -11.31
N PHE A 75 -5.39 -3.35 -10.64
CA PHE A 75 -4.11 -3.37 -9.97
C PHE A 75 -4.27 -3.64 -8.49
N LEU A 76 -3.49 -4.57 -7.98
CA LEU A 76 -3.53 -4.92 -6.57
C LEU A 76 -2.45 -4.14 -5.84
N LEU A 77 -2.76 -3.71 -4.63
CA LEU A 77 -1.84 -2.90 -3.86
C LEU A 77 -1.53 -3.53 -2.51
N TYR A 78 -0.35 -3.27 -2.00
CA TYR A 78 0.09 -3.81 -0.72
C TYR A 78 0.38 -2.68 0.26
N ALA A 79 -0.51 -2.48 1.22
CA ALA A 79 -0.30 -1.45 2.24
C ALA A 79 0.68 -1.94 3.29
N MET A 80 0.49 -3.17 3.74
CA MET A 80 1.32 -3.73 4.79
C MET A 80 1.48 -5.24 4.59
N ASP A 81 0.38 -5.97 4.68
CA ASP A 81 0.41 -7.41 4.45
C ASP A 81 -0.90 -7.87 3.81
N SER A 82 -1.88 -6.99 3.72
CA SER A 82 -3.17 -7.33 3.16
C SER A 82 -3.24 -7.00 1.68
N TYR A 83 -4.28 -7.46 1.01
CA TYR A 83 -4.49 -7.19 -0.41
C TYR A 83 -5.46 -6.04 -0.59
N TRP A 84 -5.10 -5.09 -1.44
CA TRP A 84 -5.94 -3.92 -1.70
C TRP A 84 -6.02 -3.61 -3.18
N HIS A 85 -6.81 -2.61 -3.52
CA HIS A 85 -6.93 -2.12 -4.89
C HIS A 85 -6.99 -0.60 -4.85
N SER A 86 -7.10 0.02 -6.01
CA SER A 86 -6.97 1.47 -6.16
C SER A 86 -7.91 2.26 -5.24
N ARG A 87 -9.14 1.80 -5.08
CA ARG A 87 -10.16 2.57 -4.37
C ARG A 87 -10.16 2.35 -2.86
N CYS A 88 -9.46 1.33 -2.38
CA CYS A 88 -9.41 1.10 -0.94
C CYS A 88 -8.09 1.59 -0.34
N LEU A 89 -7.01 1.44 -1.09
CA LEU A 89 -5.70 1.86 -0.63
C LEU A 89 -5.54 3.36 -0.73
N LYS A 90 -6.20 4.07 0.16
CA LYS A 90 -6.19 5.53 0.17
C LYS A 90 -5.93 6.03 1.59
N CYS A 91 -5.60 7.32 1.72
CA CYS A 91 -5.45 7.92 3.03
C CYS A 91 -6.77 7.82 3.78
N SER A 92 -6.71 7.46 5.06
CA SER A 92 -7.92 7.36 5.86
C SER A 92 -8.42 8.73 6.27
N SER A 93 -7.70 9.76 5.83
CA SER A 93 -8.07 11.13 6.12
C SER A 93 -8.37 11.90 4.84
N CYS A 94 -7.61 11.61 3.78
CA CYS A 94 -7.78 12.30 2.50
C CYS A 94 -8.67 11.49 1.56
N GLN A 95 -8.60 10.17 1.69
CA GLN A 95 -9.23 9.24 0.77
C GLN A 95 -8.61 9.37 -0.63
N ALA A 96 -7.37 9.86 -0.65
CA ALA A 96 -6.59 9.93 -1.86
C ALA A 96 -5.88 8.61 -2.09
N GLN A 97 -5.92 8.10 -3.31
CA GLN A 97 -5.35 6.78 -3.63
C GLN A 97 -3.83 6.78 -3.46
N LEU A 98 -3.39 6.38 -2.28
CA LEU A 98 -1.96 6.34 -1.96
C LEU A 98 -1.27 5.25 -2.76
N GLY A 99 -2.05 4.28 -3.23
CA GLY A 99 -1.50 3.20 -4.02
C GLY A 99 -1.43 3.53 -5.50
N ASP A 100 -1.95 4.69 -5.87
CA ASP A 100 -1.90 5.14 -7.25
C ASP A 100 -0.78 6.14 -7.43
N ILE A 101 -0.06 6.33 -6.36
CA ILE A 101 1.07 7.22 -6.34
C ILE A 101 2.23 6.50 -5.67
N GLY A 102 3.45 6.77 -6.12
CA GLY A 102 4.62 6.24 -5.46
C GLY A 102 4.89 6.96 -4.15
N THR A 103 3.91 6.91 -3.26
CA THR A 103 3.96 7.63 -1.99
C THR A 103 4.40 6.72 -0.86
N SER A 104 5.55 7.02 -0.29
CA SER A 104 6.03 6.35 0.90
C SER A 104 5.25 6.83 2.11
N SER A 105 4.06 6.27 2.29
CA SER A 105 3.20 6.66 3.39
C SER A 105 3.78 6.18 4.72
N TYR A 106 3.61 6.98 5.76
CA TYR A 106 4.16 6.66 7.07
C TYR A 106 3.04 6.35 8.05
N THR A 107 3.31 5.44 8.97
CA THR A 107 2.31 5.04 9.95
C THR A 107 2.92 4.99 11.34
N LYS A 108 2.05 4.91 12.34
CA LYS A 108 2.48 4.90 13.72
C LYS A 108 1.63 3.93 14.53
N SER A 109 0.35 4.24 14.63
CA SER A 109 -0.58 3.42 15.40
C SER A 109 -1.46 2.57 14.49
N GLY A 110 -0.85 1.98 13.46
CA GLY A 110 -1.58 1.10 12.56
C GLY A 110 -2.63 1.84 11.76
N MET A 111 -2.40 3.11 11.52
CA MET A 111 -3.35 3.95 10.80
C MET A 111 -2.77 4.35 9.46
N ILE A 112 -3.55 4.20 8.40
CA ILE A 112 -3.07 4.55 7.07
C ILE A 112 -3.29 6.02 6.78
N LEU A 113 -2.19 6.77 6.77
CA LEU A 113 -2.24 8.20 6.50
C LEU A 113 -1.22 8.55 5.43
N CYS A 114 -1.45 9.67 4.77
CA CYS A 114 -0.53 10.13 3.75
C CYS A 114 0.74 10.71 4.38
N ARG A 115 1.68 11.11 3.55
CA ARG A 115 2.95 11.67 4.01
C ARG A 115 2.71 12.92 4.86
N ASN A 116 1.80 13.76 4.40
CA ASN A 116 1.49 15.00 5.08
C ASN A 116 0.64 14.74 6.33
N ASP A 117 -0.25 13.77 6.24
CA ASP A 117 -1.19 13.51 7.32
C ASP A 117 -0.50 12.93 8.54
N TYR A 118 0.50 12.07 8.31
CA TYR A 118 1.23 11.48 9.42
C TYR A 118 1.84 12.55 10.32
N ILE A 119 2.46 13.55 9.70
CA ILE A 119 3.09 14.62 10.45
C ILE A 119 2.05 15.48 11.17
N ARG A 120 0.94 15.73 10.48
CA ARG A 120 -0.14 16.53 11.04
C ARG A 120 -0.84 15.79 12.20
N LEU A 121 -0.88 14.47 12.09
CA LEU A 121 -1.50 13.64 13.12
C LEU A 121 -0.53 13.43 14.29
N PHE A 122 0.59 12.79 14.02
CA PHE A 122 1.56 12.47 15.05
C PHE A 122 2.84 13.25 14.86
N GLY A 123 3.72 12.75 13.99
CA GLY A 123 5.01 13.38 13.79
C GLY A 123 6.07 12.71 14.61
ZN ZN B . -11.58 -2.88 -1.33
ZN ZN C . -4.05 12.42 4.14
N SER A 3 25.27 -8.22 28.01
CA SER A 3 23.94 -8.29 27.37
C SER A 3 23.05 -7.17 27.87
N LEU A 4 21.86 -7.06 27.31
CA LEU A 4 20.88 -6.08 27.75
C LEU A 4 20.51 -6.29 29.21
N GLN A 5 20.96 -5.37 30.06
CA GLN A 5 20.61 -5.42 31.48
C GLN A 5 19.21 -4.88 31.68
N ASN A 6 18.84 -3.90 30.88
CA ASN A 6 17.48 -3.38 30.88
C ASN A 6 16.58 -4.38 30.16
N ASN A 7 15.33 -4.47 30.58
CA ASN A 7 14.44 -5.47 30.02
C ASN A 7 13.74 -4.98 28.76
N GLN A 8 13.98 -5.69 27.66
CA GLN A 8 13.35 -5.43 26.36
C GLN A 8 13.91 -4.17 25.70
N ASP A 9 13.54 -3.02 26.25
CA ASP A 9 13.94 -1.74 25.67
C ASP A 9 15.39 -1.43 26.02
N VAL A 10 15.99 -0.54 25.27
CA VAL A 10 17.38 -0.15 25.49
C VAL A 10 17.50 0.73 26.73
N SER A 11 18.73 1.09 27.08
CA SER A 11 18.99 1.92 28.24
C SER A 11 18.57 3.38 28.00
N PHE A 12 17.27 3.61 27.92
CA PHE A 12 16.74 4.94 27.67
C PHE A 12 16.62 5.72 28.98
N GLU A 13 16.89 5.04 30.09
CA GLU A 13 16.84 5.68 31.40
C GLU A 13 18.19 6.30 31.73
N ASN A 14 19.25 5.62 31.32
CA ASN A 14 20.62 6.07 31.55
C ASN A 14 20.92 7.33 30.74
N ILE A 15 20.35 7.42 29.55
CA ILE A 15 20.55 8.59 28.70
C ILE A 15 19.23 9.19 28.26
N GLN A 16 18.82 10.26 28.92
CA GLN A 16 17.59 10.96 28.56
C GLN A 16 17.87 11.91 27.39
N TRP A 17 18.10 11.33 26.23
CA TRP A 17 18.44 12.12 25.05
C TRP A 17 17.20 12.70 24.40
N SER A 18 16.99 13.99 24.63
CA SER A 18 15.87 14.70 24.04
C SER A 18 16.16 15.07 22.58
N ILE A 19 16.45 14.06 21.78
CA ILE A 19 16.78 14.26 20.37
C ILE A 19 15.59 13.89 19.49
N ASP A 20 15.82 13.78 18.19
CA ASP A 20 14.78 13.38 17.24
C ASP A 20 14.39 11.93 17.50
N PRO A 21 13.16 11.70 18.01
CA PRO A 21 12.70 10.38 18.43
C PRO A 21 12.15 9.56 17.26
N GLY A 22 12.96 9.40 16.23
CA GLY A 22 12.54 8.64 15.07
C GLY A 22 11.72 9.48 14.11
N ALA A 23 11.95 10.79 14.14
CA ALA A 23 11.20 11.72 13.31
C ALA A 23 11.56 11.56 11.83
N ASP A 24 12.59 10.77 11.57
CA ASP A 24 12.98 10.44 10.20
C ASP A 24 11.88 9.64 9.51
N LEU A 25 11.08 8.94 10.33
CA LEU A 25 9.90 8.20 9.85
C LEU A 25 10.27 7.05 8.92
N SER A 26 11.54 6.67 8.93
CA SER A 26 12.05 5.61 8.06
C SER A 26 11.43 4.26 8.40
N GLN A 27 11.20 4.04 9.69
CA GLN A 27 10.65 2.77 10.17
C GLN A 27 9.15 2.69 9.91
N TYR A 28 8.55 3.82 9.54
CA TYR A 28 7.12 3.88 9.30
C TYR A 28 6.82 3.84 7.81
N LYS A 29 7.86 3.70 7.00
CA LYS A 29 7.73 3.72 5.55
C LYS A 29 7.16 2.41 5.03
N MET A 30 6.13 2.51 4.22
CA MET A 30 5.50 1.34 3.63
C MET A 30 5.94 1.18 2.16
N ASP A 31 6.16 -0.06 1.75
CA ASP A 31 6.58 -0.34 0.38
C ASP A 31 5.40 -0.78 -0.46
N VAL A 32 5.03 0.03 -1.44
CA VAL A 32 3.87 -0.24 -2.27
C VAL A 32 4.23 -1.17 -3.42
N THR A 33 3.99 -2.46 -3.21
CA THR A 33 4.23 -3.45 -4.24
C THR A 33 2.98 -3.67 -5.07
N VAL A 34 3.13 -3.62 -6.38
CA VAL A 34 2.00 -3.73 -7.29
C VAL A 34 2.06 -5.01 -8.10
N ILE A 35 1.03 -5.83 -7.98
CA ILE A 35 0.98 -7.11 -8.68
C ILE A 35 -0.16 -7.13 -9.69
N ASP A 36 0.10 -7.73 -10.85
CA ASP A 36 -0.92 -7.87 -11.90
C ASP A 36 -1.89 -8.99 -11.55
N THR A 37 -3.10 -8.91 -12.08
CA THR A 37 -4.13 -9.89 -11.79
C THR A 37 -3.83 -11.24 -12.45
N LYS A 38 -3.76 -12.29 -11.65
CA LYS A 38 -3.56 -13.62 -12.17
C LYS A 38 -4.76 -14.02 -13.03
N ASP A 39 -5.95 -13.92 -12.44
CA ASP A 39 -7.17 -14.20 -13.18
C ASP A 39 -7.65 -12.94 -13.89
N GLY A 40 -7.37 -12.87 -15.18
CA GLY A 40 -7.71 -11.69 -15.95
C GLY A 40 -6.75 -11.51 -17.11
N SER A 41 -5.52 -11.13 -16.79
CA SER A 41 -4.50 -10.92 -17.81
C SER A 41 -3.91 -12.27 -18.25
N GLN A 42 -3.84 -13.21 -17.31
CA GLN A 42 -3.32 -14.54 -17.60
C GLN A 42 -4.46 -15.46 -18.03
N SER A 43 -5.22 -15.04 -19.03
CA SER A 43 -6.33 -15.82 -19.55
C SER A 43 -5.82 -16.94 -20.45
N LYS A 44 -4.52 -16.89 -20.76
CA LYS A 44 -3.89 -17.86 -21.63
C LYS A 44 -3.93 -19.25 -21.00
N LEU A 45 -3.48 -19.34 -19.76
CA LEU A 45 -3.46 -20.62 -19.05
C LEU A 45 -4.65 -20.74 -18.11
N GLY A 46 -5.46 -19.69 -18.05
CA GLY A 46 -6.61 -19.69 -17.18
C GLY A 46 -7.85 -19.15 -17.84
N GLY A 47 -8.43 -19.92 -18.75
CA GLY A 47 -9.63 -19.50 -19.42
C GLY A 47 -9.66 -19.93 -20.87
N GLY A 48 -8.59 -19.62 -21.59
CA GLY A 48 -8.50 -19.98 -22.98
C GLY A 48 -8.89 -18.83 -23.89
N GLY A 49 -10.14 -18.43 -23.82
CA GLY A 49 -10.62 -17.33 -24.63
C GLY A 49 -12.10 -17.07 -24.42
N SER A 50 -12.80 -16.79 -25.50
CA SER A 50 -14.22 -16.53 -25.44
C SER A 50 -15.02 -17.73 -25.90
N GLY A 51 -16.35 -17.62 -25.85
CA GLY A 51 -17.20 -18.71 -26.26
C GLY A 51 -18.38 -18.90 -25.32
N GLY A 52 -18.63 -17.89 -24.50
CA GLY A 52 -19.70 -17.97 -23.53
C GLY A 52 -19.31 -17.33 -22.22
N HIS A 53 -20.29 -16.88 -21.46
CA HIS A 53 -20.02 -16.27 -20.16
C HIS A 53 -19.89 -17.35 -19.10
N MET A 54 -18.73 -17.98 -19.04
CA MET A 54 -18.47 -19.05 -18.09
C MET A 54 -17.89 -18.51 -16.79
N GLY A 55 -17.45 -17.26 -16.84
CA GLY A 55 -16.85 -16.64 -15.67
C GLY A 55 -15.37 -16.92 -15.56
N SER A 56 -14.73 -16.27 -14.60
CA SER A 56 -13.31 -16.48 -14.35
C SER A 56 -13.08 -17.79 -13.60
N GLY A 57 -11.81 -18.10 -13.33
CA GLY A 57 -11.49 -19.31 -12.59
C GLY A 57 -11.76 -19.12 -11.11
N GLY A 58 -11.41 -17.94 -10.62
CA GLY A 58 -11.71 -17.57 -9.26
C GLY A 58 -12.49 -16.27 -9.21
N LEU A 59 -13.82 -16.37 -9.23
CA LEU A 59 -14.68 -15.20 -9.34
C LEU A 59 -14.70 -14.39 -8.04
N SER A 60 -13.99 -14.86 -7.03
CA SER A 60 -13.86 -14.12 -5.79
C SER A 60 -12.66 -13.18 -5.85
N TRP A 61 -11.76 -13.45 -6.81
CA TRP A 61 -10.53 -12.69 -6.98
C TRP A 61 -9.80 -12.56 -5.65
N LYS A 62 -9.77 -11.35 -5.13
CA LYS A 62 -9.19 -11.10 -3.81
C LYS A 62 -10.14 -10.21 -3.02
N ARG A 63 -10.09 -10.32 -1.70
CA ARG A 63 -11.01 -9.58 -0.86
C ARG A 63 -10.33 -8.31 -0.34
N CYS A 64 -11.12 -7.26 -0.20
CA CYS A 64 -10.63 -5.95 0.22
C CYS A 64 -9.95 -6.00 1.59
N ALA A 65 -9.07 -5.04 1.81
CA ALA A 65 -8.42 -4.86 3.09
C ALA A 65 -8.76 -3.47 3.65
N GLY A 66 -9.24 -2.60 2.78
CA GLY A 66 -9.62 -1.25 3.18
C GLY A 66 -11.11 -1.01 3.07
N CYS A 67 -11.65 -1.13 1.85
CA CYS A 67 -13.10 -0.92 1.63
C CYS A 67 -13.90 -1.93 2.45
N GLY A 68 -13.78 -3.20 2.07
CA GLY A 68 -14.48 -4.24 2.79
C GLY A 68 -15.37 -5.08 1.89
N GLY A 69 -14.93 -5.29 0.65
CA GLY A 69 -15.69 -6.08 -0.28
C GLY A 69 -14.80 -6.97 -1.12
N LYS A 70 -15.00 -6.94 -2.43
CA LYS A 70 -14.18 -7.71 -3.35
C LYS A 70 -13.37 -6.78 -4.23
N ILE A 71 -12.10 -7.08 -4.38
CA ILE A 71 -11.22 -6.26 -5.19
C ILE A 71 -11.50 -6.47 -6.67
N ALA A 72 -12.07 -5.46 -7.31
CA ALA A 72 -12.43 -5.54 -8.72
C ALA A 72 -11.49 -4.68 -9.55
N ASP A 73 -10.32 -4.40 -8.99
CA ASP A 73 -9.32 -3.61 -9.70
C ASP A 73 -8.48 -4.53 -10.58
N ARG A 74 -7.50 -3.98 -11.27
CA ARG A 74 -6.60 -4.79 -12.08
C ARG A 74 -5.33 -5.11 -11.31
N PHE A 75 -4.75 -4.12 -10.67
CA PHE A 75 -3.51 -4.33 -9.95
C PHE A 75 -3.75 -4.44 -8.46
N LEU A 76 -3.08 -5.42 -7.85
CA LEU A 76 -3.16 -5.65 -6.43
C LEU A 76 -2.00 -4.92 -5.74
N LEU A 77 -2.28 -4.35 -4.60
CA LEU A 77 -1.31 -3.52 -3.92
C LEU A 77 -0.88 -4.12 -2.58
N TYR A 78 0.42 -4.12 -2.34
CA TYR A 78 0.97 -4.49 -1.05
C TYR A 78 1.30 -3.24 -0.28
N ALA A 79 0.65 -3.04 0.84
CA ALA A 79 0.92 -1.87 1.68
C ALA A 79 1.75 -2.24 2.90
N MET A 80 1.55 -3.45 3.39
CA MET A 80 2.18 -3.87 4.63
C MET A 80 2.15 -5.38 4.79
N ASP A 81 1.08 -6.01 4.31
CA ASP A 81 0.89 -7.46 4.44
C ASP A 81 -0.40 -7.89 3.77
N SER A 82 -1.37 -7.00 3.74
CA SER A 82 -2.68 -7.31 3.22
C SER A 82 -2.74 -7.10 1.71
N TYR A 83 -3.77 -7.62 1.08
CA TYR A 83 -3.99 -7.41 -0.35
C TYR A 83 -4.94 -6.24 -0.55
N TRP A 84 -4.46 -5.19 -1.20
CA TRP A 84 -5.28 -4.02 -1.46
C TRP A 84 -5.38 -3.76 -2.95
N HIS A 85 -6.15 -2.76 -3.31
CA HIS A 85 -6.17 -2.20 -4.66
C HIS A 85 -6.11 -0.69 -4.55
N SER A 86 -6.24 0.02 -5.66
CA SER A 86 -6.18 1.48 -5.64
C SER A 86 -7.31 2.07 -4.80
N ARG A 87 -8.41 1.33 -4.71
CA ARG A 87 -9.55 1.77 -3.92
C ARG A 87 -9.38 1.43 -2.44
N CYS A 88 -8.65 0.36 -2.16
CA CYS A 88 -8.39 -0.06 -0.78
C CYS A 88 -7.28 0.78 -0.18
N LEU A 89 -6.16 0.81 -0.88
CA LEU A 89 -4.98 1.49 -0.41
C LEU A 89 -5.11 3.00 -0.58
N LYS A 90 -5.72 3.62 0.41
CA LYS A 90 -5.88 5.05 0.42
C LYS A 90 -5.61 5.59 1.81
N CYS A 91 -5.42 6.88 1.90
CA CYS A 91 -5.20 7.54 3.15
C CYS A 91 -6.45 7.49 4.01
N SER A 92 -6.30 7.16 5.27
CA SER A 92 -7.43 7.08 6.19
C SER A 92 -7.87 8.48 6.61
N SER A 93 -7.08 9.48 6.28
CA SER A 93 -7.35 10.84 6.70
C SER A 93 -8.01 11.67 5.60
N CYS A 94 -7.42 11.71 4.41
CA CYS A 94 -7.97 12.53 3.33
C CYS A 94 -8.68 11.68 2.28
N GLN A 95 -8.50 10.37 2.38
CA GLN A 95 -9.16 9.41 1.50
C GLN A 95 -8.75 9.58 0.05
N ALA A 96 -7.56 10.10 -0.17
CA ALA A 96 -7.01 10.20 -1.51
C ALA A 96 -6.52 8.83 -1.95
N GLN A 97 -6.46 8.60 -3.26
CA GLN A 97 -5.98 7.32 -3.79
C GLN A 97 -4.48 7.23 -3.63
N LEU A 98 -4.06 7.14 -2.36
CA LEU A 98 -2.68 7.24 -1.97
C LEU A 98 -1.86 6.04 -2.46
N GLY A 99 -2.52 4.94 -2.74
CA GLY A 99 -1.83 3.75 -3.22
C GLY A 99 -1.47 3.84 -4.69
N ASP A 100 -2.18 4.70 -5.42
CA ASP A 100 -1.96 4.82 -6.86
C ASP A 100 -0.96 5.94 -7.15
N ILE A 101 -0.28 6.39 -6.10
CA ILE A 101 0.74 7.40 -6.22
C ILE A 101 2.00 6.96 -5.49
N GLY A 102 3.15 7.25 -6.06
CA GLY A 102 4.41 6.93 -5.42
C GLY A 102 4.73 7.90 -4.29
N THR A 103 3.91 7.89 -3.27
CA THR A 103 4.05 8.79 -2.13
C THR A 103 4.79 8.10 -0.98
N SER A 104 5.46 8.90 -0.15
CA SER A 104 6.11 8.37 1.04
C SER A 104 5.09 8.23 2.17
N SER A 105 4.15 7.34 1.99
CA SER A 105 3.11 7.10 2.97
C SER A 105 3.68 6.39 4.20
N TYR A 106 3.06 6.64 5.34
CA TYR A 106 3.51 6.06 6.59
C TYR A 106 2.38 5.27 7.23
N THR A 107 2.75 4.23 7.96
CA THR A 107 1.78 3.41 8.65
C THR A 107 2.01 3.47 10.15
N LYS A 108 0.92 3.56 10.91
CA LYS A 108 0.99 3.61 12.35
C LYS A 108 -0.33 3.14 12.95
N SER A 109 -0.25 2.26 13.94
CA SER A 109 -1.43 1.73 14.61
C SER A 109 -2.38 1.06 13.61
N GLY A 110 -1.78 0.39 12.61
CA GLY A 110 -2.55 -0.31 11.61
C GLY A 110 -3.31 0.62 10.69
N MET A 111 -2.90 1.88 10.64
CA MET A 111 -3.53 2.87 9.78
C MET A 111 -2.60 3.27 8.65
N ILE A 112 -3.18 3.64 7.51
CA ILE A 112 -2.40 4.06 6.36
C ILE A 112 -2.69 5.52 6.04
N LEU A 113 -1.69 6.36 6.22
CA LEU A 113 -1.87 7.80 6.06
C LEU A 113 -0.87 8.33 5.03
N CYS A 114 -1.25 9.39 4.32
CA CYS A 114 -0.33 10.03 3.39
C CYS A 114 0.75 10.79 4.16
N ARG A 115 1.80 11.17 3.45
CA ARG A 115 3.01 11.73 4.04
C ARG A 115 2.70 12.87 5.02
N ASN A 116 1.97 13.86 4.55
CA ASN A 116 1.68 15.05 5.34
C ASN A 116 0.58 14.80 6.37
N ASP A 117 -0.28 13.83 6.09
CA ASP A 117 -1.44 13.57 6.95
C ASP A 117 -1.04 12.80 8.19
N TYR A 118 0.04 12.04 8.11
CA TYR A 118 0.54 11.34 9.29
C TYR A 118 0.88 12.35 10.37
N ILE A 119 1.58 13.42 9.98
CA ILE A 119 1.94 14.48 10.91
C ILE A 119 0.70 15.25 11.34
N ARG A 120 -0.30 15.26 10.47
CA ARG A 120 -1.58 15.89 10.77
C ARG A 120 -2.27 15.17 11.93
N LEU A 121 -2.26 13.85 11.89
CA LEU A 121 -2.91 13.05 12.92
C LEU A 121 -2.00 12.86 14.13
N PHE A 122 -0.84 12.29 13.90
CA PHE A 122 0.08 11.96 14.96
C PHE A 122 1.27 12.91 14.98
N GLY A 123 2.38 12.46 14.39
CA GLY A 123 3.60 13.23 14.42
C GLY A 123 4.69 12.49 15.16
ZN ZN B . -11.03 -2.48 -1.47
ZN ZN C . -4.02 12.00 3.51
N SER A 3 49.73 35.02 6.72
CA SER A 3 50.08 34.34 7.97
C SER A 3 48.97 33.39 8.38
N LEU A 4 48.65 32.45 7.50
CA LEU A 4 47.61 31.47 7.78
C LEU A 4 48.05 30.10 7.29
N GLN A 5 47.96 29.11 8.17
CA GLN A 5 48.38 27.77 7.86
C GLN A 5 47.58 26.77 8.68
N ASN A 6 47.30 25.61 8.08
CA ASN A 6 46.59 24.52 8.76
C ASN A 6 45.21 24.96 9.22
N ASN A 7 44.39 25.36 8.27
CA ASN A 7 43.01 25.76 8.55
C ASN A 7 42.14 24.53 8.81
N GLN A 8 42.12 24.09 10.06
CA GLN A 8 41.33 22.94 10.45
C GLN A 8 39.91 23.36 10.78
N ASP A 9 38.96 22.85 10.00
CA ASP A 9 37.56 23.15 10.21
C ASP A 9 36.93 22.07 11.08
N VAL A 10 35.80 22.40 11.71
CA VAL A 10 35.14 21.45 12.60
C VAL A 10 33.80 21.01 12.01
N SER A 11 33.65 19.71 11.83
CA SER A 11 32.44 19.13 11.30
C SER A 11 31.34 19.11 12.36
N PHE A 12 30.57 20.19 12.43
CA PHE A 12 29.52 20.33 13.43
C PHE A 12 28.39 19.32 13.21
N GLU A 13 28.30 18.82 11.99
CA GLU A 13 27.28 17.84 11.64
C GLU A 13 27.64 16.47 12.18
N ASN A 14 28.91 16.29 12.56
CA ASN A 14 29.39 15.03 13.12
C ASN A 14 28.78 14.78 14.49
N ILE A 15 28.48 15.86 15.19
CA ILE A 15 27.88 15.77 16.52
C ILE A 15 26.42 16.18 16.46
N GLN A 16 25.90 16.20 15.26
CA GLN A 16 24.51 16.60 15.02
C GLN A 16 23.78 15.50 14.27
N TRP A 17 24.15 14.27 14.54
CA TRP A 17 23.52 13.12 13.93
C TRP A 17 22.15 12.90 14.55
N SER A 18 21.17 12.54 13.72
CA SER A 18 19.81 12.36 14.16
C SER A 18 19.68 11.13 15.07
N ILE A 19 19.17 11.36 16.28
CA ILE A 19 19.00 10.27 17.23
C ILE A 19 17.54 10.15 17.68
N ASP A 20 16.72 11.09 17.22
CA ASP A 20 15.31 11.10 17.60
C ASP A 20 14.52 10.10 16.78
N PRO A 21 13.93 9.09 17.44
CA PRO A 21 13.14 8.06 16.78
C PRO A 21 11.76 8.55 16.38
N GLY A 22 11.43 9.77 16.78
CA GLY A 22 10.14 10.33 16.47
C GLY A 22 10.08 10.85 15.05
N ALA A 23 11.07 11.64 14.67
CA ALA A 23 11.14 12.19 13.32
C ALA A 23 11.62 11.14 12.32
N ASP A 24 12.05 10.00 12.83
CA ASP A 24 12.49 8.91 11.98
C ASP A 24 11.35 7.95 11.67
N LEU A 25 10.59 8.27 10.64
CA LEU A 25 9.47 7.42 10.24
C LEU A 25 9.86 6.57 9.05
N SER A 26 11.15 6.34 8.88
CA SER A 26 11.67 5.55 7.77
C SER A 26 11.21 4.10 7.86
N GLN A 27 11.06 3.60 9.07
CA GLN A 27 10.57 2.24 9.28
C GLN A 27 9.05 2.22 9.30
N TYR A 28 8.46 3.41 9.34
CA TYR A 28 7.00 3.56 9.38
C TYR A 28 6.44 3.65 7.97
N LYS A 29 7.32 3.71 6.99
CA LYS A 29 6.91 3.81 5.60
C LYS A 29 6.48 2.44 5.08
N MET A 30 5.52 2.44 4.17
CA MET A 30 5.01 1.20 3.60
C MET A 30 5.63 0.93 2.24
N ASP A 31 5.75 -0.34 1.89
CA ASP A 31 6.24 -0.74 0.58
C ASP A 31 5.06 -1.10 -0.30
N VAL A 32 4.77 -0.24 -1.26
CA VAL A 32 3.66 -0.45 -2.16
C VAL A 32 4.07 -1.34 -3.33
N THR A 33 3.80 -2.63 -3.18
CA THR A 33 4.07 -3.58 -4.25
C THR A 33 2.81 -3.85 -5.06
N VAL A 34 2.89 -3.66 -6.37
CA VAL A 34 1.76 -3.95 -7.23
C VAL A 34 1.83 -5.41 -7.71
N ILE A 35 0.72 -6.11 -7.58
CA ILE A 35 0.67 -7.53 -7.94
C ILE A 35 0.23 -7.70 -9.39
N ASP A 36 0.98 -8.52 -10.13
CA ASP A 36 0.73 -8.72 -11.55
C ASP A 36 -0.18 -9.92 -11.79
N THR A 37 -1.21 -9.71 -12.57
CA THR A 37 -2.06 -10.80 -13.02
C THR A 37 -2.07 -10.86 -14.54
N LYS A 38 -1.73 -12.01 -15.09
CA LYS A 38 -1.71 -12.19 -16.53
C LYS A 38 -2.94 -12.96 -16.99
N ASP A 39 -3.85 -13.14 -16.05
CA ASP A 39 -5.09 -13.84 -16.28
C ASP A 39 -6.20 -12.82 -16.47
N GLY A 40 -6.94 -12.98 -17.56
CA GLY A 40 -7.99 -12.06 -17.88
C GLY A 40 -7.54 -11.02 -18.90
N SER A 41 -6.23 -10.90 -19.06
CA SER A 41 -5.65 -9.95 -20.00
C SER A 41 -5.40 -10.60 -21.36
N GLN A 42 -5.47 -11.93 -21.39
CA GLN A 42 -5.17 -12.68 -22.60
C GLN A 42 -6.24 -13.74 -22.87
N SER A 43 -7.46 -13.49 -22.40
CA SER A 43 -8.55 -14.44 -22.53
C SER A 43 -8.98 -14.63 -23.98
N LYS A 44 -8.77 -13.60 -24.80
CA LYS A 44 -9.14 -13.67 -26.20
C LYS A 44 -8.05 -14.38 -27.01
N LEU A 45 -6.87 -14.46 -26.43
CA LEU A 45 -5.76 -15.14 -27.07
C LEU A 45 -5.75 -16.62 -26.71
N GLY A 46 -5.96 -16.91 -25.43
CA GLY A 46 -6.01 -18.27 -24.97
C GLY A 46 -4.83 -18.64 -24.11
N GLY A 47 -5.11 -19.07 -22.89
CA GLY A 47 -4.05 -19.45 -21.98
C GLY A 47 -3.57 -20.87 -22.21
N GLY A 48 -3.06 -21.12 -23.41
CA GLY A 48 -2.62 -22.45 -23.77
C GLY A 48 -1.12 -22.61 -23.68
N GLY A 49 -0.68 -23.72 -23.09
CA GLY A 49 0.74 -23.98 -22.96
C GLY A 49 1.32 -23.46 -21.66
N SER A 50 0.63 -22.50 -21.07
CA SER A 50 1.07 -21.88 -19.83
C SER A 50 0.77 -22.76 -18.62
N GLY A 51 1.56 -23.83 -18.47
CA GLY A 51 1.37 -24.75 -17.37
C GLY A 51 1.77 -24.14 -16.03
N GLY A 52 2.68 -23.19 -16.07
CA GLY A 52 3.15 -22.56 -14.85
C GLY A 52 2.39 -21.29 -14.54
N HIS A 53 1.24 -21.13 -15.16
CA HIS A 53 0.41 -19.96 -14.95
C HIS A 53 -0.95 -20.35 -14.41
N MET A 54 -1.37 -19.69 -13.34
CA MET A 54 -2.66 -19.95 -12.74
C MET A 54 -3.66 -18.88 -13.18
N GLY A 55 -4.93 -19.27 -13.25
CA GLY A 55 -5.96 -18.32 -13.63
C GLY A 55 -6.77 -17.86 -12.42
N SER A 56 -7.91 -17.27 -12.69
CA SER A 56 -8.81 -16.84 -11.62
C SER A 56 -9.47 -18.05 -10.96
N GLY A 57 -8.88 -18.52 -9.87
CA GLY A 57 -9.40 -19.68 -9.18
C GLY A 57 -10.63 -19.37 -8.34
N GLY A 58 -11.75 -19.14 -9.00
CA GLY A 58 -12.98 -18.86 -8.30
C GLY A 58 -13.55 -17.51 -8.67
N LEU A 59 -14.54 -17.05 -7.91
CA LEU A 59 -15.17 -15.76 -8.17
C LEU A 59 -14.86 -14.78 -7.05
N SER A 60 -14.04 -15.21 -6.10
CA SER A 60 -13.69 -14.38 -4.97
C SER A 60 -12.41 -13.59 -5.26
N TRP A 61 -11.51 -14.22 -6.01
CA TRP A 61 -10.23 -13.61 -6.37
C TRP A 61 -9.44 -13.25 -5.11
N LYS A 62 -9.43 -11.98 -4.78
CA LYS A 62 -8.76 -11.51 -3.59
C LYS A 62 -9.65 -10.51 -2.87
N ARG A 63 -9.79 -10.69 -1.56
CA ARG A 63 -10.60 -9.79 -0.76
C ARG A 63 -9.72 -8.74 -0.09
N CYS A 64 -10.10 -7.49 -0.22
CA CYS A 64 -9.30 -6.39 0.30
C CYS A 64 -9.58 -6.13 1.78
N ALA A 65 -8.62 -5.50 2.45
CA ALA A 65 -8.75 -5.19 3.86
C ALA A 65 -9.62 -3.96 4.09
N GLY A 66 -9.91 -3.23 3.03
CA GLY A 66 -10.75 -2.05 3.15
C GLY A 66 -12.23 -2.37 3.02
N CYS A 67 -12.75 -2.29 1.79
CA CYS A 67 -14.14 -2.64 1.50
C CYS A 67 -14.50 -4.00 2.11
N GLY A 68 -13.61 -4.97 1.90
CA GLY A 68 -13.87 -6.32 2.36
C GLY A 68 -14.61 -7.12 1.32
N GLY A 69 -14.55 -6.64 0.09
CA GLY A 69 -15.21 -7.31 -1.00
C GLY A 69 -14.22 -7.97 -1.92
N LYS A 70 -14.63 -8.18 -3.17
CA LYS A 70 -13.76 -8.78 -4.16
C LYS A 70 -13.01 -7.68 -4.90
N ILE A 71 -11.69 -7.76 -4.92
CA ILE A 71 -10.89 -6.80 -5.65
C ILE A 71 -11.09 -6.99 -7.14
N ALA A 72 -11.80 -6.07 -7.76
CA ALA A 72 -12.07 -6.15 -9.18
C ALA A 72 -11.39 -5.01 -9.90
N ASP A 73 -10.38 -4.45 -9.26
CA ASP A 73 -9.60 -3.38 -9.86
C ASP A 73 -8.49 -3.96 -10.73
N ARG A 74 -8.54 -5.28 -10.92
CA ARG A 74 -7.57 -6.02 -11.74
C ARG A 74 -6.23 -6.14 -11.03
N PHE A 75 -5.55 -5.01 -10.84
CA PHE A 75 -4.25 -5.02 -10.20
C PHE A 75 -4.38 -4.61 -8.74
N LEU A 76 -3.89 -5.47 -7.85
CA LEU A 76 -3.94 -5.21 -6.43
C LEU A 76 -2.60 -4.67 -5.93
N LEU A 77 -2.64 -3.91 -4.85
CA LEU A 77 -1.45 -3.28 -4.31
C LEU A 77 -1.16 -3.77 -2.90
N TYR A 78 0.04 -3.49 -2.43
CA TYR A 78 0.47 -3.87 -1.10
C TYR A 78 0.71 -2.63 -0.25
N ALA A 79 0.50 -2.77 1.05
CA ALA A 79 0.76 -1.67 1.98
C ALA A 79 1.38 -2.22 3.26
N MET A 80 0.54 -2.59 4.20
CA MET A 80 1.00 -3.17 5.46
C MET A 80 1.27 -4.66 5.28
N ASP A 81 0.20 -5.44 5.30
CA ASP A 81 0.30 -6.89 5.16
C ASP A 81 -0.93 -7.44 4.46
N SER A 82 -1.76 -6.55 3.95
CA SER A 82 -3.00 -6.94 3.30
C SER A 82 -2.97 -6.58 1.82
N TYR A 83 -3.95 -7.05 1.07
CA TYR A 83 -4.05 -6.72 -0.35
C TYR A 83 -5.03 -5.57 -0.55
N TRP A 84 -4.65 -4.62 -1.39
CA TRP A 84 -5.46 -3.43 -1.61
C TRP A 84 -5.67 -3.19 -3.10
N HIS A 85 -6.38 -2.12 -3.42
CA HIS A 85 -6.60 -1.70 -4.81
C HIS A 85 -6.76 -0.18 -4.86
N SER A 86 -7.14 0.35 -6.01
CA SER A 86 -7.26 1.80 -6.18
C SER A 86 -8.26 2.42 -5.22
N ARG A 87 -9.33 1.70 -4.91
CA ARG A 87 -10.37 2.22 -4.03
C ARG A 87 -9.99 2.04 -2.56
N CYS A 88 -9.07 1.12 -2.28
CA CYS A 88 -8.72 0.81 -0.91
C CYS A 88 -7.44 1.49 -0.46
N LEU A 89 -6.42 1.44 -1.32
CA LEU A 89 -5.11 1.94 -0.96
C LEU A 89 -5.06 3.46 -1.01
N LYS A 90 -5.69 4.07 -0.01
CA LYS A 90 -5.72 5.51 0.12
C LYS A 90 -5.47 5.90 1.57
N CYS A 91 -5.04 7.12 1.78
CA CYS A 91 -4.85 7.66 3.11
C CYS A 91 -6.17 7.62 3.88
N SER A 92 -6.12 7.16 5.13
CA SER A 92 -7.32 7.04 5.94
C SER A 92 -7.71 8.41 6.50
N SER A 93 -6.90 9.41 6.22
CA SER A 93 -7.14 10.75 6.74
C SER A 93 -7.70 11.67 5.66
N CYS A 94 -7.07 11.73 4.49
CA CYS A 94 -7.54 12.61 3.43
C CYS A 94 -8.01 11.80 2.21
N GLN A 95 -7.81 10.49 2.28
CA GLN A 95 -8.20 9.57 1.21
C GLN A 95 -7.51 9.90 -0.11
N ALA A 96 -6.22 10.23 -0.02
CA ALA A 96 -5.42 10.45 -1.21
C ALA A 96 -4.89 9.12 -1.73
N GLN A 97 -4.89 8.96 -3.05
CA GLN A 97 -4.41 7.73 -3.66
C GLN A 97 -2.90 7.58 -3.49
N LEU A 98 -2.49 6.52 -2.81
CA LEU A 98 -1.08 6.27 -2.57
C LEU A 98 -0.56 5.13 -3.44
N GLY A 99 -1.48 4.47 -4.14
CA GLY A 99 -1.09 3.34 -4.97
C GLY A 99 -0.95 3.70 -6.44
N ASP A 100 -1.77 4.64 -6.90
CA ASP A 100 -1.73 5.04 -8.31
C ASP A 100 -0.95 6.33 -8.48
N ILE A 101 -0.46 6.82 -7.36
CA ILE A 101 0.37 8.02 -7.35
C ILE A 101 1.50 7.82 -6.36
N GLY A 102 2.67 8.29 -6.70
CA GLY A 102 3.82 8.18 -5.82
C GLY A 102 3.71 9.10 -4.61
N THR A 103 2.74 8.84 -3.77
CA THR A 103 2.53 9.63 -2.57
C THR A 103 3.13 8.91 -1.36
N SER A 104 3.90 9.65 -0.57
CA SER A 104 4.58 9.12 0.60
C SER A 104 3.57 8.69 1.64
N SER A 105 3.46 7.39 1.87
CA SER A 105 2.51 6.84 2.82
C SER A 105 3.23 6.20 4.00
N TYR A 106 2.76 6.50 5.21
CA TYR A 106 3.36 5.99 6.43
C TYR A 106 2.30 5.36 7.32
N THR A 107 2.73 4.71 8.39
CA THR A 107 1.82 4.08 9.32
C THR A 107 2.31 4.21 10.76
N LYS A 108 1.52 3.66 11.68
CA LYS A 108 1.84 3.67 13.10
C LYS A 108 0.85 2.79 13.84
N SER A 109 -0.26 3.37 14.26
CA SER A 109 -1.30 2.65 14.98
C SER A 109 -2.23 1.92 14.01
N GLY A 110 -1.64 1.23 13.04
CA GLY A 110 -2.42 0.47 12.08
C GLY A 110 -3.16 1.34 11.09
N MET A 111 -2.92 2.64 11.15
CA MET A 111 -3.60 3.59 10.27
C MET A 111 -2.75 3.89 9.05
N ILE A 112 -3.40 4.13 7.91
CA ILE A 112 -2.71 4.49 6.69
C ILE A 112 -2.76 6.00 6.51
N LEU A 113 -1.61 6.65 6.64
CA LEU A 113 -1.58 8.10 6.58
C LEU A 113 -0.58 8.57 5.53
N CYS A 114 -0.85 9.71 4.93
CA CYS A 114 0.09 10.32 3.99
C CYS A 114 1.15 11.08 4.76
N ARG A 115 2.09 11.68 4.03
CA ARG A 115 3.20 12.40 4.65
C ARG A 115 2.69 13.53 5.55
N ASN A 116 1.83 14.38 5.00
CA ASN A 116 1.36 15.56 5.72
C ASN A 116 0.44 15.18 6.86
N ASP A 117 -0.37 14.15 6.63
CA ASP A 117 -1.42 13.77 7.59
C ASP A 117 -0.83 13.01 8.78
N TYR A 118 0.17 12.19 8.51
CA TYR A 118 0.79 11.37 9.55
C TYR A 118 1.31 12.24 10.69
N ILE A 119 2.08 13.25 10.34
CA ILE A 119 2.72 14.08 11.35
C ILE A 119 1.71 14.97 12.05
N ARG A 120 0.62 15.26 11.35
CA ARG A 120 -0.46 16.07 11.91
C ARG A 120 -1.23 15.29 12.96
N LEU A 121 -1.47 14.02 12.69
CA LEU A 121 -2.22 13.17 13.60
C LEU A 121 -1.33 12.69 14.74
N PHE A 122 -0.27 11.96 14.41
CA PHE A 122 0.58 11.35 15.42
C PHE A 122 1.96 11.97 15.43
N GLY A 123 2.61 11.98 14.27
CA GLY A 123 3.98 12.42 14.21
C GLY A 123 4.91 11.30 14.62
ZN ZN B . -11.31 -2.51 -1.16
ZN ZN C . -3.71 12.17 3.99
N SER A 3 6.57 37.68 4.41
CA SER A 3 5.26 37.26 3.86
C SER A 3 4.42 36.61 4.95
N LEU A 4 3.49 37.38 5.50
CA LEU A 4 2.60 36.89 6.52
C LEU A 4 1.17 37.35 6.25
N GLN A 5 0.44 36.53 5.49
CA GLN A 5 -0.94 36.84 5.11
C GLN A 5 -0.98 38.07 4.22
N ASN A 6 -0.02 38.15 3.30
CA ASN A 6 0.10 39.32 2.43
C ASN A 6 -0.26 38.96 1.00
N ASN A 7 0.73 38.59 0.20
CA ASN A 7 0.51 38.28 -1.20
C ASN A 7 1.23 37.00 -1.59
N GLN A 8 2.56 37.03 -1.55
CA GLN A 8 3.36 35.87 -1.92
C GLN A 8 3.50 34.92 -0.73
N ASP A 9 2.37 34.52 -0.19
CA ASP A 9 2.33 33.64 0.97
C ASP A 9 2.19 32.19 0.54
N VAL A 10 3.12 31.74 -0.29
CA VAL A 10 3.04 30.40 -0.85
C VAL A 10 4.22 29.53 -0.39
N SER A 11 5.39 29.77 -0.97
CA SER A 11 6.56 28.97 -0.67
C SER A 11 7.46 29.66 0.35
N PHE A 12 7.83 28.93 1.38
CA PHE A 12 8.72 29.46 2.41
C PHE A 12 10.14 28.94 2.19
N GLU A 13 10.92 29.74 1.47
CA GLU A 13 12.29 29.38 1.12
C GLU A 13 13.18 29.26 2.36
N ASN A 14 12.75 29.88 3.44
CA ASN A 14 13.53 29.90 4.67
C ASN A 14 13.66 28.51 5.29
N ILE A 15 12.69 27.65 5.05
CA ILE A 15 12.73 26.30 5.58
C ILE A 15 13.01 25.30 4.48
N GLN A 16 13.97 25.65 3.65
CA GLN A 16 14.39 24.76 2.57
C GLN A 16 15.59 23.95 2.99
N TRP A 17 15.36 22.95 3.82
CA TRP A 17 16.43 22.07 4.28
C TRP A 17 16.96 21.24 3.12
N SER A 18 18.25 20.94 3.16
CA SER A 18 18.87 20.19 2.08
C SER A 18 19.35 18.82 2.57
N ILE A 19 18.47 18.13 3.26
CA ILE A 19 18.77 16.81 3.80
C ILE A 19 17.82 15.77 3.24
N ASP A 20 17.87 14.57 3.81
CA ASP A 20 16.97 13.49 3.40
C ASP A 20 15.56 13.75 3.92
N PRO A 21 14.59 13.94 3.02
CA PRO A 21 13.20 14.16 3.41
C PRO A 21 12.60 12.96 4.15
N GLY A 22 13.21 11.79 3.95
CA GLY A 22 12.75 10.59 4.59
C GLY A 22 13.67 10.15 5.70
N ALA A 23 14.33 11.12 6.33
CA ALA A 23 15.21 10.84 7.46
C ALA A 23 14.41 10.35 8.66
N ASP A 24 13.39 11.11 9.02
CA ASP A 24 12.50 10.73 10.12
C ASP A 24 11.43 9.79 9.62
N LEU A 25 10.77 9.10 10.54
CA LEU A 25 9.72 8.12 10.23
C LEU A 25 10.16 7.15 9.14
N SER A 26 11.44 6.82 9.13
CA SER A 26 12.04 6.00 8.09
C SER A 26 11.47 4.58 8.10
N GLN A 27 11.27 4.03 9.29
CA GLN A 27 10.74 2.69 9.43
C GLN A 27 9.21 2.69 9.44
N TYR A 28 8.61 3.87 9.50
CA TYR A 28 7.17 3.99 9.64
C TYR A 28 6.46 3.99 8.29
N LYS A 29 7.22 4.13 7.22
CA LYS A 29 6.63 4.15 5.89
C LYS A 29 6.42 2.72 5.39
N MET A 30 5.18 2.40 5.06
CA MET A 30 4.85 1.12 4.49
C MET A 30 5.04 1.18 2.98
N ASP A 31 6.25 0.83 2.55
CA ASP A 31 6.60 0.91 1.14
C ASP A 31 5.73 -0.02 0.32
N VAL A 32 5.04 0.53 -0.66
CA VAL A 32 4.01 -0.20 -1.36
C VAL A 32 4.58 -1.08 -2.47
N THR A 33 4.42 -2.38 -2.30
CA THR A 33 4.79 -3.34 -3.31
C THR A 33 3.63 -3.56 -4.26
N VAL A 34 3.87 -3.44 -5.56
CA VAL A 34 2.81 -3.61 -6.53
C VAL A 34 2.87 -5.01 -7.14
N ILE A 35 1.72 -5.67 -7.18
CA ILE A 35 1.65 -7.02 -7.69
C ILE A 35 1.37 -7.02 -9.19
N ASP A 36 2.27 -7.63 -9.95
CA ASP A 36 2.11 -7.74 -11.39
C ASP A 36 0.98 -8.70 -11.75
N THR A 37 -0.09 -8.15 -12.29
CA THR A 37 -1.18 -8.96 -12.79
C THR A 37 -0.92 -9.33 -14.25
N LYS A 38 -0.34 -10.51 -14.44
CA LYS A 38 0.05 -10.98 -15.77
C LYS A 38 -1.17 -11.14 -16.67
N ASP A 39 -2.30 -11.55 -16.08
CA ASP A 39 -3.54 -11.72 -16.83
C ASP A 39 -4.14 -10.37 -17.18
N GLY A 40 -3.56 -9.72 -18.17
CA GLY A 40 -3.99 -8.41 -18.59
C GLY A 40 -2.96 -7.71 -19.45
N SER A 41 -1.76 -7.58 -18.92
CA SER A 41 -0.66 -6.95 -19.65
C SER A 41 -0.04 -7.94 -20.64
N GLN A 42 0.13 -9.19 -20.21
CA GLN A 42 0.68 -10.22 -21.07
C GLN A 42 -0.36 -10.61 -22.12
N SER A 43 -0.15 -10.16 -23.35
CA SER A 43 -1.11 -10.37 -24.42
C SER A 43 -0.44 -10.94 -25.67
N LYS A 44 0.68 -11.63 -25.48
CA LYS A 44 1.41 -12.23 -26.60
C LYS A 44 0.81 -13.58 -26.97
N LEU A 45 0.14 -14.20 -26.02
CA LEU A 45 -0.52 -15.48 -26.24
C LEU A 45 -1.89 -15.48 -25.58
N GLY A 46 -2.78 -16.31 -26.08
CA GLY A 46 -4.11 -16.39 -25.51
C GLY A 46 -5.00 -17.33 -26.28
N GLY A 47 -6.27 -17.33 -25.95
CA GLY A 47 -7.22 -18.19 -26.63
C GLY A 47 -8.59 -17.55 -26.71
N GLY A 48 -9.08 -17.38 -27.93
CA GLY A 48 -10.38 -16.76 -28.12
C GLY A 48 -11.35 -17.68 -28.82
N GLY A 49 -12.01 -17.16 -29.84
CA GLY A 49 -13.00 -17.93 -30.56
C GLY A 49 -14.29 -18.11 -29.78
N SER A 50 -15.06 -19.11 -30.14
CA SER A 50 -16.31 -19.41 -29.45
C SER A 50 -16.03 -20.15 -28.15
N GLY A 51 -15.69 -19.38 -27.11
CA GLY A 51 -15.34 -19.97 -25.83
C GLY A 51 -13.85 -20.03 -25.66
N GLY A 52 -13.25 -18.89 -25.35
CA GLY A 52 -11.81 -18.83 -25.18
C GLY A 52 -11.38 -19.26 -23.79
N HIS A 53 -12.28 -19.12 -22.82
CA HIS A 53 -11.97 -19.47 -21.44
C HIS A 53 -12.88 -20.59 -20.97
N MET A 54 -12.30 -21.55 -20.26
CA MET A 54 -13.07 -22.67 -19.71
C MET A 54 -13.73 -22.23 -18.41
N GLY A 55 -13.01 -21.45 -17.63
CA GLY A 55 -13.52 -20.95 -16.37
C GLY A 55 -12.41 -20.75 -15.36
N SER A 56 -12.37 -19.59 -14.73
CA SER A 56 -11.36 -19.32 -13.72
C SER A 56 -11.66 -20.11 -12.44
N GLY A 57 -10.76 -21.03 -12.10
CA GLY A 57 -10.92 -21.83 -10.90
C GLY A 57 -10.58 -21.04 -9.64
N GLY A 58 -11.42 -20.08 -9.32
CA GLY A 58 -11.19 -19.24 -8.17
C GLY A 58 -11.62 -17.81 -8.43
N LEU A 59 -12.89 -17.53 -8.18
CA LEU A 59 -13.46 -16.22 -8.49
C LEU A 59 -13.31 -15.26 -7.32
N SER A 60 -12.48 -15.63 -6.36
CA SER A 60 -12.22 -14.79 -5.21
C SER A 60 -11.01 -13.89 -5.45
N TRP A 61 -10.03 -14.43 -6.18
CA TRP A 61 -8.78 -13.74 -6.49
C TRP A 61 -8.14 -13.21 -5.20
N LYS A 62 -7.95 -11.89 -5.14
CA LYS A 62 -7.35 -11.25 -4.00
C LYS A 62 -8.40 -10.44 -3.24
N ARG A 63 -8.36 -10.53 -1.93
CA ARG A 63 -9.33 -9.86 -1.07
C ARG A 63 -9.03 -8.36 -0.97
N CYS A 64 -10.08 -7.55 -1.03
CA CYS A 64 -9.95 -6.12 -0.87
C CYS A 64 -10.28 -5.77 0.58
N ALA A 65 -9.41 -4.99 1.21
CA ALA A 65 -9.46 -4.79 2.66
C ALA A 65 -10.26 -3.55 3.06
N GLY A 66 -9.93 -2.42 2.44
CA GLY A 66 -10.52 -1.14 2.84
C GLY A 66 -12.03 -1.14 2.72
N CYS A 67 -12.54 -1.39 1.53
CA CYS A 67 -13.97 -1.51 1.31
C CYS A 67 -14.48 -2.81 1.93
N GLY A 68 -13.79 -3.90 1.64
CA GLY A 68 -14.13 -5.17 2.24
C GLY A 68 -14.68 -6.17 1.24
N GLY A 69 -14.23 -6.06 -0.01
CA GLY A 69 -14.71 -6.95 -1.04
C GLY A 69 -13.57 -7.75 -1.64
N LYS A 70 -13.47 -7.70 -2.96
CA LYS A 70 -12.39 -8.38 -3.67
C LYS A 70 -11.89 -7.50 -4.81
N ILE A 71 -10.59 -7.50 -5.03
CA ILE A 71 -9.99 -6.61 -6.00
C ILE A 71 -10.31 -7.05 -7.43
N ALA A 72 -11.17 -6.30 -8.09
CA ALA A 72 -11.46 -6.53 -9.48
C ALA A 72 -11.02 -5.33 -10.30
N ASP A 73 -10.13 -4.54 -9.72
CA ASP A 73 -9.56 -3.37 -10.39
C ASP A 73 -8.61 -3.83 -11.50
N ARG A 74 -7.37 -4.13 -11.13
CA ARG A 74 -6.39 -4.69 -12.04
C ARG A 74 -5.11 -5.00 -11.28
N PHE A 75 -4.39 -3.95 -10.91
CA PHE A 75 -3.17 -4.10 -10.16
C PHE A 75 -3.42 -3.90 -8.68
N LEU A 76 -2.91 -4.80 -7.86
CA LEU A 76 -3.10 -4.72 -6.42
C LEU A 76 -1.87 -4.14 -5.75
N LEU A 77 -2.10 -3.38 -4.70
CA LEU A 77 -1.03 -2.70 -3.97
C LEU A 77 -0.85 -3.34 -2.59
N TYR A 78 0.36 -3.27 -2.10
CA TYR A 78 0.70 -3.82 -0.79
C TYR A 78 1.03 -2.71 0.19
N ALA A 79 0.21 -2.57 1.22
CA ALA A 79 0.47 -1.57 2.25
C ALA A 79 0.80 -2.24 3.58
N MET A 80 -0.19 -2.31 4.46
CA MET A 80 -0.02 -2.91 5.78
C MET A 80 0.44 -4.36 5.65
N ASP A 81 -0.42 -5.17 5.05
CA ASP A 81 -0.15 -6.60 4.85
C ASP A 81 -1.23 -7.20 3.97
N SER A 82 -2.22 -6.40 3.65
CA SER A 82 -3.35 -6.82 2.86
C SER A 82 -3.21 -6.35 1.42
N TYR A 83 -4.08 -6.82 0.55
CA TYR A 83 -4.08 -6.41 -0.84
C TYR A 83 -5.09 -5.28 -1.05
N TRP A 84 -4.66 -4.23 -1.73
CA TRP A 84 -5.51 -3.08 -1.97
C TRP A 84 -5.58 -2.77 -3.46
N HIS A 85 -6.66 -2.15 -3.88
CA HIS A 85 -6.77 -1.63 -5.25
C HIS A 85 -6.73 -0.11 -5.18
N SER A 86 -6.90 0.54 -6.33
CA SER A 86 -6.79 1.99 -6.42
C SER A 86 -7.57 2.73 -5.33
N ARG A 87 -8.82 2.33 -5.11
CA ARG A 87 -9.68 3.05 -4.15
C ARG A 87 -9.62 2.45 -2.75
N CYS A 88 -8.86 1.39 -2.56
CA CYS A 88 -8.75 0.78 -1.24
C CYS A 88 -7.65 1.47 -0.43
N LEU A 89 -6.48 1.57 -1.03
CA LEU A 89 -5.36 2.23 -0.39
C LEU A 89 -5.58 3.75 -0.39
N LYS A 90 -6.23 4.23 0.65
CA LYS A 90 -6.45 5.66 0.80
C LYS A 90 -6.14 6.08 2.22
N CYS A 91 -5.60 7.27 2.37
CA CYS A 91 -5.29 7.83 3.66
C CYS A 91 -6.56 7.94 4.49
N SER A 92 -6.48 7.50 5.74
CA SER A 92 -7.66 7.48 6.60
C SER A 92 -8.00 8.87 7.13
N SER A 93 -7.20 9.86 6.75
CA SER A 93 -7.40 11.22 7.24
C SER A 93 -7.97 12.13 6.15
N CYS A 94 -7.34 12.15 4.97
CA CYS A 94 -7.80 13.03 3.90
C CYS A 94 -8.37 12.22 2.74
N GLN A 95 -8.41 10.90 2.91
CA GLN A 95 -8.97 10.00 1.92
C GLN A 95 -8.20 10.07 0.61
N ALA A 96 -6.93 10.46 0.67
CA ALA A 96 -6.08 10.50 -0.50
C ALA A 96 -5.93 9.11 -1.09
N GLN A 97 -6.34 8.95 -2.34
CA GLN A 97 -6.30 7.66 -3.00
C GLN A 97 -4.88 7.31 -3.42
N LEU A 98 -4.14 6.70 -2.52
CA LEU A 98 -2.75 6.34 -2.76
C LEU A 98 -2.65 5.13 -3.68
N GLY A 99 -3.79 4.45 -3.86
CA GLY A 99 -3.83 3.26 -4.70
C GLY A 99 -3.46 3.53 -6.13
N ASP A 100 -4.16 4.46 -6.78
CA ASP A 100 -3.91 4.75 -8.19
C ASP A 100 -2.77 5.75 -8.34
N ILE A 101 -2.03 5.96 -7.27
CA ILE A 101 -0.86 6.83 -7.30
C ILE A 101 0.40 6.01 -7.08
N GLY A 102 0.34 5.15 -6.08
CA GLY A 102 1.46 4.29 -5.75
C GLY A 102 2.27 4.82 -4.59
N THR A 103 1.68 5.73 -3.83
CA THR A 103 2.37 6.38 -2.73
C THR A 103 2.46 5.46 -1.51
N SER A 104 3.69 5.24 -1.05
CA SER A 104 3.91 4.47 0.17
C SER A 104 3.41 5.23 1.38
N SER A 105 2.32 4.76 1.96
CA SER A 105 1.69 5.43 3.08
C SER A 105 2.47 5.19 4.37
N TYR A 106 2.24 6.02 5.36
CA TYR A 106 2.92 5.89 6.64
C TYR A 106 1.98 5.30 7.66
N THR A 107 2.51 4.72 8.73
CA THR A 107 1.68 4.10 9.73
C THR A 107 2.35 4.10 11.10
N LYS A 108 1.61 3.66 12.10
CA LYS A 108 2.10 3.54 13.45
C LYS A 108 1.17 2.63 14.25
N SER A 109 0.03 3.18 14.65
CA SER A 109 -0.97 2.43 15.39
C SER A 109 -1.98 1.76 14.46
N GLY A 110 -1.47 1.18 13.37
CA GLY A 110 -2.33 0.50 12.42
C GLY A 110 -3.06 1.45 11.48
N MET A 111 -2.91 2.74 11.72
CA MET A 111 -3.57 3.75 10.90
C MET A 111 -2.76 4.04 9.65
N ILE A 112 -3.42 3.98 8.50
CA ILE A 112 -2.75 4.26 7.23
C ILE A 112 -3.01 5.69 6.81
N LEU A 113 -1.97 6.50 6.83
CA LEU A 113 -2.08 7.92 6.51
C LEU A 113 -1.09 8.30 5.43
N CYS A 114 -1.36 9.40 4.74
CA CYS A 114 -0.52 9.84 3.65
C CYS A 114 0.80 10.43 4.17
N ARG A 115 1.68 10.78 3.24
CA ARG A 115 2.98 11.36 3.57
C ARG A 115 2.81 12.68 4.30
N ASN A 116 1.74 13.39 3.96
CA ASN A 116 1.47 14.70 4.54
C ASN A 116 0.78 14.57 5.89
N ASP A 117 -0.16 13.64 5.97
CA ASP A 117 -1.04 13.52 7.13
C ASP A 117 -0.34 12.86 8.31
N TYR A 118 0.48 11.85 8.06
CA TYR A 118 1.11 11.12 9.15
C TYR A 118 1.92 12.05 10.05
N ILE A 119 2.66 12.97 9.45
CA ILE A 119 3.48 13.90 10.21
C ILE A 119 2.61 14.91 10.95
N ARG A 120 1.45 15.18 10.38
CA ARG A 120 0.48 16.09 11.00
C ARG A 120 -0.23 15.41 12.16
N LEU A 121 -0.51 14.12 12.01
CA LEU A 121 -1.20 13.36 13.04
C LEU A 121 -0.24 12.91 14.14
N PHE A 122 0.76 12.14 13.78
CA PHE A 122 1.69 11.57 14.75
C PHE A 122 3.04 12.28 14.68
N GLY A 123 4.00 11.63 14.03
CA GLY A 123 5.33 12.19 13.92
C GLY A 123 6.40 11.16 14.20
ZN ZN B . -11.38 -2.18 -1.57
ZN ZN C . -3.92 12.32 4.14
N SER A 3 -4.14 31.50 -1.74
CA SER A 3 -3.96 32.94 -1.99
C SER A 3 -2.66 33.44 -1.37
N LEU A 4 -1.55 32.92 -1.86
CA LEU A 4 -0.23 33.34 -1.40
C LEU A 4 0.65 33.55 -2.62
N GLN A 5 0.19 34.44 -3.50
CA GLN A 5 0.85 34.72 -4.76
C GLN A 5 2.29 35.19 -4.56
N ASN A 6 3.14 34.91 -5.54
CA ASN A 6 4.54 35.27 -5.48
C ASN A 6 4.72 36.76 -5.75
N ASN A 7 4.76 37.54 -4.69
CA ASN A 7 5.06 38.97 -4.81
C ASN A 7 6.43 39.26 -4.23
N GLN A 8 6.97 38.28 -3.50
CA GLN A 8 8.27 38.40 -2.86
C GLN A 8 9.15 37.23 -3.26
N ASP A 9 10.29 37.54 -3.88
CA ASP A 9 11.24 36.51 -4.27
C ASP A 9 11.90 35.89 -3.04
N VAL A 10 12.17 34.60 -3.11
CA VAL A 10 12.75 33.87 -1.99
C VAL A 10 14.16 33.39 -2.30
N SER A 11 14.83 32.88 -1.29
CA SER A 11 16.19 32.37 -1.43
C SER A 11 16.44 31.26 -0.41
N PHE A 12 17.29 30.30 -0.78
CA PHE A 12 17.61 29.19 0.11
C PHE A 12 18.38 29.69 1.34
N GLU A 13 19.01 30.85 1.19
CA GLU A 13 19.75 31.47 2.28
C GLU A 13 18.80 31.91 3.38
N ASN A 14 17.54 32.15 3.02
CA ASN A 14 16.52 32.53 3.98
C ASN A 14 15.87 31.29 4.59
N ILE A 15 15.44 30.39 3.73
CA ILE A 15 14.82 29.14 4.16
C ILE A 15 15.79 27.98 3.99
N GLN A 16 16.74 27.89 4.91
CA GLN A 16 17.72 26.81 4.88
C GLN A 16 17.09 25.50 5.32
N TRP A 17 16.51 24.80 4.35
CA TRP A 17 15.82 23.55 4.60
C TRP A 17 16.73 22.36 4.29
N SER A 18 17.97 22.45 4.72
CA SER A 18 18.96 21.41 4.43
C SER A 18 18.85 20.24 5.41
N ILE A 19 17.68 19.62 5.45
CA ILE A 19 17.43 18.49 6.33
C ILE A 19 16.82 17.33 5.55
N ASP A 20 16.83 16.14 6.16
CA ASP A 20 16.25 14.96 5.53
C ASP A 20 14.74 14.97 5.67
N PRO A 21 14.03 14.41 4.68
CA PRO A 21 12.56 14.39 4.66
C PRO A 21 11.96 13.28 5.53
N GLY A 22 12.47 13.15 6.74
CA GLY A 22 11.94 12.17 7.68
C GLY A 22 12.42 10.77 7.38
N ALA A 23 13.74 10.61 7.31
CA ALA A 23 14.34 9.30 7.04
C ALA A 23 14.04 8.31 8.16
N ASP A 24 13.85 8.84 9.37
CA ASP A 24 13.50 8.02 10.53
C ASP A 24 12.09 7.46 10.40
N LEU A 25 11.25 8.14 9.64
CA LEU A 25 9.86 7.73 9.49
C LEU A 25 9.73 6.57 8.51
N SER A 26 10.85 6.17 7.90
CA SER A 26 10.86 5.08 6.96
C SER A 26 10.64 3.74 7.67
N GLN A 27 10.74 3.76 8.99
CA GLN A 27 10.43 2.58 9.79
C GLN A 27 8.92 2.38 9.90
N TYR A 28 8.19 3.47 9.69
CA TYR A 28 6.73 3.43 9.72
C TYR A 28 6.18 3.47 8.29
N LYS A 29 7.08 3.31 7.33
CA LYS A 29 6.74 3.47 5.92
C LYS A 29 6.18 2.20 5.31
N MET A 30 5.35 2.37 4.31
CA MET A 30 4.86 1.26 3.51
C MET A 30 4.87 1.65 2.04
N ASP A 31 5.64 0.93 1.24
CA ASP A 31 5.72 1.22 -0.18
C ASP A 31 4.83 0.27 -0.96
N VAL A 32 4.30 0.76 -2.07
CA VAL A 32 3.30 0.03 -2.82
C VAL A 32 3.94 -0.98 -3.78
N THR A 33 3.80 -2.26 -3.45
CA THR A 33 4.22 -3.33 -4.35
C THR A 33 3.07 -3.68 -5.29
N VAL A 34 3.33 -3.69 -6.58
CA VAL A 34 2.28 -3.98 -7.56
C VAL A 34 2.33 -5.45 -7.98
N ILE A 35 1.16 -6.05 -8.11
CA ILE A 35 1.06 -7.44 -8.55
C ILE A 35 0.42 -7.51 -9.93
N ASP A 36 1.02 -8.28 -10.82
CA ASP A 36 0.54 -8.39 -12.20
C ASP A 36 -0.58 -9.41 -12.32
N THR A 37 -1.80 -8.96 -12.08
CA THR A 37 -2.97 -9.83 -12.21
C THR A 37 -3.38 -9.99 -13.68
N LYS A 38 -2.55 -10.69 -14.44
CA LYS A 38 -2.86 -10.97 -15.83
C LYS A 38 -3.49 -12.35 -15.98
N ASP A 39 -3.46 -13.12 -14.90
CA ASP A 39 -4.02 -14.46 -14.88
C ASP A 39 -5.54 -14.40 -14.98
N GLY A 40 -6.03 -14.53 -16.20
CA GLY A 40 -7.46 -14.42 -16.46
C GLY A 40 -7.73 -13.72 -17.77
N SER A 41 -6.84 -12.81 -18.15
CA SER A 41 -6.97 -12.09 -19.41
C SER A 41 -6.45 -12.95 -20.56
N GLN A 42 -5.58 -13.90 -20.23
CA GLN A 42 -5.03 -14.81 -21.23
C GLN A 42 -5.80 -16.13 -21.24
N SER A 43 -6.51 -16.37 -22.33
CA SER A 43 -7.31 -17.58 -22.46
C SER A 43 -6.44 -18.80 -22.75
N LYS A 44 -5.33 -18.59 -23.44
CA LYS A 44 -4.43 -19.69 -23.79
C LYS A 44 -3.47 -20.00 -22.65
N LEU A 45 -3.22 -19.00 -21.82
CA LEU A 45 -2.29 -19.14 -20.70
C LEU A 45 -2.88 -18.51 -19.45
N GLY A 46 -3.84 -19.18 -18.84
CA GLY A 46 -4.47 -18.66 -17.64
C GLY A 46 -4.97 -19.74 -16.72
N GLY A 47 -4.80 -19.55 -15.43
CA GLY A 47 -5.26 -20.52 -14.47
C GLY A 47 -4.18 -21.51 -14.08
N GLY A 48 -4.35 -22.14 -12.92
CA GLY A 48 -3.37 -23.10 -12.47
C GLY A 48 -4.00 -24.14 -11.58
N GLY A 49 -4.65 -25.11 -12.20
CA GLY A 49 -5.36 -26.14 -11.45
C GLY A 49 -6.83 -25.80 -11.30
N SER A 50 -7.17 -24.61 -11.75
CA SER A 50 -8.54 -24.14 -11.71
C SER A 50 -9.36 -24.69 -12.89
N GLY A 51 -8.65 -25.32 -13.83
CA GLY A 51 -9.31 -25.86 -15.00
C GLY A 51 -9.75 -24.78 -15.96
N GLY A 52 -11.05 -24.70 -16.20
CA GLY A 52 -11.59 -23.71 -17.09
C GLY A 52 -12.27 -22.58 -16.33
N HIS A 53 -12.07 -22.56 -15.02
CA HIS A 53 -12.66 -21.54 -14.17
C HIS A 53 -11.68 -20.39 -13.94
N MET A 54 -12.21 -19.20 -13.70
CA MET A 54 -11.38 -18.03 -13.40
C MET A 54 -10.87 -18.11 -11.95
N GLY A 55 -10.16 -19.17 -11.64
CA GLY A 55 -9.69 -19.37 -10.30
C GLY A 55 -8.23 -19.03 -10.13
N SER A 56 -7.91 -17.75 -10.21
CA SER A 56 -6.56 -17.28 -9.94
C SER A 56 -6.30 -17.25 -8.43
N GLY A 57 -6.24 -18.44 -7.84
CA GLY A 57 -6.14 -18.57 -6.41
C GLY A 57 -7.50 -18.90 -5.81
N GLY A 58 -8.54 -18.53 -6.53
CA GLY A 58 -9.89 -18.79 -6.10
C GLY A 58 -10.87 -17.85 -6.76
N LEU A 59 -12.16 -18.15 -6.65
CA LEU A 59 -13.19 -17.28 -7.23
C LEU A 59 -13.38 -16.04 -6.38
N SER A 60 -12.77 -16.04 -5.21
CA SER A 60 -12.79 -14.89 -4.32
C SER A 60 -11.62 -13.98 -4.66
N TRP A 61 -10.76 -14.45 -5.56
CA TRP A 61 -9.58 -13.72 -6.01
C TRP A 61 -8.71 -13.32 -4.82
N LYS A 62 -8.38 -12.05 -4.73
CA LYS A 62 -7.60 -11.54 -3.63
C LYS A 62 -8.43 -10.56 -2.81
N ARG A 63 -8.52 -10.83 -1.51
CA ARG A 63 -9.32 -10.02 -0.60
C ARG A 63 -8.80 -8.59 -0.52
N CYS A 64 -9.71 -7.64 -0.42
CA CYS A 64 -9.35 -6.25 -0.29
C CYS A 64 -9.64 -5.79 1.14
N ALA A 65 -8.80 -4.90 1.67
CA ALA A 65 -8.78 -4.64 3.10
C ALA A 65 -9.69 -3.48 3.52
N GLY A 66 -9.53 -2.34 2.89
CA GLY A 66 -10.24 -1.14 3.31
C GLY A 66 -11.74 -1.26 3.16
N CYS A 67 -12.20 -1.40 1.92
CA CYS A 67 -13.62 -1.62 1.65
C CYS A 67 -14.09 -2.90 2.31
N GLY A 68 -13.31 -3.97 2.15
CA GLY A 68 -13.63 -5.22 2.79
C GLY A 68 -14.29 -6.20 1.84
N GLY A 69 -13.73 -6.33 0.65
CA GLY A 69 -14.29 -7.24 -0.33
C GLY A 69 -13.21 -8.04 -1.02
N LYS A 70 -13.07 -7.78 -2.31
CA LYS A 70 -12.00 -8.37 -3.09
C LYS A 70 -11.63 -7.40 -4.20
N ILE A 71 -10.35 -7.35 -4.54
CA ILE A 71 -9.86 -6.40 -5.52
C ILE A 71 -10.48 -6.67 -6.88
N ALA A 72 -11.38 -5.79 -7.29
CA ALA A 72 -12.04 -5.90 -8.56
C ALA A 72 -11.73 -4.69 -9.43
N ASP A 73 -10.66 -4.00 -9.07
CA ASP A 73 -10.15 -2.91 -9.89
C ASP A 73 -9.40 -3.53 -11.07
N ARG A 74 -8.25 -4.11 -10.76
CA ARG A 74 -7.49 -4.96 -11.69
C ARG A 74 -6.20 -5.40 -11.03
N PHE A 75 -5.33 -4.47 -10.75
CA PHE A 75 -4.05 -4.76 -10.14
C PHE A 75 -4.13 -4.57 -8.64
N LEU A 76 -3.56 -5.49 -7.89
CA LEU A 76 -3.54 -5.38 -6.44
C LEU A 76 -2.21 -4.80 -5.98
N LEU A 77 -2.25 -4.03 -4.92
CA LEU A 77 -1.07 -3.38 -4.40
C LEU A 77 -0.81 -3.81 -2.95
N TYR A 78 0.35 -3.44 -2.45
CA TYR A 78 0.77 -3.82 -1.10
C TYR A 78 1.03 -2.58 -0.25
N ALA A 79 0.80 -2.73 1.05
CA ALA A 79 1.09 -1.67 2.00
C ALA A 79 1.66 -2.28 3.27
N MET A 80 0.78 -2.60 4.21
CA MET A 80 1.19 -3.30 5.43
C MET A 80 1.47 -4.76 5.11
N ASP A 81 0.41 -5.56 5.03
CA ASP A 81 0.54 -6.97 4.68
C ASP A 81 -0.70 -7.44 3.92
N SER A 82 -1.60 -6.52 3.65
CA SER A 82 -2.84 -6.84 2.98
C SER A 82 -2.75 -6.55 1.49
N TYR A 83 -3.75 -7.01 0.75
CA TYR A 83 -3.84 -6.72 -0.67
C TYR A 83 -4.77 -5.54 -0.87
N TRP A 84 -4.31 -4.53 -1.59
CA TRP A 84 -5.08 -3.32 -1.77
C TRP A 84 -5.31 -3.04 -3.25
N HIS A 85 -6.03 -1.96 -3.52
CA HIS A 85 -6.28 -1.49 -4.88
C HIS A 85 -6.46 0.02 -4.83
N SER A 86 -6.79 0.61 -5.97
CA SER A 86 -6.90 2.06 -6.09
C SER A 86 -7.90 2.66 -5.08
N ARG A 87 -8.96 1.91 -4.79
CA ARG A 87 -10.01 2.41 -3.91
C ARG A 87 -9.77 2.02 -2.45
N CYS A 88 -8.73 1.23 -2.19
CA CYS A 88 -8.43 0.80 -0.84
C CYS A 88 -7.33 1.65 -0.23
N LEU A 89 -6.17 1.65 -0.87
CA LEU A 89 -5.02 2.38 -0.37
C LEU A 89 -5.21 3.89 -0.54
N LYS A 90 -5.85 4.50 0.43
CA LYS A 90 -6.03 5.93 0.46
C LYS A 90 -5.92 6.43 1.88
N CYS A 91 -5.33 7.60 2.05
CA CYS A 91 -5.21 8.22 3.36
C CYS A 91 -6.58 8.34 4.00
N SER A 92 -6.67 7.94 5.25
CA SER A 92 -7.95 7.95 5.94
C SER A 92 -8.39 9.38 6.27
N SER A 93 -7.47 10.32 6.17
CA SER A 93 -7.75 11.69 6.57
C SER A 93 -8.13 12.57 5.37
N CYS A 94 -7.31 12.58 4.32
CA CYS A 94 -7.58 13.44 3.18
C CYS A 94 -7.98 12.62 1.96
N GLN A 95 -7.98 11.29 2.14
CA GLN A 95 -8.37 10.35 1.09
C GLN A 95 -7.50 10.48 -0.15
N ALA A 96 -6.21 10.71 0.07
CA ALA A 96 -5.25 10.71 -1.03
C ALA A 96 -5.10 9.29 -1.55
N GLN A 97 -5.31 9.13 -2.85
CA GLN A 97 -5.35 7.81 -3.46
C GLN A 97 -3.94 7.28 -3.73
N LEU A 98 -3.31 6.76 -2.68
CA LEU A 98 -1.97 6.18 -2.79
C LEU A 98 -2.01 4.88 -3.57
N GLY A 99 -3.22 4.40 -3.85
CA GLY A 99 -3.38 3.22 -4.67
C GLY A 99 -3.06 3.47 -6.13
N ASP A 100 -3.21 4.72 -6.56
CA ASP A 100 -2.87 5.10 -7.92
C ASP A 100 -1.50 5.74 -7.96
N ILE A 101 -1.23 6.47 -6.92
CA ILE A 101 0.07 7.09 -6.73
C ILE A 101 0.86 6.31 -5.69
N GLY A 102 1.61 5.33 -6.15
CA GLY A 102 2.28 4.40 -5.26
C GLY A 102 3.46 4.98 -4.53
N THR A 103 3.20 5.94 -3.66
CA THR A 103 4.25 6.52 -2.83
C THR A 103 4.20 5.94 -1.43
N SER A 104 5.36 5.84 -0.79
CA SER A 104 5.47 5.27 0.54
C SER A 104 4.64 6.07 1.55
N SER A 105 3.57 5.46 2.04
CA SER A 105 2.71 6.07 3.03
C SER A 105 3.22 5.75 4.43
N TYR A 106 2.51 6.21 5.45
CA TYR A 106 2.97 6.03 6.82
C TYR A 106 1.88 5.41 7.70
N THR A 107 2.32 4.61 8.66
CA THR A 107 1.42 4.00 9.62
C THR A 107 1.99 4.12 11.03
N LYS A 108 1.21 3.72 12.03
CA LYS A 108 1.66 3.74 13.40
C LYS A 108 0.77 2.87 14.28
N SER A 109 -0.52 3.18 14.27
CA SER A 109 -1.48 2.43 15.05
C SER A 109 -2.55 1.81 14.17
N GLY A 110 -2.11 1.11 13.12
CA GLY A 110 -3.06 0.45 12.22
C GLY A 110 -3.81 1.43 11.35
N MET A 111 -3.18 2.56 11.05
CA MET A 111 -3.81 3.58 10.23
C MET A 111 -2.86 4.00 9.12
N ILE A 112 -3.37 4.01 7.89
CA ILE A 112 -2.56 4.41 6.73
C ILE A 112 -2.83 5.86 6.37
N LEU A 113 -1.85 6.72 6.58
CA LEU A 113 -2.01 8.14 6.30
C LEU A 113 -0.95 8.60 5.30
N CYS A 114 -1.18 9.76 4.71
CA CYS A 114 -0.23 10.33 3.76
C CYS A 114 0.98 10.91 4.50
N ARG A 115 1.90 11.49 3.74
CA ARG A 115 3.11 12.06 4.31
C ARG A 115 2.77 13.21 5.26
N ASN A 116 1.78 14.00 4.88
CA ASN A 116 1.40 15.17 5.66
C ASN A 116 0.55 14.79 6.85
N ASP A 117 -0.45 13.94 6.60
CA ASP A 117 -1.46 13.64 7.60
C ASP A 117 -0.92 12.78 8.73
N TYR A 118 0.15 12.05 8.46
CA TYR A 118 0.79 11.25 9.49
C TYR A 118 1.31 12.15 10.61
N ILE A 119 1.92 13.26 10.23
CA ILE A 119 2.48 14.20 11.19
C ILE A 119 1.35 14.94 11.92
N ARG A 120 0.25 15.16 11.21
CA ARG A 120 -0.91 15.82 11.77
C ARG A 120 -1.62 14.92 12.77
N LEU A 121 -1.65 13.63 12.46
CA LEU A 121 -2.32 12.66 13.31
C LEU A 121 -1.43 12.25 14.48
N PHE A 122 -0.22 11.81 14.19
CA PHE A 122 0.69 11.32 15.22
C PHE A 122 2.03 12.05 15.15
N GLY A 123 2.86 11.68 14.18
CA GLY A 123 4.19 12.22 14.09
C GLY A 123 5.17 11.40 14.90
ZN ZN B . -10.86 -2.27 -1.14
ZN ZN C . -3.78 12.66 4.03
N SER A 3 32.34 27.76 -1.75
CA SER A 3 33.20 26.61 -1.37
C SER A 3 32.36 25.37 -1.12
N LEU A 4 33.01 24.24 -0.86
CA LEU A 4 32.30 22.98 -0.66
C LEU A 4 32.61 22.36 0.70
N GLN A 5 33.56 22.97 1.43
CA GLN A 5 33.91 22.49 2.75
C GLN A 5 33.17 23.30 3.82
N ASN A 6 32.09 23.95 3.41
CA ASN A 6 31.30 24.78 4.31
C ASN A 6 29.84 24.38 4.26
N ASN A 7 29.49 23.34 5.01
CA ASN A 7 28.12 22.83 5.02
C ASN A 7 27.86 22.00 6.27
N GLN A 8 26.99 22.52 7.13
CA GLN A 8 26.62 21.82 8.36
C GLN A 8 25.27 21.14 8.19
N ASP A 9 25.18 20.31 7.16
CA ASP A 9 23.95 19.60 6.86
C ASP A 9 24.03 18.17 7.37
N VAL A 10 22.88 17.52 7.48
CA VAL A 10 22.82 16.12 7.90
C VAL A 10 22.92 15.21 6.69
N SER A 11 23.96 15.42 5.89
CA SER A 11 24.18 14.64 4.68
C SER A 11 24.70 13.24 5.00
N PHE A 12 23.90 12.47 5.69
CA PHE A 12 24.26 11.10 6.04
C PHE A 12 23.04 10.19 6.02
N GLU A 13 22.64 9.81 4.82
CA GLU A 13 21.49 8.95 4.62
C GLU A 13 21.91 7.48 4.74
N ASN A 14 23.21 7.27 4.79
CA ASN A 14 23.78 5.94 4.87
C ASN A 14 23.59 5.33 6.27
N ILE A 15 23.48 6.19 7.27
CA ILE A 15 23.34 5.72 8.64
C ILE A 15 21.89 5.75 9.09
N GLN A 16 21.11 4.82 8.56
CA GLN A 16 19.71 4.70 8.93
C GLN A 16 19.53 3.62 9.98
N TRP A 17 20.31 3.75 11.06
CA TRP A 17 20.27 2.78 12.16
C TRP A 17 19.14 3.12 13.12
N SER A 18 19.29 2.72 14.39
CA SER A 18 18.27 2.96 15.39
C SER A 18 18.32 4.41 15.89
N ILE A 19 17.99 5.33 14.99
CA ILE A 19 17.93 6.75 15.34
C ILE A 19 16.59 7.09 15.96
N ASP A 20 16.28 8.37 16.04
CA ASP A 20 15.00 8.81 16.57
C ASP A 20 13.90 8.63 15.55
N PRO A 21 12.84 7.89 15.91
CA PRO A 21 11.72 7.58 14.99
C PRO A 21 10.89 8.80 14.62
N GLY A 22 11.19 9.93 15.25
CA GLY A 22 10.51 11.17 14.92
C GLY A 22 11.35 12.03 14.00
N ALA A 23 12.66 11.85 14.07
CA ALA A 23 13.58 12.56 13.19
C ALA A 23 13.42 12.08 11.75
N ASP A 24 13.28 10.77 11.60
CA ASP A 24 12.97 10.19 10.30
C ASP A 24 11.98 9.04 10.48
N LEU A 25 11.02 8.97 9.59
CA LEU A 25 9.95 7.98 9.70
C LEU A 25 10.19 6.83 8.74
N SER A 26 11.44 6.42 8.62
CA SER A 26 11.84 5.36 7.69
C SER A 26 11.11 4.05 7.99
N GLN A 27 10.85 3.81 9.26
CA GLN A 27 10.19 2.57 9.67
C GLN A 27 8.68 2.70 9.61
N TYR A 28 8.19 3.91 9.38
CA TYR A 28 6.76 4.17 9.38
C TYR A 28 6.18 4.10 7.96
N LYS A 29 7.02 4.31 6.95
CA LYS A 29 6.56 4.24 5.57
C LYS A 29 6.41 2.79 5.15
N MET A 30 5.21 2.44 4.71
CA MET A 30 4.90 1.08 4.30
C MET A 30 5.40 0.82 2.88
N ASP A 31 5.87 -0.39 2.64
CA ASP A 31 6.39 -0.77 1.34
C ASP A 31 5.26 -1.11 0.39
N VAL A 32 4.98 -0.22 -0.54
CA VAL A 32 3.89 -0.41 -1.49
C VAL A 32 4.36 -1.23 -2.68
N THR A 33 4.12 -2.53 -2.61
CA THR A 33 4.48 -3.44 -3.71
C THR A 33 3.32 -3.58 -4.68
N VAL A 34 3.48 -3.03 -5.88
CA VAL A 34 2.46 -3.15 -6.90
C VAL A 34 2.58 -4.52 -7.58
N ILE A 35 1.50 -5.28 -7.56
CA ILE A 35 1.51 -6.63 -8.11
C ILE A 35 1.09 -6.61 -9.58
N ASP A 36 1.90 -7.25 -10.41
CA ASP A 36 1.63 -7.36 -11.84
C ASP A 36 0.63 -8.49 -12.10
N THR A 37 -0.59 -8.11 -12.49
CA THR A 37 -1.65 -9.07 -12.72
C THR A 37 -1.49 -9.83 -14.03
N LYS A 38 -0.42 -10.59 -14.14
CA LYS A 38 -0.18 -11.43 -15.31
C LYS A 38 -1.05 -12.68 -15.24
N ASP A 39 -1.17 -13.25 -14.04
CA ASP A 39 -1.96 -14.43 -13.83
C ASP A 39 -3.44 -14.07 -13.82
N GLY A 40 -4.16 -14.68 -14.73
CA GLY A 40 -5.55 -14.36 -14.95
C GLY A 40 -5.76 -13.82 -16.34
N SER A 41 -4.74 -13.12 -16.83
CA SER A 41 -4.77 -12.57 -18.17
C SER A 41 -3.95 -13.43 -19.13
N GLN A 42 -2.73 -13.79 -18.70
CA GLN A 42 -1.80 -14.51 -19.56
C GLN A 42 -1.49 -15.89 -19.00
N SER A 43 -2.50 -16.53 -18.41
CA SER A 43 -2.33 -17.86 -17.86
C SER A 43 -2.43 -18.93 -18.95
N LYS A 44 -1.44 -18.95 -19.83
CA LYS A 44 -1.36 -19.95 -20.88
C LYS A 44 -0.38 -21.05 -20.49
N LEU A 45 0.30 -20.86 -19.37
CA LEU A 45 1.30 -21.80 -18.91
C LEU A 45 0.64 -22.97 -18.18
N GLY A 46 0.55 -24.11 -18.85
CA GLY A 46 -0.02 -25.29 -18.23
C GLY A 46 0.96 -25.94 -17.28
N GLY A 47 2.23 -25.90 -17.63
CA GLY A 47 3.27 -26.47 -16.80
C GLY A 47 3.09 -27.97 -16.61
N GLY A 48 3.04 -28.39 -15.37
CA GLY A 48 2.89 -29.80 -15.06
C GLY A 48 1.44 -30.18 -14.86
N GLY A 49 0.57 -29.66 -15.72
CA GLY A 49 -0.84 -29.96 -15.62
C GLY A 49 -1.67 -29.14 -16.59
N SER A 50 -2.91 -28.89 -16.22
CA SER A 50 -3.83 -28.11 -17.05
C SER A 50 -4.11 -26.75 -16.42
N GLY A 51 -4.01 -26.68 -15.10
CA GLY A 51 -4.25 -25.45 -14.39
C GLY A 51 -4.65 -25.68 -12.94
N GLY A 52 -4.40 -24.69 -12.09
CA GLY A 52 -4.71 -24.83 -10.68
C GLY A 52 -6.15 -24.47 -10.38
N HIS A 53 -7.07 -25.24 -10.94
CA HIS A 53 -8.49 -25.00 -10.76
C HIS A 53 -9.20 -26.27 -10.33
N MET A 54 -9.60 -26.33 -9.07
CA MET A 54 -10.37 -27.45 -8.56
C MET A 54 -11.77 -27.45 -9.16
N GLY A 55 -12.24 -26.26 -9.52
CA GLY A 55 -13.55 -26.09 -10.10
C GLY A 55 -13.80 -24.65 -10.51
N SER A 56 -13.60 -23.75 -9.56
CA SER A 56 -13.72 -22.33 -9.83
C SER A 56 -12.43 -21.78 -10.42
N GLY A 57 -12.34 -21.79 -11.75
CA GLY A 57 -11.18 -21.27 -12.42
C GLY A 57 -11.46 -19.97 -13.11
N GLY A 58 -10.45 -19.12 -13.23
CA GLY A 58 -10.63 -17.83 -13.85
C GLY A 58 -10.82 -16.74 -12.83
N LEU A 59 -11.78 -16.94 -11.94
CA LEU A 59 -12.01 -16.03 -10.84
C LEU A 59 -11.30 -16.54 -9.59
N SER A 60 -10.05 -16.17 -9.46
CA SER A 60 -9.24 -16.60 -8.34
C SER A 60 -9.50 -15.70 -7.14
N TRP A 61 -9.72 -14.42 -7.44
CA TRP A 61 -10.11 -13.41 -6.47
C TRP A 61 -8.96 -12.97 -5.59
N LYS A 62 -8.86 -11.67 -5.40
CA LYS A 62 -7.96 -11.09 -4.43
C LYS A 62 -8.77 -10.39 -3.36
N ARG A 63 -8.41 -10.61 -2.11
CA ARG A 63 -9.23 -10.15 -0.99
C ARG A 63 -8.87 -8.71 -0.59
N CYS A 64 -9.90 -7.87 -0.51
CA CYS A 64 -9.75 -6.50 -0.06
C CYS A 64 -9.53 -6.45 1.45
N ALA A 65 -8.89 -5.38 1.89
CA ALA A 65 -8.70 -5.14 3.32
C ALA A 65 -9.09 -3.71 3.69
N GLY A 66 -9.39 -2.89 2.69
CA GLY A 66 -9.69 -1.51 2.94
C GLY A 66 -11.13 -1.14 2.62
N CYS A 67 -11.64 -1.63 1.50
CA CYS A 67 -12.99 -1.28 1.08
C CYS A 67 -13.98 -2.42 1.38
N GLY A 68 -14.33 -3.22 0.38
CA GLY A 68 -15.35 -4.24 0.55
C GLY A 68 -14.80 -5.58 0.95
N GLY A 69 -14.17 -6.27 0.00
CA GLY A 69 -13.72 -7.62 0.26
C GLY A 69 -13.20 -8.30 -1.00
N LYS A 70 -13.74 -7.92 -2.14
CA LYS A 70 -13.31 -8.48 -3.41
C LYS A 70 -12.71 -7.40 -4.30
N ILE A 71 -11.42 -7.49 -4.57
CA ILE A 71 -10.76 -6.55 -5.44
C ILE A 71 -11.21 -6.77 -6.89
N ALA A 72 -12.00 -5.84 -7.39
CA ALA A 72 -12.48 -5.91 -8.76
C ALA A 72 -11.69 -4.96 -9.65
N ASP A 73 -10.52 -4.57 -9.15
CA ASP A 73 -9.65 -3.65 -9.89
C ASP A 73 -8.69 -4.44 -10.77
N ARG A 74 -7.83 -3.72 -11.48
CA ARG A 74 -6.89 -4.35 -12.39
C ARG A 74 -5.58 -4.67 -11.67
N PHE A 75 -4.89 -3.64 -11.19
CA PHE A 75 -3.62 -3.82 -10.51
C PHE A 75 -3.81 -3.73 -9.01
N LEU A 76 -3.26 -4.71 -8.30
CA LEU A 76 -3.36 -4.77 -6.86
C LEU A 76 -2.06 -4.27 -6.23
N LEU A 77 -2.17 -3.70 -5.04
CA LEU A 77 -1.02 -3.12 -4.35
C LEU A 77 -0.86 -3.76 -2.98
N TYR A 78 0.37 -3.72 -2.48
CA TYR A 78 0.70 -4.28 -1.18
C TYR A 78 0.93 -3.17 -0.16
N ALA A 79 0.63 -3.45 1.09
CA ALA A 79 0.88 -2.51 2.17
C ALA A 79 0.91 -3.23 3.51
N MET A 80 -0.21 -3.24 4.21
CA MET A 80 -0.31 -3.86 5.53
C MET A 80 -0.55 -5.36 5.42
N ASP A 81 0.34 -6.05 4.69
CA ASP A 81 0.28 -7.51 4.53
C ASP A 81 -1.05 -7.97 3.93
N SER A 82 -1.74 -7.07 3.25
CA SER A 82 -2.99 -7.39 2.60
C SER A 82 -2.97 -6.86 1.18
N TYR A 83 -3.96 -7.22 0.40
CA TYR A 83 -4.06 -6.78 -0.99
C TYR A 83 -4.98 -5.57 -1.08
N TRP A 84 -4.52 -4.52 -1.74
CA TRP A 84 -5.30 -3.30 -1.88
C TRP A 84 -5.34 -2.81 -3.32
N HIS A 85 -6.17 -1.82 -3.54
CA HIS A 85 -6.22 -1.08 -4.80
C HIS A 85 -6.42 0.39 -4.48
N SER A 86 -6.84 1.19 -5.46
CA SER A 86 -7.04 2.62 -5.24
C SER A 86 -8.08 2.88 -4.14
N ARG A 87 -9.22 2.20 -4.20
CA ARG A 87 -10.30 2.41 -3.25
C ARG A 87 -10.02 1.75 -1.90
N CYS A 88 -9.01 0.90 -1.85
CA CYS A 88 -8.66 0.22 -0.62
C CYS A 88 -7.49 0.91 0.09
N LEU A 89 -6.40 1.13 -0.66
CA LEU A 89 -5.22 1.79 -0.13
C LEU A 89 -5.39 3.30 -0.17
N LYS A 90 -6.15 3.83 0.77
CA LYS A 90 -6.39 5.25 0.85
C LYS A 90 -6.07 5.76 2.25
N CYS A 91 -5.73 7.04 2.33
CA CYS A 91 -5.52 7.70 3.60
C CYS A 91 -6.81 7.63 4.43
N SER A 92 -6.71 7.14 5.64
CA SER A 92 -7.86 7.04 6.51
C SER A 92 -8.20 8.39 7.13
N SER A 93 -7.32 9.37 6.88
CA SER A 93 -7.47 10.67 7.47
C SER A 93 -8.12 11.67 6.48
N CYS A 94 -7.58 11.77 5.26
CA CYS A 94 -8.14 12.70 4.28
C CYS A 94 -8.77 11.95 3.11
N GLN A 95 -8.63 10.63 3.13
CA GLN A 95 -9.20 9.76 2.10
C GLN A 95 -8.55 10.01 0.74
N ALA A 96 -7.23 10.18 0.76
CA ALA A 96 -6.47 10.30 -0.47
C ALA A 96 -6.09 8.92 -0.99
N GLN A 97 -6.48 8.62 -2.21
CA GLN A 97 -6.16 7.33 -2.82
C GLN A 97 -4.66 7.19 -3.04
N LEU A 98 -4.01 6.56 -2.08
CA LEU A 98 -2.56 6.39 -2.11
C LEU A 98 -2.17 5.25 -3.03
N GLY A 99 -3.12 4.35 -3.29
CA GLY A 99 -2.86 3.22 -4.15
C GLY A 99 -2.77 3.60 -5.61
N ASP A 100 -2.96 4.87 -5.91
CA ASP A 100 -2.93 5.34 -7.30
C ASP A 100 -1.57 5.93 -7.63
N ILE A 101 -0.67 5.86 -6.68
CA ILE A 101 0.68 6.38 -6.85
C ILE A 101 1.66 5.55 -6.05
N GLY A 102 2.81 5.25 -6.64
CA GLY A 102 3.84 4.52 -5.95
C GLY A 102 4.62 5.38 -4.95
N THR A 103 3.89 6.10 -4.14
CA THR A 103 4.49 6.97 -3.13
C THR A 103 4.47 6.30 -1.77
N SER A 104 5.44 6.63 -0.93
CA SER A 104 5.57 6.05 0.39
C SER A 104 4.44 6.50 1.31
N SER A 105 3.47 5.64 1.54
CA SER A 105 2.41 5.91 2.50
C SER A 105 2.93 5.62 3.91
N TYR A 106 2.36 6.28 4.90
CA TYR A 106 2.84 6.14 6.27
C TYR A 106 1.79 5.50 7.16
N THR A 107 2.23 4.94 8.27
CA THR A 107 1.33 4.30 9.21
C THR A 107 1.87 4.39 10.63
N LYS A 108 1.05 4.01 11.59
CA LYS A 108 1.43 4.01 12.99
C LYS A 108 0.42 3.25 13.82
N SER A 109 -0.79 3.81 13.91
CA SER A 109 -1.86 3.20 14.69
C SER A 109 -2.69 2.24 13.83
N GLY A 110 -2.03 1.56 12.90
CA GLY A 110 -2.72 0.60 12.06
C GLY A 110 -3.53 1.25 10.94
N MET A 111 -3.46 2.58 10.87
CA MET A 111 -4.19 3.32 9.84
C MET A 111 -3.24 3.73 8.72
N ILE A 112 -3.79 3.88 7.52
CA ILE A 112 -3.01 4.34 6.39
C ILE A 112 -3.11 5.85 6.29
N LEU A 113 -1.98 6.52 6.31
CA LEU A 113 -1.97 7.97 6.30
C LEU A 113 -1.02 8.50 5.24
N CYS A 114 -1.41 9.61 4.61
CA CYS A 114 -0.57 10.24 3.61
C CYS A 114 0.62 10.94 4.28
N ARG A 115 1.57 11.38 3.46
CA ARG A 115 2.78 12.00 3.97
C ARG A 115 2.46 13.24 4.80
N ASN A 116 1.54 14.07 4.28
CA ASN A 116 1.15 15.29 4.95
C ASN A 116 0.40 14.99 6.24
N ASP A 117 -0.50 14.03 6.17
CA ASP A 117 -1.39 13.73 7.28
C ASP A 117 -0.66 13.13 8.45
N TYR A 118 0.21 12.17 8.19
CA TYR A 118 0.90 11.47 9.26
C TYR A 118 1.69 12.43 10.13
N ILE A 119 2.42 13.35 9.52
CA ILE A 119 3.24 14.28 10.27
C ILE A 119 2.37 15.34 10.95
N ARG A 120 1.26 15.68 10.32
CA ARG A 120 0.32 16.64 10.87
C ARG A 120 -0.46 16.05 12.03
N LEU A 121 -0.58 14.73 12.04
CA LEU A 121 -1.31 14.03 13.09
C LEU A 121 -0.39 13.55 14.19
N PHE A 122 0.54 12.66 13.84
CA PHE A 122 1.41 12.04 14.82
C PHE A 122 2.83 12.59 14.72
N GLY A 123 3.63 11.96 13.86
CA GLY A 123 5.02 12.32 13.75
C GLY A 123 5.91 11.23 14.31
ZN ZN B . -10.97 -3.01 -1.97
ZN ZN C . -4.22 12.20 4.24
N SER A 3 15.02 0.16 25.76
CA SER A 3 13.98 -0.61 26.49
C SER A 3 12.73 0.25 26.68
N LEU A 4 12.95 1.49 27.10
CA LEU A 4 11.87 2.44 27.40
C LEU A 4 10.94 1.88 28.49
N GLN A 5 11.53 1.12 29.40
CA GLN A 5 10.80 0.57 30.54
C GLN A 5 11.12 1.40 31.78
N ASN A 6 12.02 2.34 31.60
CA ASN A 6 12.35 3.32 32.63
C ASN A 6 11.97 4.70 32.11
N ASN A 7 11.82 5.67 33.01
CA ASN A 7 11.46 7.02 32.59
C ASN A 7 12.55 8.01 32.98
N GLN A 8 13.79 7.56 32.90
CA GLN A 8 14.93 8.41 33.20
C GLN A 8 15.80 8.57 31.97
N ASP A 9 15.69 7.62 31.04
CA ASP A 9 16.46 7.65 29.80
C ASP A 9 15.78 8.53 28.76
N VAL A 10 14.56 8.96 29.06
CA VAL A 10 13.82 9.84 28.18
C VAL A 10 14.26 11.29 28.37
N SER A 11 15.20 11.73 27.56
CA SER A 11 15.71 13.09 27.63
C SER A 11 15.59 13.78 26.27
N PHE A 12 15.50 15.11 26.30
CA PHE A 12 15.42 15.92 25.07
C PHE A 12 14.14 15.60 24.29
N GLU A 13 13.09 15.22 25.01
CA GLU A 13 11.82 14.84 24.41
C GLU A 13 11.01 16.09 24.05
N ASN A 14 11.37 17.22 24.64
CA ASN A 14 10.64 18.46 24.42
C ASN A 14 10.84 18.95 23.00
N ILE A 15 12.06 18.86 22.51
CA ILE A 15 12.39 19.31 21.16
C ILE A 15 12.55 18.11 20.23
N GLN A 16 11.48 17.80 19.50
CA GLN A 16 11.48 16.64 18.62
C GLN A 16 12.15 16.96 17.28
N TRP A 17 13.37 17.49 17.34
CA TRP A 17 14.10 17.82 16.14
C TRP A 17 15.09 16.73 15.78
N SER A 18 15.08 16.32 14.52
CA SER A 18 15.97 15.27 14.06
C SER A 18 17.30 15.89 13.61
N ILE A 19 18.37 15.58 14.34
CA ILE A 19 19.68 16.11 14.02
C ILE A 19 20.23 15.47 12.76
N ASP A 20 19.61 14.37 12.37
CA ASP A 20 19.96 13.66 11.16
C ASP A 20 19.77 14.55 9.94
N PRO A 21 20.72 14.52 8.99
CA PRO A 21 20.69 15.38 7.80
C PRO A 21 19.73 14.88 6.72
N GLY A 22 18.45 14.74 7.09
CA GLY A 22 17.46 14.30 6.15
C GLY A 22 17.38 12.79 6.04
N ALA A 23 17.00 12.14 7.14
CA ALA A 23 16.83 10.71 7.16
C ALA A 23 15.42 10.33 6.74
N ASP A 24 14.53 11.33 6.82
CA ASP A 24 13.13 11.17 6.44
C ASP A 24 12.44 10.15 7.33
N LEU A 25 11.44 9.47 6.79
CA LEU A 25 10.67 8.50 7.55
C LEU A 25 10.90 7.09 7.01
N SER A 26 12.16 6.69 6.99
CA SER A 26 12.56 5.43 6.38
C SER A 26 11.85 4.22 7.00
N GLN A 27 11.75 4.22 8.33
CA GLN A 27 11.18 3.08 9.05
C GLN A 27 9.65 3.07 8.97
N TYR A 28 9.07 4.24 8.75
CA TYR A 28 7.62 4.36 8.70
C TYR A 28 7.12 4.22 7.26
N LYS A 29 8.06 4.10 6.33
CA LYS A 29 7.73 3.97 4.92
C LYS A 29 6.99 2.68 4.64
N MET A 30 5.81 2.81 4.06
CA MET A 30 5.05 1.65 3.64
C MET A 30 5.27 1.44 2.15
N ASP A 31 6.35 0.73 1.81
CA ASP A 31 6.69 0.46 0.43
C ASP A 31 5.67 -0.48 -0.20
N VAL A 32 4.93 0.04 -1.16
CA VAL A 32 3.84 -0.71 -1.76
C VAL A 32 4.33 -1.64 -2.87
N THR A 33 4.18 -2.93 -2.65
CA THR A 33 4.49 -3.92 -3.68
C THR A 33 3.26 -4.16 -4.55
N VAL A 34 3.38 -3.87 -5.83
CA VAL A 34 2.27 -4.03 -6.76
C VAL A 34 2.34 -5.39 -7.45
N ILE A 35 1.30 -6.19 -7.27
CA ILE A 35 1.27 -7.54 -7.81
C ILE A 35 0.79 -7.55 -9.26
N ASP A 36 1.57 -8.20 -10.11
CA ASP A 36 1.21 -8.35 -11.53
C ASP A 36 0.09 -9.37 -11.70
N THR A 37 -1.07 -8.90 -12.11
CA THR A 37 -2.23 -9.76 -12.25
C THR A 37 -2.39 -10.26 -13.68
N LYS A 38 -1.70 -11.35 -14.01
CA LYS A 38 -1.86 -12.00 -15.31
C LYS A 38 -3.23 -12.69 -15.36
N ASP A 39 -3.75 -13.00 -14.18
CA ASP A 39 -5.06 -13.62 -14.04
C ASP A 39 -6.15 -12.67 -14.51
N GLY A 40 -6.69 -12.95 -15.67
CA GLY A 40 -7.75 -12.14 -16.22
C GLY A 40 -7.60 -11.95 -17.71
N SER A 41 -6.37 -11.66 -18.14
CA SER A 41 -6.10 -11.46 -19.55
C SER A 41 -5.98 -12.80 -20.26
N GLN A 42 -5.32 -13.75 -19.63
CA GLN A 42 -5.19 -15.10 -20.17
C GLN A 42 -6.27 -16.01 -19.58
N SER A 43 -7.24 -16.36 -20.40
CA SER A 43 -8.35 -17.20 -19.97
C SER A 43 -7.91 -18.66 -19.87
N LYS A 44 -6.90 -19.03 -20.67
CA LYS A 44 -6.38 -20.39 -20.65
C LYS A 44 -5.40 -20.56 -19.50
N LEU A 45 -4.83 -19.44 -19.06
CA LEU A 45 -3.82 -19.41 -17.99
C LEU A 45 -2.53 -20.10 -18.42
N GLY A 46 -2.49 -21.43 -18.32
CA GLY A 46 -1.31 -22.16 -18.70
C GLY A 46 -1.60 -23.22 -19.73
N GLY A 47 -0.60 -24.00 -20.11
CA GLY A 47 -0.79 -25.04 -21.09
C GLY A 47 -1.67 -26.15 -20.56
N GLY A 48 -2.68 -26.52 -21.33
CA GLY A 48 -3.63 -27.53 -20.91
C GLY A 48 -3.07 -28.93 -21.00
N GLY A 49 -2.26 -29.29 -20.02
CA GLY A 49 -1.69 -30.62 -19.98
C GLY A 49 -2.71 -31.66 -19.58
N SER A 50 -3.70 -31.24 -18.81
CA SER A 50 -4.77 -32.14 -18.38
C SER A 50 -6.13 -31.53 -18.69
N GLY A 51 -6.26 -30.22 -18.43
CA GLY A 51 -7.51 -29.53 -18.68
C GLY A 51 -7.32 -28.05 -18.85
N GLY A 52 -8.19 -27.25 -18.26
CA GLY A 52 -8.08 -25.81 -18.34
C GLY A 52 -9.36 -25.13 -17.93
N HIS A 53 -9.32 -23.80 -17.83
CA HIS A 53 -10.50 -23.04 -17.44
C HIS A 53 -11.21 -22.50 -18.68
N MET A 54 -12.53 -22.47 -18.62
CA MET A 54 -13.34 -22.03 -19.75
C MET A 54 -13.70 -20.55 -19.62
N GLY A 55 -12.78 -19.68 -20.01
CA GLY A 55 -13.03 -18.26 -20.00
C GLY A 55 -12.80 -17.64 -18.63
N SER A 56 -13.74 -17.82 -17.73
CA SER A 56 -13.63 -17.28 -16.39
C SER A 56 -12.82 -18.22 -15.50
N GLY A 57 -11.91 -17.66 -14.72
CA GLY A 57 -11.08 -18.46 -13.84
C GLY A 57 -11.06 -17.93 -12.42
N GLY A 58 -12.24 -17.64 -11.89
CA GLY A 58 -12.34 -17.14 -10.54
C GLY A 58 -13.32 -15.99 -10.44
N LEU A 59 -14.27 -16.09 -9.53
CA LEU A 59 -15.27 -15.05 -9.35
C LEU A 59 -15.17 -14.43 -7.96
N SER A 60 -14.37 -15.02 -7.10
CA SER A 60 -14.18 -14.51 -5.75
C SER A 60 -13.03 -13.51 -5.72
N TRP A 61 -12.01 -13.80 -6.52
CA TRP A 61 -10.81 -12.97 -6.61
C TRP A 61 -10.16 -12.81 -5.25
N LYS A 62 -9.54 -11.67 -5.01
CA LYS A 62 -8.91 -11.39 -3.73
C LYS A 62 -9.81 -10.53 -2.86
N ARG A 63 -9.99 -10.94 -1.61
CA ARG A 63 -10.81 -10.19 -0.66
C ARG A 63 -10.12 -8.89 -0.28
N CYS A 64 -10.85 -7.78 -0.39
CA CYS A 64 -10.29 -6.47 -0.12
C CYS A 64 -10.47 -6.09 1.35
N ALA A 65 -9.58 -5.24 1.85
CA ALA A 65 -9.49 -4.96 3.27
C ALA A 65 -10.42 -3.83 3.72
N GLY A 66 -10.21 -2.64 3.18
CA GLY A 66 -10.92 -1.45 3.65
C GLY A 66 -12.42 -1.52 3.42
N CYS A 67 -12.84 -1.39 2.17
CA CYS A 67 -14.25 -1.49 1.82
C CYS A 67 -14.85 -2.79 2.35
N GLY A 68 -14.11 -3.87 2.22
CA GLY A 68 -14.54 -5.14 2.76
C GLY A 68 -15.24 -5.99 1.73
N GLY A 69 -14.73 -5.98 0.50
CA GLY A 69 -15.32 -6.77 -0.55
C GLY A 69 -14.29 -7.60 -1.28
N LYS A 70 -14.07 -7.27 -2.54
CA LYS A 70 -13.11 -7.99 -3.35
C LYS A 70 -12.44 -7.03 -4.32
N ILE A 71 -11.16 -7.21 -4.55
CA ILE A 71 -10.42 -6.37 -5.46
C ILE A 71 -10.79 -6.70 -6.90
N ALA A 72 -11.52 -5.78 -7.53
CA ALA A 72 -11.93 -5.95 -8.91
C ALA A 72 -11.33 -4.86 -9.78
N ASP A 73 -10.39 -4.12 -9.20
CA ASP A 73 -9.71 -3.05 -9.91
C ASP A 73 -8.86 -3.62 -11.04
N ARG A 74 -7.63 -4.01 -10.71
CA ARG A 74 -6.73 -4.65 -11.67
C ARG A 74 -5.50 -5.15 -10.94
N PHE A 75 -4.63 -4.22 -10.55
CA PHE A 75 -3.42 -4.57 -9.86
C PHE A 75 -3.64 -4.53 -8.36
N LEU A 76 -2.94 -5.41 -7.66
CA LEU A 76 -3.06 -5.52 -6.22
C LEU A 76 -1.90 -4.80 -5.55
N LEU A 77 -2.20 -4.04 -4.52
CA LEU A 77 -1.19 -3.28 -3.82
C LEU A 77 -0.94 -3.87 -2.44
N TYR A 78 0.34 -3.99 -2.09
CA TYR A 78 0.75 -4.51 -0.79
C TYR A 78 1.09 -3.38 0.16
N ALA A 79 0.30 -3.23 1.21
CA ALA A 79 0.63 -2.27 2.26
C ALA A 79 1.04 -3.02 3.52
N MET A 80 0.17 -3.04 4.52
CA MET A 80 0.46 -3.76 5.75
C MET A 80 0.08 -5.24 5.61
N ASP A 81 0.66 -5.87 4.59
CA ASP A 81 0.51 -7.32 4.32
C ASP A 81 -0.88 -7.68 3.79
N SER A 82 -1.81 -6.75 3.84
CA SER A 82 -3.15 -7.00 3.32
C SER A 82 -3.20 -6.74 1.82
N TYR A 83 -4.29 -7.14 1.18
CA TYR A 83 -4.46 -6.93 -0.26
C TYR A 83 -5.31 -5.70 -0.51
N TRP A 84 -4.74 -4.72 -1.20
CA TRP A 84 -5.44 -3.47 -1.44
C TRP A 84 -5.58 -3.19 -2.93
N HIS A 85 -6.58 -2.40 -3.27
CA HIS A 85 -6.78 -1.90 -4.63
C HIS A 85 -6.81 -0.37 -4.56
N SER A 86 -7.15 0.30 -5.64
CA SER A 86 -7.12 1.77 -5.66
C SER A 86 -8.12 2.36 -4.66
N ARG A 87 -9.26 1.70 -4.50
CA ARG A 87 -10.30 2.18 -3.58
C ARG A 87 -9.93 1.90 -2.14
N CYS A 88 -8.95 1.02 -1.92
CA CYS A 88 -8.55 0.65 -0.58
C CYS A 88 -7.28 1.39 -0.16
N LEU A 89 -6.26 1.32 -1.01
CA LEU A 89 -4.96 1.91 -0.71
C LEU A 89 -4.98 3.42 -0.92
N LYS A 90 -5.68 4.09 -0.03
CA LYS A 90 -5.76 5.55 -0.03
C LYS A 90 -5.83 6.03 1.41
N CYS A 91 -5.63 7.32 1.63
CA CYS A 91 -5.82 7.87 2.96
C CYS A 91 -7.30 7.77 3.33
N SER A 92 -7.60 7.20 4.48
CA SER A 92 -8.99 7.09 4.91
C SER A 92 -9.48 8.42 5.46
N SER A 93 -8.58 9.39 5.50
CA SER A 93 -8.89 10.72 5.98
C SER A 93 -9.00 11.71 4.82
N CYS A 94 -8.23 11.46 3.76
CA CYS A 94 -8.24 12.35 2.60
C CYS A 94 -9.03 11.75 1.42
N GLN A 95 -9.15 10.42 1.43
CA GLN A 95 -9.74 9.70 0.31
C GLN A 95 -8.98 9.99 -0.97
N ALA A 96 -7.68 10.25 -0.81
CA ALA A 96 -6.80 10.55 -1.93
C ALA A 96 -5.99 9.32 -2.28
N GLN A 97 -5.84 9.08 -3.57
CA GLN A 97 -5.12 7.92 -4.07
C GLN A 97 -3.73 7.81 -3.45
N LEU A 98 -3.48 6.72 -2.74
CA LEU A 98 -2.20 6.50 -2.09
C LEU A 98 -1.36 5.52 -2.89
N GLY A 99 -2.04 4.72 -3.72
CA GLY A 99 -1.34 3.78 -4.57
C GLY A 99 -1.01 4.36 -5.92
N ASP A 100 -1.64 5.49 -6.25
CA ASP A 100 -1.43 6.14 -7.53
C ASP A 100 -0.45 7.29 -7.39
N ILE A 101 0.34 7.26 -6.34
CA ILE A 101 1.37 8.26 -6.12
C ILE A 101 2.69 7.59 -5.80
N GLY A 102 3.78 8.19 -6.25
CA GLY A 102 5.09 7.67 -5.95
C GLY A 102 5.50 8.00 -4.53
N THR A 103 4.75 8.90 -3.91
CA THR A 103 4.96 9.27 -2.53
C THR A 103 4.57 8.11 -1.61
N SER A 104 5.50 7.67 -0.79
CA SER A 104 5.28 6.50 0.06
C SER A 104 4.39 6.86 1.25
N SER A 105 3.34 6.08 1.44
CA SER A 105 2.43 6.28 2.56
C SER A 105 3.11 5.86 3.87
N TYR A 106 2.55 6.30 4.99
CA TYR A 106 3.17 6.06 6.27
C TYR A 106 2.19 5.41 7.24
N THR A 107 2.73 4.81 8.28
CA THR A 107 1.92 4.13 9.27
C THR A 107 2.62 4.11 10.62
N LYS A 108 1.89 3.69 11.64
CA LYS A 108 2.43 3.61 12.99
C LYS A 108 1.54 2.71 13.84
N SER A 109 0.35 3.22 14.15
CA SER A 109 -0.61 2.49 14.96
C SER A 109 -1.65 1.77 14.09
N GLY A 110 -1.16 0.99 13.12
CA GLY A 110 -2.04 0.18 12.29
C GLY A 110 -2.99 0.99 11.42
N MET A 111 -2.60 2.20 11.05
CA MET A 111 -3.47 3.04 10.23
C MET A 111 -2.79 3.45 8.94
N ILE A 112 -3.48 3.26 7.82
CA ILE A 112 -2.99 3.74 6.53
C ILE A 112 -3.27 5.24 6.41
N LEU A 113 -2.22 6.04 6.49
CA LEU A 113 -2.35 7.48 6.45
C LEU A 113 -1.45 8.07 5.38
N CYS A 114 -1.76 9.30 4.98
CA CYS A 114 -0.99 9.98 3.95
C CYS A 114 0.25 10.63 4.56
N ARG A 115 1.00 11.32 3.72
CA ARG A 115 2.22 12.01 4.14
C ARG A 115 1.88 13.13 5.13
N ASN A 116 0.78 13.82 4.88
CA ASN A 116 0.40 14.98 5.68
C ASN A 116 -0.31 14.54 6.95
N ASP A 117 -1.18 13.55 6.83
CA ASP A 117 -2.02 13.13 7.94
C ASP A 117 -1.22 12.53 9.07
N TYR A 118 -0.24 11.70 8.74
CA TYR A 118 0.56 11.04 9.76
C TYR A 118 1.32 12.05 10.61
N ILE A 119 1.96 13.01 9.95
CA ILE A 119 2.75 14.02 10.64
C ILE A 119 1.85 14.90 11.50
N ARG A 120 0.62 15.08 11.06
CA ARG A 120 -0.36 15.85 11.81
C ARG A 120 -0.88 15.05 13.00
N LEU A 121 -1.24 13.80 12.75
CA LEU A 121 -1.84 12.94 13.75
C LEU A 121 -0.86 12.56 14.85
N PHE A 122 0.24 11.94 14.47
CA PHE A 122 1.21 11.46 15.45
C PHE A 122 2.53 12.21 15.35
N GLY A 123 3.55 11.53 14.83
CA GLY A 123 4.88 12.09 14.80
C GLY A 123 5.81 11.31 15.69
ZN ZN B . -11.37 -2.21 -0.80
ZN ZN C . -4.66 12.23 4.63
N SER A 3 39.94 22.21 26.50
CA SER A 3 39.33 21.01 25.91
C SER A 3 37.96 21.34 25.32
N LEU A 4 37.91 21.45 24.00
CA LEU A 4 36.68 21.78 23.30
C LEU A 4 35.77 20.55 23.17
N GLN A 5 34.69 20.54 23.92
CA GLN A 5 33.74 19.43 23.88
C GLN A 5 32.67 19.70 22.83
N ASN A 6 32.83 19.11 21.65
CA ASN A 6 31.84 19.25 20.59
C ASN A 6 30.79 18.17 20.72
N ASN A 7 29.94 18.31 21.72
CA ASN A 7 28.92 17.31 22.01
C ASN A 7 27.73 17.47 21.09
N GLN A 8 27.60 16.55 20.14
CA GLN A 8 26.46 16.53 19.23
C GLN A 8 25.39 15.57 19.75
N ASP A 9 25.81 14.72 20.68
CA ASP A 9 24.90 13.81 21.36
C ASP A 9 24.43 14.44 22.67
N VAL A 10 23.33 13.94 23.20
CA VAL A 10 22.81 14.45 24.45
C VAL A 10 22.38 13.30 25.37
N SER A 11 22.89 13.32 26.59
CA SER A 11 22.59 12.30 27.57
C SER A 11 21.33 12.65 28.35
N PHE A 12 20.25 12.93 27.62
CA PHE A 12 18.99 13.31 28.24
C PHE A 12 17.99 12.16 28.13
N GLU A 13 18.00 11.30 29.13
CA GLU A 13 17.14 10.12 29.15
C GLU A 13 15.67 10.48 29.29
N ASN A 14 15.40 11.67 29.85
CA ASN A 14 14.03 12.16 29.99
C ASN A 14 13.38 12.30 28.61
N ILE A 15 14.17 12.73 27.64
CA ILE A 15 13.72 12.82 26.26
C ILE A 15 14.55 11.92 25.38
N GLN A 16 14.55 10.64 25.72
CA GLN A 16 15.31 9.63 25.02
C GLN A 16 14.76 9.39 23.62
N TRP A 17 13.49 9.69 23.43
CA TRP A 17 12.86 9.50 22.14
C TRP A 17 13.33 10.55 21.15
N SER A 18 13.22 10.24 19.87
CA SER A 18 13.68 11.13 18.81
C SER A 18 12.88 12.44 18.80
N ILE A 19 13.35 13.42 19.57
CA ILE A 19 12.71 14.72 19.66
C ILE A 19 12.91 15.54 18.40
N ASP A 20 13.67 14.98 17.47
CA ASP A 20 13.90 15.60 16.18
C ASP A 20 12.60 15.67 15.39
N PRO A 21 12.18 16.87 14.97
CA PRO A 21 10.88 17.09 14.34
C PRO A 21 10.74 16.40 12.98
N GLY A 22 10.43 15.11 13.01
CA GLY A 22 10.19 14.38 11.79
C GLY A 22 11.47 14.14 11.00
N ALA A 23 12.57 13.93 11.70
CA ALA A 23 13.85 13.71 11.05
C ALA A 23 14.04 12.24 10.72
N ASP A 24 13.38 11.38 11.47
CA ASP A 24 13.49 9.95 11.24
C ASP A 24 12.11 9.33 11.07
N LEU A 25 11.78 9.01 9.82
CA LEU A 25 10.52 8.37 9.50
C LEU A 25 10.78 7.09 8.72
N SER A 26 12.03 6.63 8.79
CA SER A 26 12.46 5.45 8.07
C SER A 26 11.77 4.19 8.59
N GLN A 27 11.38 4.23 9.85
CA GLN A 27 10.71 3.11 10.48
C GLN A 27 9.24 3.09 10.12
N TYR A 28 8.65 4.28 10.07
CA TYR A 28 7.23 4.44 9.80
C TYR A 28 6.90 4.16 8.32
N LYS A 29 7.94 4.12 7.50
CA LYS A 29 7.77 3.98 6.05
C LYS A 29 7.02 2.71 5.67
N MET A 30 5.94 2.90 4.93
CA MET A 30 5.19 1.79 4.38
C MET A 30 5.38 1.76 2.88
N ASP A 31 6.08 0.74 2.40
CA ASP A 31 6.39 0.62 0.98
C ASP A 31 5.27 -0.07 0.22
N VAL A 32 5.06 0.35 -1.02
CA VAL A 32 4.01 -0.19 -1.85
C VAL A 32 4.58 -1.10 -2.94
N THR A 33 4.32 -2.39 -2.83
CA THR A 33 4.71 -3.34 -3.86
C THR A 33 3.61 -3.46 -4.89
N VAL A 34 3.91 -3.10 -6.13
CA VAL A 34 2.93 -3.15 -7.20
C VAL A 34 2.87 -4.53 -7.82
N ILE A 35 1.66 -5.05 -7.99
CA ILE A 35 1.49 -6.36 -8.60
C ILE A 35 1.13 -6.20 -10.07
N ASP A 36 1.99 -6.73 -10.93
CA ASP A 36 1.75 -6.71 -12.37
C ASP A 36 0.80 -7.84 -12.74
N THR A 37 -0.48 -7.56 -12.68
CA THR A 37 -1.51 -8.54 -12.98
C THR A 37 -1.56 -8.88 -14.47
N LYS A 38 -0.89 -9.95 -14.84
CA LYS A 38 -0.97 -10.48 -16.20
C LYS A 38 -2.03 -11.58 -16.26
N ASP A 39 -2.53 -11.93 -15.09
CA ASP A 39 -3.51 -12.99 -14.96
C ASP A 39 -4.93 -12.46 -15.03
N GLY A 40 -5.59 -12.70 -16.15
CA GLY A 40 -6.98 -12.34 -16.30
C GLY A 40 -7.18 -10.97 -16.93
N SER A 41 -6.08 -10.31 -17.29
CA SER A 41 -6.15 -8.99 -17.89
C SER A 41 -6.40 -9.09 -19.41
N GLN A 42 -6.16 -10.27 -19.96
CA GLN A 42 -6.30 -10.48 -21.39
C GLN A 42 -7.61 -11.18 -21.69
N SER A 43 -8.48 -10.47 -22.39
CA SER A 43 -9.80 -11.00 -22.73
C SER A 43 -9.73 -11.88 -23.98
N LYS A 44 -8.88 -11.51 -24.92
CA LYS A 44 -8.79 -12.24 -26.18
C LYS A 44 -7.70 -13.31 -26.11
N LEU A 45 -7.16 -13.51 -24.93
CA LEU A 45 -6.10 -14.49 -24.74
C LEU A 45 -6.47 -15.47 -23.64
N GLY A 46 -6.84 -16.68 -24.04
CA GLY A 46 -7.24 -17.70 -23.10
C GLY A 46 -8.74 -17.79 -22.95
N GLY A 47 -9.20 -18.82 -22.26
CA GLY A 47 -10.63 -18.98 -22.03
C GLY A 47 -11.30 -19.81 -23.12
N GLY A 48 -11.25 -19.30 -24.35
CA GLY A 48 -11.85 -20.00 -25.47
C GLY A 48 -10.91 -21.04 -26.04
N GLY A 49 -11.48 -22.13 -26.55
CA GLY A 49 -10.68 -23.18 -27.15
C GLY A 49 -10.41 -24.32 -26.18
N SER A 50 -10.78 -24.11 -24.93
CA SER A 50 -10.57 -25.13 -23.91
C SER A 50 -11.67 -26.20 -23.96
N GLY A 51 -12.85 -25.80 -24.41
CA GLY A 51 -13.95 -26.74 -24.48
C GLY A 51 -15.29 -26.04 -24.58
N GLY A 52 -16.36 -26.81 -24.51
CA GLY A 52 -17.70 -26.26 -24.62
C GLY A 52 -18.15 -25.57 -23.35
N HIS A 53 -17.51 -25.90 -22.24
CA HIS A 53 -17.86 -25.28 -20.96
C HIS A 53 -17.01 -24.04 -20.71
N MET A 54 -17.41 -22.94 -21.32
CA MET A 54 -16.69 -21.68 -21.17
C MET A 54 -17.31 -20.85 -20.06
N GLY A 55 -16.69 -20.87 -18.89
CA GLY A 55 -17.18 -20.11 -17.77
C GLY A 55 -16.06 -19.59 -16.91
N SER A 56 -16.34 -18.58 -16.11
CA SER A 56 -15.36 -18.00 -15.22
C SER A 56 -15.08 -18.92 -14.03
N GLY A 57 -13.81 -19.26 -13.83
CA GLY A 57 -13.44 -20.07 -12.69
C GLY A 57 -13.04 -19.24 -11.50
N GLY A 58 -12.60 -18.01 -11.77
CA GLY A 58 -12.22 -17.11 -10.71
C GLY A 58 -13.06 -15.85 -10.70
N LEU A 59 -14.18 -15.90 -9.99
CA LEU A 59 -15.07 -14.74 -9.91
C LEU A 59 -15.00 -14.11 -8.51
N SER A 60 -14.16 -14.68 -7.66
CA SER A 60 -13.98 -14.18 -6.31
C SER A 60 -12.81 -13.20 -6.22
N TRP A 61 -11.82 -13.42 -7.09
CA TRP A 61 -10.62 -12.58 -7.15
C TRP A 61 -9.92 -12.52 -5.79
N LYS A 62 -9.95 -11.36 -5.16
CA LYS A 62 -9.32 -11.16 -3.87
C LYS A 62 -10.20 -10.30 -2.98
N ARG A 63 -10.23 -10.61 -1.70
CA ARG A 63 -11.06 -9.88 -0.75
C ARG A 63 -10.42 -8.54 -0.36
N CYS A 64 -11.23 -7.49 -0.32
CA CYS A 64 -10.79 -6.17 0.08
C CYS A 64 -10.24 -6.16 1.50
N ALA A 65 -9.36 -5.22 1.77
CA ALA A 65 -8.82 -5.01 3.11
C ALA A 65 -9.31 -3.69 3.68
N GLY A 66 -9.59 -2.73 2.79
CA GLY A 66 -10.03 -1.42 3.22
C GLY A 66 -11.51 -1.20 3.05
N CYS A 67 -12.06 -1.56 1.89
CA CYS A 67 -13.49 -1.38 1.63
C CYS A 67 -14.31 -2.42 2.38
N GLY A 68 -14.56 -3.54 1.72
CA GLY A 68 -15.39 -4.58 2.29
C GLY A 68 -16.10 -5.38 1.22
N GLY A 69 -15.32 -6.06 0.40
CA GLY A 69 -15.87 -6.88 -0.66
C GLY A 69 -14.77 -7.61 -1.41
N LYS A 70 -14.83 -7.56 -2.73
CA LYS A 70 -13.76 -8.11 -3.55
C LYS A 70 -13.15 -7.03 -4.41
N ILE A 71 -11.84 -7.09 -4.57
CA ILE A 71 -11.10 -6.10 -5.33
C ILE A 71 -11.45 -6.19 -6.82
N ALA A 72 -12.18 -5.17 -7.29
CA ALA A 72 -12.59 -5.12 -8.68
C ALA A 72 -11.70 -4.19 -9.48
N ASP A 73 -10.45 -4.08 -9.06
CA ASP A 73 -9.47 -3.26 -9.77
C ASP A 73 -8.66 -4.14 -10.69
N ARG A 74 -7.71 -3.55 -11.40
CA ARG A 74 -6.83 -4.31 -12.26
C ARG A 74 -5.50 -4.54 -11.57
N PHE A 75 -4.89 -3.46 -11.10
CA PHE A 75 -3.61 -3.55 -10.42
C PHE A 75 -3.81 -3.46 -8.91
N LEU A 76 -3.32 -4.47 -8.21
CA LEU A 76 -3.41 -4.49 -6.76
C LEU A 76 -2.08 -4.07 -6.14
N LEU A 77 -2.17 -3.49 -4.96
CA LEU A 77 -1.01 -2.96 -4.27
C LEU A 77 -0.76 -3.71 -2.98
N TYR A 78 0.52 -3.88 -2.65
CA TYR A 78 0.92 -4.44 -1.37
C TYR A 78 1.20 -3.33 -0.38
N ALA A 79 0.91 -3.59 0.88
CA ALA A 79 1.18 -2.63 1.93
C ALA A 79 1.37 -3.35 3.26
N MET A 80 0.33 -3.34 4.08
CA MET A 80 0.39 -3.96 5.39
C MET A 80 0.03 -5.45 5.31
N ASP A 81 0.77 -6.18 4.45
CA ASP A 81 0.67 -7.64 4.36
C ASP A 81 -0.61 -8.11 3.65
N SER A 82 -1.53 -7.18 3.40
CA SER A 82 -2.80 -7.53 2.81
C SER A 82 -2.84 -7.14 1.35
N TYR A 83 -3.87 -7.58 0.64
CA TYR A 83 -4.07 -7.22 -0.75
C TYR A 83 -4.97 -6.00 -0.85
N TRP A 84 -4.45 -4.92 -1.41
CA TRP A 84 -5.21 -3.70 -1.56
C TRP A 84 -5.31 -3.32 -3.04
N HIS A 85 -6.26 -2.48 -3.36
CA HIS A 85 -6.32 -1.84 -4.67
C HIS A 85 -6.32 -0.34 -4.50
N SER A 86 -6.62 0.40 -5.55
CA SER A 86 -6.61 1.86 -5.49
C SER A 86 -7.65 2.39 -4.48
N ARG A 87 -8.72 1.63 -4.28
CA ARG A 87 -9.77 2.04 -3.34
C ARG A 87 -9.51 1.53 -1.93
N CYS A 88 -8.72 0.46 -1.81
CA CYS A 88 -8.37 -0.08 -0.51
C CYS A 88 -7.16 0.64 0.06
N LEU A 89 -6.10 0.69 -0.74
CA LEU A 89 -4.87 1.35 -0.35
C LEU A 89 -4.99 2.85 -0.54
N LYS A 90 -5.50 3.51 0.49
CA LYS A 90 -5.59 4.97 0.48
C LYS A 90 -5.37 5.51 1.87
N CYS A 91 -5.32 6.82 1.98
CA CYS A 91 -5.24 7.47 3.27
C CYS A 91 -6.59 7.40 3.96
N SER A 92 -6.59 7.02 5.22
CA SER A 92 -7.82 6.93 5.99
C SER A 92 -8.27 8.30 6.46
N SER A 93 -7.47 9.32 6.19
CA SER A 93 -7.74 10.66 6.66
C SER A 93 -8.31 11.56 5.55
N CYS A 94 -7.64 11.59 4.40
CA CYS A 94 -8.10 12.45 3.30
C CYS A 94 -8.57 11.63 2.11
N GLN A 95 -8.33 10.32 2.17
CA GLN A 95 -8.75 9.39 1.12
C GLN A 95 -8.00 9.65 -0.20
N ALA A 96 -6.80 10.21 -0.09
CA ALA A 96 -5.97 10.45 -1.25
C ALA A 96 -5.54 9.12 -1.87
N GLN A 97 -5.33 9.13 -3.18
CA GLN A 97 -4.95 7.93 -3.90
C GLN A 97 -3.58 7.42 -3.47
N LEU A 98 -3.59 6.34 -2.71
CA LEU A 98 -2.35 5.70 -2.27
C LEU A 98 -2.08 4.45 -3.12
N GLY A 99 -3.07 4.08 -3.92
CA GLY A 99 -2.95 2.90 -4.73
C GLY A 99 -2.41 3.19 -6.12
N ASP A 100 -3.10 4.05 -6.85
CA ASP A 100 -2.71 4.37 -8.22
C ASP A 100 -1.57 5.38 -8.25
N ILE A 101 -1.15 5.79 -7.07
CA ILE A 101 -0.04 6.71 -6.90
C ILE A 101 0.97 6.10 -5.95
N GLY A 102 2.25 6.21 -6.29
CA GLY A 102 3.29 5.61 -5.47
C GLY A 102 3.65 6.46 -4.27
N THR A 103 2.63 6.94 -3.56
CA THR A 103 2.84 7.77 -2.39
C THR A 103 3.23 6.93 -1.19
N SER A 104 4.45 7.14 -0.70
CA SER A 104 4.95 6.42 0.46
C SER A 104 4.15 6.80 1.69
N SER A 105 3.43 5.84 2.24
CA SER A 105 2.60 6.06 3.41
C SER A 105 3.39 5.80 4.68
N TYR A 106 2.86 6.22 5.81
CA TYR A 106 3.51 5.98 7.08
C TYR A 106 2.51 5.40 8.07
N THR A 107 3.02 4.59 8.99
CA THR A 107 2.18 3.96 9.98
C THR A 107 2.67 4.28 11.39
N LYS A 108 1.92 3.82 12.38
CA LYS A 108 2.25 4.00 13.78
C LYS A 108 1.37 3.09 14.63
N SER A 109 0.07 3.28 14.49
CA SER A 109 -0.91 2.46 15.18
C SER A 109 -1.64 1.53 14.20
N GLY A 110 -0.93 1.12 13.16
CA GLY A 110 -1.52 0.25 12.15
C GLY A 110 -2.52 0.98 11.28
N MET A 111 -2.32 2.29 11.14
CA MET A 111 -3.25 3.12 10.38
C MET A 111 -2.59 3.61 9.10
N ILE A 112 -3.33 3.57 8.00
CA ILE A 112 -2.82 4.03 6.72
C ILE A 112 -3.10 5.51 6.52
N LEU A 113 -2.04 6.31 6.48
CA LEU A 113 -2.16 7.75 6.28
C LEU A 113 -1.14 8.21 5.26
N CYS A 114 -1.45 9.31 4.56
CA CYS A 114 -0.56 9.84 3.54
C CYS A 114 0.64 10.56 4.15
N ARG A 115 1.56 10.95 3.29
CA ARG A 115 2.79 11.64 3.70
C ARG A 115 2.44 12.97 4.37
N ASN A 116 1.39 13.60 3.89
CA ASN A 116 1.00 14.92 4.37
C ASN A 116 0.18 14.81 5.65
N ASP A 117 -0.60 13.75 5.77
CA ASP A 117 -1.51 13.60 6.89
C ASP A 117 -0.82 13.07 8.13
N TYR A 118 0.11 12.14 7.94
CA TYR A 118 0.77 11.46 9.04
C TYR A 118 1.40 12.44 10.03
N ILE A 119 2.03 13.48 9.50
CA ILE A 119 2.73 14.46 10.33
C ILE A 119 1.75 15.27 11.16
N ARG A 120 0.59 15.57 10.59
CA ARG A 120 -0.43 16.33 11.30
C ARG A 120 -1.22 15.42 12.24
N LEU A 121 -1.48 14.20 11.80
CA LEU A 121 -2.26 13.23 12.56
C LEU A 121 -1.52 12.81 13.82
N PHE A 122 -0.33 12.25 13.64
CA PHE A 122 0.45 11.73 14.77
C PHE A 122 1.70 12.56 15.00
N GLY A 123 2.62 12.51 14.04
CA GLY A 123 3.90 13.16 14.22
C GLY A 123 4.76 12.38 15.20
ZN ZN B . -11.16 -2.54 -1.50
ZN ZN C . -4.16 12.00 3.80
N SER A 3 0.21 36.65 21.04
CA SER A 3 -0.49 37.95 21.11
C SER A 3 -0.27 38.74 19.81
N LEU A 4 -1.28 39.53 19.44
CA LEU A 4 -1.23 40.38 18.24
C LEU A 4 -1.30 39.56 16.96
N GLN A 5 -0.22 38.86 16.64
CA GLN A 5 -0.15 38.07 15.42
C GLN A 5 -0.89 36.74 15.60
N ASN A 6 -2.13 36.72 15.15
CA ASN A 6 -2.97 35.52 15.29
C ASN A 6 -2.65 34.49 14.22
N ASN A 7 -1.51 33.83 14.38
CA ASN A 7 -1.09 32.78 13.46
C ASN A 7 -0.15 31.81 14.18
N GLN A 8 -0.19 30.54 13.80
CA GLN A 8 0.60 29.51 14.47
C GLN A 8 1.77 29.07 13.59
N ASP A 9 1.46 28.60 12.39
CA ASP A 9 2.49 28.09 11.49
C ASP A 9 2.94 29.18 10.53
N VAL A 10 4.19 29.57 10.65
CA VAL A 10 4.74 30.64 9.83
C VAL A 10 5.60 30.08 8.70
N SER A 11 5.94 30.92 7.75
CA SER A 11 6.81 30.53 6.66
C SER A 11 8.26 30.62 7.12
N PHE A 12 9.07 29.62 6.79
CA PHE A 12 10.46 29.61 7.23
C PHE A 12 11.40 29.37 6.06
N GLU A 13 11.67 30.44 5.31
CA GLU A 13 12.56 30.38 4.17
C GLU A 13 14.01 30.19 4.61
N ASN A 14 14.27 30.41 5.90
CA ASN A 14 15.60 30.27 6.45
C ASN A 14 16.01 28.80 6.48
N ILE A 15 15.14 27.96 7.01
CA ILE A 15 15.42 26.53 7.10
C ILE A 15 14.70 25.77 6.00
N GLN A 16 15.44 25.39 4.97
CA GLN A 16 14.89 24.61 3.88
C GLN A 16 15.70 23.34 3.69
N TRP A 17 15.09 22.21 3.99
CA TRP A 17 15.74 20.93 3.81
C TRP A 17 15.28 20.26 2.52
N SER A 18 16.13 20.34 1.50
CA SER A 18 15.81 19.80 0.19
C SER A 18 16.14 18.30 0.11
N ILE A 19 15.54 17.55 1.03
CA ILE A 19 15.73 16.10 1.09
C ILE A 19 14.38 15.45 1.36
N ASP A 20 14.41 14.22 1.86
CA ASP A 20 13.18 13.53 2.23
C ASP A 20 12.91 13.70 3.71
N PRO A 21 11.87 14.47 4.07
CA PRO A 21 11.51 14.71 5.48
C PRO A 21 10.95 13.46 6.16
N GLY A 22 10.60 12.47 5.36
CA GLY A 22 10.04 11.24 5.88
C GLY A 22 11.05 10.12 5.90
N ALA A 23 12.30 10.45 5.61
CA ALA A 23 13.39 9.47 5.63
C ALA A 23 13.72 9.10 7.07
N ASP A 24 13.27 9.91 8.01
CA ASP A 24 13.47 9.64 9.43
C ASP A 24 12.29 8.86 9.99
N LEU A 25 11.50 8.31 9.10
CA LEU A 25 10.36 7.47 9.48
C LEU A 25 10.47 6.13 8.76
N SER A 26 11.66 5.53 8.85
CA SER A 26 11.98 4.31 8.14
C SER A 26 10.95 3.19 8.37
N GLN A 27 10.70 2.88 9.63
CA GLN A 27 9.79 1.79 9.99
C GLN A 27 8.34 2.14 9.72
N TYR A 28 8.10 3.41 9.41
CA TYR A 28 6.73 3.90 9.26
C TYR A 28 6.27 3.83 7.81
N LYS A 29 7.20 3.80 6.87
CA LYS A 29 6.85 3.75 5.45
C LYS A 29 6.62 2.32 5.00
N MET A 30 5.48 2.09 4.37
CA MET A 30 5.18 0.80 3.80
C MET A 30 5.56 0.76 2.32
N ASP A 31 6.11 -0.35 1.88
CA ASP A 31 6.49 -0.49 0.48
C ASP A 31 5.29 -0.93 -0.34
N VAL A 32 4.90 -0.08 -1.28
CA VAL A 32 3.75 -0.37 -2.14
C VAL A 32 4.21 -1.23 -3.32
N THR A 33 4.06 -2.53 -3.17
CA THR A 33 4.40 -3.46 -4.23
C THR A 33 3.19 -3.68 -5.14
N VAL A 34 3.20 -3.06 -6.30
CA VAL A 34 2.10 -3.18 -7.23
C VAL A 34 2.26 -4.43 -8.10
N ILE A 35 1.26 -5.28 -8.09
CA ILE A 35 1.33 -6.54 -8.82
C ILE A 35 0.92 -6.34 -10.28
N ASP A 36 1.81 -6.73 -11.17
CA ASP A 36 1.56 -6.64 -12.60
C ASP A 36 0.64 -7.79 -13.05
N THR A 37 -0.64 -7.48 -13.18
CA THR A 37 -1.63 -8.47 -13.55
C THR A 37 -1.44 -8.96 -14.98
N LYS A 38 -1.17 -10.24 -15.12
CA LYS A 38 -0.99 -10.88 -16.42
C LYS A 38 -2.33 -11.20 -17.07
N ASP A 39 -3.41 -10.95 -16.33
CA ASP A 39 -4.73 -11.42 -16.72
C ASP A 39 -5.32 -10.56 -17.83
N GLY A 40 -6.56 -10.90 -18.17
CA GLY A 40 -7.23 -10.25 -19.28
C GLY A 40 -6.85 -10.84 -20.62
N SER A 41 -5.90 -11.77 -20.59
CA SER A 41 -5.40 -12.39 -21.82
C SER A 41 -6.09 -13.72 -22.09
N GLN A 42 -6.96 -14.13 -21.17
CA GLN A 42 -7.65 -15.41 -21.27
C GLN A 42 -8.93 -15.26 -22.08
N SER A 43 -8.82 -14.70 -23.27
CA SER A 43 -9.96 -14.45 -24.12
C SER A 43 -10.67 -15.75 -24.50
N LYS A 44 -9.88 -16.75 -24.89
CA LYS A 44 -10.42 -18.04 -25.31
C LYS A 44 -10.70 -18.91 -24.10
N LEU A 45 -10.06 -18.59 -22.98
CA LEU A 45 -10.20 -19.36 -21.75
C LEU A 45 -11.45 -18.94 -20.99
N GLY A 46 -11.96 -17.77 -21.32
CA GLY A 46 -13.17 -17.28 -20.68
C GLY A 46 -13.11 -15.79 -20.44
N GLY A 47 -12.90 -15.04 -21.51
CA GLY A 47 -12.80 -13.60 -21.41
C GLY A 47 -13.99 -12.90 -22.02
N GLY A 48 -15.03 -12.73 -21.24
CA GLY A 48 -16.23 -12.07 -21.74
C GLY A 48 -17.42 -12.31 -20.84
N GLY A 49 -18.55 -11.71 -21.19
CA GLY A 49 -19.75 -11.84 -20.40
C GLY A 49 -20.98 -11.56 -21.23
N SER A 50 -22.03 -11.07 -20.58
CA SER A 50 -23.27 -10.74 -21.28
C SER A 50 -23.15 -9.39 -21.99
N GLY A 51 -22.34 -9.36 -23.04
CA GLY A 51 -22.12 -8.13 -23.77
C GLY A 51 -21.28 -7.15 -22.98
N GLY A 52 -21.84 -5.98 -22.70
CA GLY A 52 -21.15 -5.02 -21.86
C GLY A 52 -21.43 -5.27 -20.39
N HIS A 53 -22.37 -6.17 -20.12
CA HIS A 53 -22.77 -6.48 -18.76
C HIS A 53 -22.08 -7.75 -18.27
N MET A 54 -20.83 -7.60 -17.87
CA MET A 54 -20.06 -8.73 -17.35
C MET A 54 -20.04 -8.68 -15.82
N GLY A 55 -20.38 -9.78 -15.18
CA GLY A 55 -20.39 -9.81 -13.73
C GLY A 55 -20.51 -11.23 -13.17
N SER A 56 -19.40 -11.78 -12.73
CA SER A 56 -19.39 -13.09 -12.11
C SER A 56 -19.72 -12.99 -10.62
N GLY A 57 -21.00 -12.77 -10.32
CA GLY A 57 -21.43 -12.62 -8.95
C GLY A 57 -21.26 -13.89 -8.15
N GLY A 58 -21.15 -13.75 -6.84
CA GLY A 58 -20.96 -14.91 -5.98
C GLY A 58 -19.50 -15.11 -5.64
N LEU A 59 -18.64 -14.83 -6.61
CA LEU A 59 -17.21 -14.96 -6.41
C LEU A 59 -16.65 -13.71 -5.74
N SER A 60 -15.67 -13.91 -4.87
CA SER A 60 -14.99 -12.80 -4.22
C SER A 60 -13.66 -12.53 -4.89
N TRP A 61 -13.15 -13.55 -5.58
CA TRP A 61 -11.85 -13.49 -6.27
C TRP A 61 -10.71 -13.25 -5.28
N LYS A 62 -10.50 -11.99 -4.96
CA LYS A 62 -9.51 -11.59 -3.98
C LYS A 62 -10.12 -10.57 -3.03
N ARG A 63 -10.04 -10.86 -1.74
CA ARG A 63 -10.69 -10.02 -0.74
C ARG A 63 -9.66 -9.19 0.01
N CYS A 64 -9.76 -7.88 -0.16
CA CYS A 64 -8.87 -6.93 0.48
C CYS A 64 -9.18 -6.79 1.97
N ALA A 65 -8.19 -6.36 2.74
CA ALA A 65 -8.36 -6.17 4.17
C ALA A 65 -9.00 -4.81 4.49
N GLY A 66 -9.15 -3.97 3.48
CA GLY A 66 -9.68 -2.63 3.70
C GLY A 66 -11.19 -2.57 3.61
N CYS A 67 -11.71 -2.39 2.39
CA CYS A 67 -13.14 -2.29 2.18
C CYS A 67 -13.83 -3.63 2.40
N GLY A 68 -13.10 -4.71 2.09
CA GLY A 68 -13.57 -6.04 2.44
C GLY A 68 -14.55 -6.62 1.45
N GLY A 69 -14.83 -5.88 0.38
CA GLY A 69 -15.73 -6.37 -0.64
C GLY A 69 -15.05 -7.34 -1.57
N LYS A 70 -14.51 -6.82 -2.65
CA LYS A 70 -13.75 -7.61 -3.61
C LYS A 70 -13.00 -6.69 -4.54
N ILE A 71 -11.82 -7.08 -4.97
CA ILE A 71 -11.00 -6.26 -5.83
C ILE A 71 -11.56 -6.25 -7.26
N ALA A 72 -12.13 -5.12 -7.63
CA ALA A 72 -12.65 -4.94 -8.98
C ALA A 72 -11.72 -4.04 -9.78
N ASP A 73 -10.50 -3.94 -9.29
CA ASP A 73 -9.46 -3.14 -9.94
C ASP A 73 -8.71 -3.99 -10.94
N ARG A 74 -7.81 -3.37 -11.68
CA ARG A 74 -6.97 -4.11 -12.62
C ARG A 74 -5.69 -4.55 -11.93
N PHE A 75 -4.99 -3.60 -11.34
CA PHE A 75 -3.77 -3.86 -10.61
C PHE A 75 -4.03 -3.88 -9.11
N LEU A 76 -3.54 -4.90 -8.44
CA LEU A 76 -3.60 -4.96 -6.99
C LEU A 76 -2.26 -4.55 -6.40
N LEU A 77 -2.28 -3.93 -5.24
CA LEU A 77 -1.08 -3.35 -4.67
C LEU A 77 -0.85 -3.84 -3.24
N TYR A 78 0.39 -3.78 -2.81
CA TYR A 78 0.77 -4.19 -1.47
C TYR A 78 1.00 -2.97 -0.59
N ALA A 79 0.75 -3.14 0.70
CA ALA A 79 1.03 -2.08 1.66
C ALA A 79 1.77 -2.66 2.86
N MET A 80 1.04 -3.29 3.76
CA MET A 80 1.63 -3.92 4.92
C MET A 80 1.80 -5.41 4.69
N ASP A 81 0.68 -6.13 4.59
CA ASP A 81 0.70 -7.58 4.39
C ASP A 81 -0.51 -8.04 3.60
N SER A 82 -1.38 -7.10 3.26
CA SER A 82 -2.59 -7.42 2.52
C SER A 82 -2.49 -6.94 1.08
N TYR A 83 -3.40 -7.39 0.23
CA TYR A 83 -3.45 -6.95 -1.15
C TYR A 83 -4.61 -5.98 -1.34
N TRP A 84 -4.30 -4.80 -1.84
CA TRP A 84 -5.30 -3.73 -1.93
C TRP A 84 -5.51 -3.30 -3.38
N HIS A 85 -6.48 -2.41 -3.56
CA HIS A 85 -6.73 -1.77 -4.83
C HIS A 85 -6.77 -0.25 -4.62
N SER A 86 -7.01 0.51 -5.67
CA SER A 86 -6.97 1.96 -5.59
C SER A 86 -8.03 2.52 -4.63
N ARG A 87 -9.10 1.76 -4.40
CA ARG A 87 -10.18 2.21 -3.53
C ARG A 87 -9.96 1.75 -2.08
N CYS A 88 -9.01 0.85 -1.86
CA CYS A 88 -8.75 0.33 -0.52
C CYS A 88 -7.53 1.02 0.10
N LEU A 89 -6.42 0.99 -0.60
CA LEU A 89 -5.19 1.59 -0.10
C LEU A 89 -5.21 3.10 -0.24
N LYS A 90 -5.83 3.75 0.73
CA LYS A 90 -5.92 5.20 0.73
C LYS A 90 -5.66 5.76 2.12
N CYS A 91 -5.49 7.06 2.19
CA CYS A 91 -5.39 7.77 3.46
C CYS A 91 -6.71 7.68 4.19
N SER A 92 -6.66 7.34 5.46
CA SER A 92 -7.87 7.22 6.26
C SER A 92 -8.34 8.60 6.71
N SER A 93 -7.54 9.62 6.43
CA SER A 93 -7.86 10.98 6.84
C SER A 93 -8.37 11.83 5.68
N CYS A 94 -7.63 11.87 4.56
CA CYS A 94 -8.05 12.68 3.42
C CYS A 94 -8.45 11.82 2.24
N GLN A 95 -8.36 10.49 2.41
CA GLN A 95 -8.75 9.53 1.39
C GLN A 95 -7.84 9.63 0.16
N ALA A 96 -6.59 10.01 0.38
CA ALA A 96 -5.61 10.05 -0.70
C ALA A 96 -5.29 8.63 -1.16
N GLN A 97 -5.48 8.37 -2.46
CA GLN A 97 -5.24 7.05 -3.02
C GLN A 97 -3.74 6.74 -3.06
N LEU A 98 -3.18 6.42 -1.89
CA LEU A 98 -1.76 6.18 -1.75
C LEU A 98 -1.31 4.95 -2.53
N GLY A 99 -2.23 4.07 -2.86
CA GLY A 99 -1.90 2.89 -3.63
C GLY A 99 -1.82 3.19 -5.12
N ASP A 100 -2.40 4.30 -5.53
CA ASP A 100 -2.42 4.68 -6.95
C ASP A 100 -1.36 5.74 -7.22
N ILE A 101 -0.53 5.96 -6.23
CA ILE A 101 0.57 6.88 -6.35
C ILE A 101 1.82 6.23 -5.76
N GLY A 102 2.97 6.59 -6.26
CA GLY A 102 4.22 6.13 -5.66
C GLY A 102 4.52 6.84 -4.35
N THR A 103 3.52 6.88 -3.48
CA THR A 103 3.61 7.61 -2.23
C THR A 103 4.07 6.70 -1.09
N SER A 104 5.03 7.18 -0.32
CA SER A 104 5.47 6.48 0.87
C SER A 104 4.46 6.69 2.00
N SER A 105 3.43 5.86 2.03
CA SER A 105 2.40 5.94 3.04
C SER A 105 2.93 5.51 4.40
N TYR A 106 2.48 6.21 5.43
CA TYR A 106 2.97 5.95 6.78
C TYR A 106 1.86 5.41 7.67
N THR A 107 2.24 4.78 8.76
CA THR A 107 1.26 4.24 9.69
C THR A 107 1.82 4.19 11.10
N LYS A 108 0.92 4.17 12.07
CA LYS A 108 1.28 4.13 13.47
C LYS A 108 0.17 3.47 14.28
N SER A 109 -0.95 4.18 14.43
CA SER A 109 -2.10 3.68 15.16
C SER A 109 -2.92 2.69 14.32
N GLY A 110 -2.28 2.14 13.29
CA GLY A 110 -2.94 1.14 12.46
C GLY A 110 -3.70 1.73 11.29
N MET A 111 -3.64 3.05 11.16
CA MET A 111 -4.35 3.71 10.08
C MET A 111 -3.38 4.09 8.97
N ILE A 112 -3.79 3.93 7.73
CA ILE A 112 -2.99 4.34 6.59
C ILE A 112 -3.17 5.83 6.36
N LEU A 113 -2.07 6.56 6.37
CA LEU A 113 -2.14 8.01 6.24
C LEU A 113 -1.10 8.50 5.24
N CYS A 114 -1.42 9.60 4.55
CA CYS A 114 -0.47 10.20 3.63
C CYS A 114 0.65 10.90 4.38
N ARG A 115 1.69 11.28 3.65
CA ARG A 115 2.86 11.92 4.25
C ARG A 115 2.47 13.23 4.92
N ASN A 116 1.54 13.94 4.32
CA ASN A 116 1.11 15.23 4.83
C ASN A 116 0.24 15.07 6.08
N ASP A 117 -0.65 14.08 6.04
CA ASP A 117 -1.60 13.87 7.11
C ASP A 117 -0.92 13.36 8.37
N TYR A 118 -0.09 12.34 8.22
CA TYR A 118 0.55 11.71 9.35
C TYR A 118 1.39 12.71 10.14
N ILE A 119 2.20 13.49 9.45
CA ILE A 119 3.10 14.44 10.10
C ILE A 119 2.30 15.54 10.80
N ARG A 120 1.24 16.01 10.16
CA ARG A 120 0.42 17.07 10.71
C ARG A 120 -0.38 16.58 11.91
N LEU A 121 -0.94 15.38 11.80
CA LEU A 121 -1.77 14.83 12.86
C LEU A 121 -0.94 14.30 14.03
N PHE A 122 -0.10 13.31 13.75
CA PHE A 122 0.64 12.64 14.81
C PHE A 122 2.09 13.12 14.85
N GLY A 123 2.86 12.75 13.85
CA GLY A 123 4.27 13.05 13.86
C GLY A 123 5.05 12.06 14.70
ZN ZN B . -11.08 -3.27 -1.03
ZN ZN C . -4.09 12.29 3.88
N SER A 3 10.40 -21.21 6.65
CA SER A 3 10.46 -22.55 7.28
C SER A 3 11.88 -22.90 7.71
N LEU A 4 12.84 -22.75 6.81
CA LEU A 4 14.22 -23.08 7.10
C LEU A 4 15.10 -21.84 7.08
N GLN A 5 14.71 -20.85 7.86
CA GLN A 5 15.45 -19.60 7.93
C GLN A 5 16.71 -19.74 8.80
N ASN A 6 17.67 -20.47 8.27
CA ASN A 6 18.93 -20.70 8.97
C ASN A 6 19.97 -19.67 8.56
N ASN A 7 19.53 -18.72 7.76
CA ASN A 7 20.41 -17.69 7.22
C ASN A 7 19.88 -16.31 7.56
N GLN A 8 20.70 -15.30 7.28
CA GLN A 8 20.29 -13.91 7.50
C GLN A 8 19.60 -13.38 6.26
N ASP A 9 18.87 -12.28 6.41
CA ASP A 9 18.29 -11.60 5.27
C ASP A 9 19.40 -10.87 4.52
N VAL A 10 19.77 -11.40 3.37
CA VAL A 10 20.90 -10.89 2.61
C VAL A 10 20.64 -9.47 2.12
N SER A 11 21.37 -8.52 2.69
CA SER A 11 21.30 -7.13 2.27
C SER A 11 21.96 -6.95 0.91
N PHE A 12 21.39 -6.07 0.09
CA PHE A 12 21.91 -5.84 -1.25
C PHE A 12 23.07 -4.85 -1.22
N GLU A 13 23.94 -4.95 -2.21
CA GLU A 13 25.01 -3.98 -2.40
C GLU A 13 24.48 -2.82 -3.23
N ASN A 14 23.51 -3.12 -4.08
CA ASN A 14 22.79 -2.11 -4.84
C ASN A 14 22.17 -1.11 -3.88
N ILE A 15 21.46 -1.62 -2.88
CA ILE A 15 20.92 -0.79 -1.83
C ILE A 15 21.74 -0.97 -0.57
N GLN A 16 22.94 -0.39 -0.56
CA GLN A 16 23.83 -0.50 0.58
C GLN A 16 23.41 0.48 1.67
N TRP A 17 22.19 0.31 2.16
CA TRP A 17 21.64 1.18 3.18
C TRP A 17 21.75 0.54 4.56
N SER A 18 21.89 1.37 5.57
CA SER A 18 21.88 0.91 6.94
C SER A 18 20.62 1.40 7.63
N ILE A 19 20.31 0.85 8.80
CA ILE A 19 19.14 1.27 9.54
C ILE A 19 19.40 2.61 10.23
N ASP A 20 18.78 3.64 9.71
CA ASP A 20 18.89 4.98 10.29
C ASP A 20 18.17 5.00 11.63
N PRO A 21 18.83 5.50 12.70
CA PRO A 21 18.27 5.51 14.06
C PRO A 21 17.08 6.46 14.21
N GLY A 22 15.97 6.09 13.58
CA GLY A 22 14.73 6.85 13.72
C GLY A 22 14.82 8.25 13.15
N ALA A 23 15.58 8.40 12.07
CA ALA A 23 15.74 9.70 11.44
C ALA A 23 14.50 10.08 10.65
N ASP A 24 14.17 9.27 9.65
CA ASP A 24 12.97 9.50 8.85
C ASP A 24 11.88 8.51 9.27
N LEU A 25 10.79 8.49 8.52
CA LEU A 25 9.67 7.62 8.84
C LEU A 25 9.66 6.42 7.89
N SER A 26 10.83 6.10 7.36
CA SER A 26 10.99 5.01 6.42
C SER A 26 10.58 3.67 7.02
N GLN A 27 10.67 3.56 8.35
CA GLN A 27 10.29 2.33 9.03
C GLN A 27 8.77 2.30 9.28
N TYR A 28 8.14 3.46 9.22
CA TYR A 28 6.70 3.56 9.42
C TYR A 28 5.97 3.42 8.08
N LYS A 29 6.70 3.68 7.01
CA LYS A 29 6.15 3.56 5.67
C LYS A 29 6.09 2.10 5.26
N MET A 30 5.02 1.74 4.57
CA MET A 30 4.87 0.41 4.02
C MET A 30 5.46 0.37 2.63
N ASP A 31 6.40 -0.53 2.39
CA ASP A 31 7.03 -0.64 1.09
C ASP A 31 6.05 -1.23 0.09
N VAL A 32 5.62 -0.41 -0.85
CA VAL A 32 4.52 -0.78 -1.74
C VAL A 32 5.02 -1.61 -2.91
N THR A 33 4.68 -2.89 -2.87
CA THR A 33 4.97 -3.78 -3.96
C THR A 33 3.80 -3.79 -4.94
N VAL A 34 4.02 -3.26 -6.13
CA VAL A 34 2.96 -3.16 -7.12
C VAL A 34 2.93 -4.40 -8.01
N ILE A 35 1.86 -5.17 -7.90
CA ILE A 35 1.71 -6.40 -8.67
C ILE A 35 1.13 -6.09 -10.04
N ASP A 36 1.82 -6.53 -11.08
CA ASP A 36 1.38 -6.27 -12.44
C ASP A 36 0.50 -7.43 -12.94
N THR A 37 -0.75 -7.11 -13.24
CA THR A 37 -1.72 -8.12 -13.62
C THR A 37 -1.67 -8.42 -15.11
N LYS A 38 -0.59 -9.07 -15.53
CA LYS A 38 -0.43 -9.47 -16.93
C LYS A 38 -1.30 -10.67 -17.25
N ASP A 39 -1.71 -11.38 -16.21
CA ASP A 39 -2.51 -12.57 -16.35
C ASP A 39 -3.98 -12.20 -16.43
N GLY A 40 -4.81 -13.22 -16.53
CA GLY A 40 -6.25 -13.02 -16.61
C GLY A 40 -6.71 -12.74 -18.02
N SER A 41 -6.10 -11.75 -18.66
CA SER A 41 -6.46 -11.35 -20.00
C SER A 41 -5.76 -12.22 -21.06
N GLN A 42 -4.95 -13.17 -20.60
CA GLN A 42 -4.17 -14.02 -21.50
C GLN A 42 -4.97 -15.26 -21.90
N SER A 43 -6.27 -15.10 -22.09
CA SER A 43 -7.15 -16.20 -22.44
C SER A 43 -6.86 -16.72 -23.85
N LYS A 44 -6.24 -15.88 -24.69
CA LYS A 44 -5.93 -16.27 -26.06
C LYS A 44 -4.74 -17.21 -26.10
N LEU A 45 -4.04 -17.33 -24.98
CA LEU A 45 -2.91 -18.23 -24.88
C LEU A 45 -3.37 -19.66 -24.65
N GLY A 46 -4.17 -19.84 -23.61
CA GLY A 46 -4.68 -21.16 -23.27
C GLY A 46 -3.75 -21.89 -22.34
N GLY A 47 -2.71 -22.51 -22.89
CA GLY A 47 -1.75 -23.23 -22.09
C GLY A 47 -1.68 -24.69 -22.47
N GLY A 48 -0.47 -25.25 -22.43
CA GLY A 48 -0.28 -26.64 -22.77
C GLY A 48 -0.88 -27.56 -21.73
N GLY A 49 -2.03 -28.16 -22.05
CA GLY A 49 -2.71 -29.02 -21.11
C GLY A 49 -3.91 -28.34 -20.49
N SER A 50 -4.13 -27.09 -20.87
CA SER A 50 -5.26 -26.33 -20.37
C SER A 50 -6.35 -26.24 -21.43
N GLY A 51 -6.99 -27.37 -21.69
CA GLY A 51 -8.05 -27.42 -22.69
C GLY A 51 -9.40 -27.67 -22.07
N GLY A 52 -9.50 -27.48 -20.77
CA GLY A 52 -10.76 -27.63 -20.08
C GLY A 52 -11.32 -26.29 -19.64
N HIS A 53 -11.80 -26.22 -18.41
CA HIS A 53 -12.29 -24.98 -17.85
C HIS A 53 -11.58 -24.65 -16.56
N MET A 54 -11.18 -23.39 -16.41
CA MET A 54 -10.54 -22.95 -15.18
C MET A 54 -11.60 -22.42 -14.23
N GLY A 55 -12.24 -23.35 -13.52
CA GLY A 55 -13.32 -22.98 -12.62
C GLY A 55 -12.88 -22.10 -11.49
N SER A 56 -13.70 -21.11 -11.16
CA SER A 56 -13.40 -20.20 -10.08
C SER A 56 -13.54 -20.89 -8.72
N GLY A 57 -12.42 -21.29 -8.14
CA GLY A 57 -12.42 -21.89 -6.83
C GLY A 57 -12.40 -20.84 -5.74
N GLY A 58 -13.56 -20.30 -5.43
CA GLY A 58 -13.64 -19.23 -4.46
C GLY A 58 -13.91 -17.90 -5.14
N LEU A 59 -15.12 -17.40 -4.97
CA LEU A 59 -15.52 -16.15 -5.59
C LEU A 59 -15.03 -14.93 -4.80
N SER A 60 -14.12 -15.17 -3.87
CA SER A 60 -13.50 -14.10 -3.12
C SER A 60 -12.19 -13.68 -3.78
N TRP A 61 -11.54 -14.64 -4.45
CA TRP A 61 -10.22 -14.46 -5.06
C TRP A 61 -9.30 -13.64 -4.15
N LYS A 62 -9.15 -12.37 -4.45
CA LYS A 62 -8.36 -11.47 -3.63
C LYS A 62 -9.30 -10.50 -2.91
N ARG A 63 -9.65 -10.83 -1.68
CA ARG A 63 -10.48 -9.97 -0.87
C ARG A 63 -9.68 -8.75 -0.42
N CYS A 64 -10.28 -7.58 -0.54
CA CYS A 64 -9.59 -6.35 -0.24
C CYS A 64 -9.77 -5.96 1.22
N ALA A 65 -8.81 -5.20 1.75
CA ALA A 65 -8.71 -4.98 3.19
C ALA A 65 -9.62 -3.87 3.70
N GLY A 66 -9.44 -2.66 3.18
CA GLY A 66 -10.13 -1.49 3.72
C GLY A 66 -11.63 -1.58 3.58
N CYS A 67 -12.11 -1.58 2.35
CA CYS A 67 -13.53 -1.71 2.08
C CYS A 67 -14.06 -3.07 2.58
N GLY A 68 -13.25 -4.09 2.41
CA GLY A 68 -13.63 -5.42 2.84
C GLY A 68 -14.43 -6.14 1.78
N GLY A 69 -14.13 -5.83 0.53
CA GLY A 69 -14.83 -6.45 -0.57
C GLY A 69 -13.90 -7.31 -1.39
N LYS A 70 -14.13 -7.37 -2.68
CA LYS A 70 -13.27 -8.11 -3.58
C LYS A 70 -12.57 -7.15 -4.51
N ILE A 71 -11.26 -7.30 -4.68
CA ILE A 71 -10.52 -6.44 -5.59
C ILE A 71 -10.95 -6.75 -7.02
N ALA A 72 -11.74 -5.85 -7.58
CA ALA A 72 -12.19 -6.01 -8.95
C ALA A 72 -11.48 -5.01 -9.83
N ASP A 73 -10.46 -4.39 -9.27
CA ASP A 73 -9.64 -3.46 -10.02
C ASP A 73 -8.55 -4.20 -10.76
N ARG A 74 -7.67 -3.47 -11.43
CA ARG A 74 -6.63 -4.08 -12.24
C ARG A 74 -5.41 -4.39 -11.38
N PHE A 75 -4.78 -3.36 -10.85
CA PHE A 75 -3.52 -3.52 -10.13
C PHE A 75 -3.74 -3.60 -8.63
N LEU A 76 -3.23 -4.66 -8.02
CA LEU A 76 -3.32 -4.82 -6.57
C LEU A 76 -2.04 -4.30 -5.93
N LEU A 77 -2.20 -3.70 -4.76
CA LEU A 77 -1.08 -3.07 -4.07
C LEU A 77 -0.69 -3.85 -2.83
N TYR A 78 0.60 -3.95 -2.59
CA TYR A 78 1.13 -4.54 -1.38
C TYR A 78 1.59 -3.46 -0.43
N ALA A 79 0.79 -3.18 0.59
CA ALA A 79 1.15 -2.17 1.57
C ALA A 79 1.67 -2.83 2.84
N MET A 80 0.78 -2.98 3.82
CA MET A 80 1.13 -3.60 5.09
C MET A 80 1.51 -5.06 4.89
N ASP A 81 0.65 -5.80 4.18
CA ASP A 81 0.81 -7.24 3.96
C ASP A 81 -0.43 -7.78 3.27
N SER A 82 -1.48 -6.97 3.28
CA SER A 82 -2.75 -7.35 2.72
C SER A 82 -2.80 -7.03 1.22
N TYR A 83 -3.84 -7.49 0.55
CA TYR A 83 -4.03 -7.16 -0.86
C TYR A 83 -4.90 -5.93 -0.98
N TRP A 84 -4.35 -4.87 -1.52
CA TRP A 84 -5.09 -3.62 -1.66
C TRP A 84 -5.32 -3.30 -3.13
N HIS A 85 -6.10 -2.25 -3.37
CA HIS A 85 -6.29 -1.70 -4.70
C HIS A 85 -6.22 -0.19 -4.56
N SER A 86 -6.46 0.54 -5.63
CA SER A 86 -6.36 1.99 -5.59
C SER A 86 -7.26 2.58 -4.50
N ARG A 87 -8.49 2.11 -4.41
CA ARG A 87 -9.48 2.65 -3.48
C ARG A 87 -9.32 2.12 -2.06
N CYS A 88 -8.45 1.14 -1.85
CA CYS A 88 -8.22 0.63 -0.50
C CYS A 88 -7.10 1.40 0.17
N LEU A 89 -6.02 1.56 -0.56
CA LEU A 89 -4.87 2.28 -0.06
C LEU A 89 -5.14 3.78 -0.10
N LYS A 90 -5.97 4.24 0.82
CA LYS A 90 -6.36 5.64 0.90
C LYS A 90 -6.08 6.19 2.28
N CYS A 91 -5.82 7.48 2.37
CA CYS A 91 -5.63 8.13 3.66
C CYS A 91 -6.92 7.99 4.47
N SER A 92 -6.78 7.66 5.74
CA SER A 92 -7.96 7.54 6.60
C SER A 92 -8.44 8.92 7.04
N SER A 93 -7.73 9.96 6.60
CA SER A 93 -8.10 11.33 6.94
C SER A 93 -8.46 12.13 5.68
N CYS A 94 -7.80 11.83 4.57
CA CYS A 94 -8.14 12.47 3.29
C CYS A 94 -9.15 11.63 2.51
N GLN A 95 -9.00 10.32 2.64
CA GLN A 95 -9.72 9.35 1.81
C GLN A 95 -9.25 9.44 0.37
N ALA A 96 -8.06 10.00 0.20
CA ALA A 96 -7.44 10.11 -1.10
C ALA A 96 -6.73 8.81 -1.44
N GLN A 97 -6.99 8.29 -2.63
CA GLN A 97 -6.45 7.02 -3.05
C GLN A 97 -4.98 7.15 -3.45
N LEU A 98 -4.10 6.60 -2.62
CA LEU A 98 -2.67 6.61 -2.90
C LEU A 98 -2.26 5.36 -3.66
N GLY A 99 -3.24 4.49 -3.90
CA GLY A 99 -2.98 3.20 -4.54
C GLY A 99 -2.40 3.31 -5.94
N ASP A 100 -2.66 4.42 -6.62
CA ASP A 100 -2.14 4.59 -7.97
C ASP A 100 -0.90 5.47 -7.97
N ILE A 101 -0.37 5.70 -6.80
CA ILE A 101 0.82 6.52 -6.66
C ILE A 101 1.97 5.71 -6.10
N GLY A 102 3.17 5.94 -6.62
CA GLY A 102 4.34 5.21 -6.17
C GLY A 102 4.93 5.76 -4.88
N THR A 103 4.18 6.60 -4.20
CA THR A 103 4.62 7.18 -2.94
C THR A 103 4.02 6.40 -1.77
N SER A 104 4.88 5.93 -0.89
CA SER A 104 4.43 5.09 0.21
C SER A 104 3.85 5.93 1.35
N SER A 105 2.67 5.54 1.81
CA SER A 105 2.02 6.21 2.92
C SER A 105 2.55 5.66 4.24
N TYR A 106 2.16 6.29 5.35
CA TYR A 106 2.67 5.92 6.65
C TYR A 106 1.58 5.36 7.53
N THR A 107 1.96 4.57 8.52
CA THR A 107 1.00 3.97 9.42
C THR A 107 1.52 4.01 10.85
N LYS A 108 0.59 3.89 11.81
CA LYS A 108 0.94 3.93 13.22
C LYS A 108 -0.14 3.29 14.06
N SER A 109 -1.08 4.11 14.53
CA SER A 109 -2.14 3.65 15.40
C SER A 109 -3.28 3.00 14.60
N GLY A 110 -2.95 1.93 13.88
CA GLY A 110 -3.94 1.19 13.13
C GLY A 110 -4.61 2.01 12.05
N MET A 111 -3.90 3.00 11.52
CA MET A 111 -4.44 3.86 10.48
C MET A 111 -3.38 4.14 9.42
N ILE A 112 -3.80 4.13 8.16
CA ILE A 112 -2.92 4.48 7.05
C ILE A 112 -3.16 5.91 6.62
N LEU A 113 -2.18 6.75 6.85
CA LEU A 113 -2.32 8.18 6.61
C LEU A 113 -1.36 8.63 5.53
N CYS A 114 -1.70 9.73 4.88
CA CYS A 114 -0.86 10.30 3.84
C CYS A 114 0.43 10.88 4.43
N ARG A 115 1.29 11.35 3.56
CA ARG A 115 2.58 11.91 3.97
C ARG A 115 2.37 13.11 4.91
N ASN A 116 1.50 14.00 4.49
CA ASN A 116 1.26 15.24 5.22
C ASN A 116 0.48 14.99 6.51
N ASP A 117 -0.50 14.10 6.43
CA ASP A 117 -1.38 13.85 7.57
C ASP A 117 -0.66 13.15 8.70
N TYR A 118 0.16 12.17 8.37
CA TYR A 118 0.85 11.42 9.39
C TYR A 118 1.71 12.34 10.25
N ILE A 119 2.46 13.23 9.60
CA ILE A 119 3.29 14.18 10.32
C ILE A 119 2.42 15.14 11.12
N ARG A 120 1.29 15.51 10.54
CA ARG A 120 0.33 16.42 11.19
C ARG A 120 -0.23 15.80 12.46
N LEU A 121 -0.57 14.52 12.38
CA LEU A 121 -1.19 13.83 13.51
C LEU A 121 -0.14 13.37 14.52
N PHE A 122 0.82 12.59 14.06
CA PHE A 122 1.81 12.02 14.94
C PHE A 122 3.21 12.50 14.59
N GLY A 123 3.73 12.03 13.46
CA GLY A 123 5.07 12.40 13.05
C GLY A 123 6.09 11.39 13.49
ZN ZN B . -10.85 -2.18 -0.83
ZN ZN C . -4.35 12.67 4.53
N SER A 3 35.86 -20.78 24.70
CA SER A 3 34.89 -21.03 25.79
C SER A 3 33.67 -20.11 25.65
N LEU A 4 33.35 -19.74 24.42
CA LEU A 4 32.22 -18.86 24.15
C LEU A 4 31.16 -19.60 23.36
N GLN A 5 30.27 -20.30 24.06
CA GLN A 5 29.27 -21.11 23.39
C GLN A 5 27.86 -20.60 23.67
N ASN A 6 27.06 -20.53 22.62
CA ASN A 6 25.66 -20.13 22.69
C ASN A 6 25.48 -18.74 23.30
N ASN A 7 26.37 -17.82 22.95
CA ASN A 7 26.23 -16.44 23.39
C ASN A 7 25.87 -15.56 22.22
N GLN A 8 26.86 -15.24 21.40
CA GLN A 8 26.66 -14.45 20.17
C GLN A 8 25.95 -13.12 20.48
N ASP A 9 26.45 -12.42 21.47
CA ASP A 9 25.94 -11.11 21.81
C ASP A 9 26.38 -10.09 20.76
N VAL A 10 25.43 -9.65 19.95
CA VAL A 10 25.72 -8.75 18.84
C VAL A 10 26.18 -7.39 19.33
N SER A 11 27.40 -7.02 18.95
CA SER A 11 27.97 -5.72 19.28
C SER A 11 27.30 -4.61 18.47
N PHE A 12 26.16 -4.12 18.95
CA PHE A 12 25.38 -3.11 18.23
C PHE A 12 26.09 -1.77 18.22
N GLU A 13 27.12 -1.64 19.05
CA GLU A 13 27.88 -0.40 19.15
C GLU A 13 28.98 -0.34 18.10
N ASN A 14 29.26 -1.47 17.46
CA ASN A 14 30.31 -1.55 16.46
C ASN A 14 29.93 -0.75 15.23
N ILE A 15 28.69 -0.92 14.80
CA ILE A 15 28.17 -0.17 13.66
C ILE A 15 27.72 1.23 14.08
N GLN A 16 28.62 2.18 13.96
CA GLN A 16 28.33 3.55 14.38
C GLN A 16 28.04 4.42 13.16
N TRP A 17 26.77 4.49 12.78
CA TRP A 17 26.34 5.31 11.65
C TRP A 17 26.45 6.79 11.98
N SER A 18 27.25 7.51 11.22
CA SER A 18 27.45 8.93 11.45
C SER A 18 26.36 9.76 10.77
N ILE A 19 25.11 9.38 11.01
CA ILE A 19 23.96 10.08 10.43
C ILE A 19 22.91 10.33 11.49
N ASP A 20 21.67 10.54 11.06
CA ASP A 20 20.55 10.69 11.99
C ASP A 20 19.92 9.34 12.28
N PRO A 21 20.12 8.82 13.50
CA PRO A 21 19.66 7.48 13.89
C PRO A 21 18.17 7.41 14.19
N GLY A 22 17.36 7.41 13.13
CA GLY A 22 15.93 7.20 13.29
C GLY A 22 15.19 8.47 13.64
N ALA A 23 15.76 9.61 13.32
CA ALA A 23 15.13 10.90 13.62
C ALA A 23 14.24 11.35 12.47
N ASP A 24 14.34 10.64 11.34
CA ASP A 24 13.53 10.97 10.16
C ASP A 24 12.44 9.91 9.98
N LEU A 25 11.53 10.17 9.04
CA LEU A 25 10.33 9.35 8.89
C LEU A 25 10.57 8.07 8.08
N SER A 26 11.83 7.78 7.76
CA SER A 26 12.16 6.61 6.96
C SER A 26 11.84 5.31 7.71
N GLN A 27 11.78 5.39 9.03
CA GLN A 27 11.48 4.23 9.85
C GLN A 27 9.99 3.89 9.78
N TYR A 28 9.18 4.87 9.44
CA TYR A 28 7.74 4.69 9.36
C TYR A 28 7.29 4.51 7.92
N LYS A 29 8.26 4.34 7.03
CA LYS A 29 7.99 4.23 5.61
C LYS A 29 7.38 2.89 5.28
N MET A 30 6.36 2.93 4.44
CA MET A 30 5.77 1.72 3.92
C MET A 30 5.93 1.71 2.42
N ASP A 31 6.61 0.68 1.93
CA ASP A 31 6.89 0.54 0.52
C ASP A 31 5.83 -0.32 -0.14
N VAL A 32 5.22 0.20 -1.19
CA VAL A 32 4.13 -0.48 -1.86
C VAL A 32 4.66 -1.49 -2.87
N THR A 33 4.34 -2.75 -2.64
CA THR A 33 4.76 -3.81 -3.55
C THR A 33 3.66 -4.08 -4.57
N VAL A 34 4.03 -4.31 -5.81
CA VAL A 34 3.05 -4.50 -6.87
C VAL A 34 2.84 -5.97 -7.19
N ILE A 35 1.61 -6.44 -7.01
CA ILE A 35 1.27 -7.82 -7.35
C ILE A 35 0.94 -7.89 -8.84
N ASP A 36 1.61 -8.81 -9.54
CA ASP A 36 1.46 -8.93 -10.97
C ASP A 36 0.20 -9.69 -11.35
N THR A 37 -0.75 -8.96 -11.93
CA THR A 37 -1.93 -9.57 -12.54
C THR A 37 -1.78 -9.51 -14.06
N LYS A 38 -0.86 -10.31 -14.58
CA LYS A 38 -0.46 -10.27 -15.98
C LYS A 38 -1.65 -10.43 -16.93
N ASP A 39 -2.50 -11.42 -16.66
CA ASP A 39 -3.60 -11.74 -17.57
C ASP A 39 -4.80 -10.84 -17.36
N GLY A 40 -4.53 -9.68 -16.82
CA GLY A 40 -5.57 -8.68 -16.64
C GLY A 40 -5.55 -7.67 -17.76
N SER A 41 -4.38 -7.48 -18.34
CA SER A 41 -4.20 -6.55 -19.45
C SER A 41 -4.33 -7.27 -20.79
N GLN A 42 -4.18 -8.58 -20.78
CA GLN A 42 -4.23 -9.35 -22.02
C GLN A 42 -5.37 -10.37 -22.00
N SER A 43 -5.48 -11.12 -20.90
CA SER A 43 -6.47 -12.19 -20.77
C SER A 43 -6.29 -13.20 -21.89
N LYS A 44 -5.04 -13.55 -22.14
CA LYS A 44 -4.67 -14.45 -23.22
C LYS A 44 -4.36 -15.84 -22.68
N LEU A 45 -4.07 -15.90 -21.39
CA LEU A 45 -3.80 -17.18 -20.74
C LEU A 45 -5.10 -17.82 -20.30
N GLY A 46 -6.00 -17.01 -19.75
CA GLY A 46 -7.30 -17.50 -19.35
C GLY A 46 -8.18 -16.37 -18.85
N GLY A 47 -7.77 -15.75 -17.75
CA GLY A 47 -8.58 -14.74 -17.11
C GLY A 47 -9.85 -15.34 -16.54
N GLY A 48 -10.98 -15.06 -17.18
CA GLY A 48 -12.24 -15.67 -16.80
C GLY A 48 -12.66 -16.70 -17.83
N GLY A 49 -13.51 -16.29 -18.75
CA GLY A 49 -13.89 -17.15 -19.85
C GLY A 49 -15.02 -18.10 -19.48
N SER A 50 -16.25 -17.68 -19.72
CA SER A 50 -17.40 -18.50 -19.47
C SER A 50 -18.40 -18.38 -20.61
N GLY A 51 -18.86 -19.52 -21.12
CA GLY A 51 -19.84 -19.50 -22.19
C GLY A 51 -21.23 -19.22 -21.66
N GLY A 52 -21.50 -19.72 -20.46
CA GLY A 52 -22.76 -19.46 -19.82
C GLY A 52 -22.77 -18.13 -19.10
N HIS A 53 -22.61 -18.17 -17.79
CA HIS A 53 -22.59 -16.96 -16.99
C HIS A 53 -21.45 -17.01 -15.97
N MET A 54 -20.91 -15.84 -15.64
CA MET A 54 -19.82 -15.76 -14.68
C MET A 54 -20.34 -15.80 -13.24
N GLY A 55 -20.98 -16.90 -12.88
CA GLY A 55 -21.55 -17.03 -11.55
C GLY A 55 -20.91 -18.15 -10.76
N SER A 56 -19.97 -17.81 -9.91
CA SER A 56 -19.32 -18.79 -9.04
C SER A 56 -19.91 -18.72 -7.63
N GLY A 57 -19.47 -19.61 -6.75
CA GLY A 57 -19.94 -19.61 -5.38
C GLY A 57 -18.99 -18.88 -4.46
N GLY A 58 -19.55 -18.23 -3.43
CA GLY A 58 -18.74 -17.45 -2.52
C GLY A 58 -18.07 -16.28 -3.21
N LEU A 59 -16.78 -16.41 -3.44
CA LEU A 59 -16.04 -15.43 -4.21
C LEU A 59 -14.94 -16.14 -5.00
N SER A 60 -14.73 -15.69 -6.23
CA SER A 60 -13.79 -16.33 -7.12
C SER A 60 -12.39 -15.75 -6.98
N TRP A 61 -12.33 -14.47 -6.64
CA TRP A 61 -11.05 -13.77 -6.57
C TRP A 61 -10.74 -13.36 -5.13
N LYS A 62 -10.47 -12.09 -4.89
CA LYS A 62 -10.03 -11.65 -3.57
C LYS A 62 -10.97 -10.61 -2.98
N ARG A 63 -11.21 -10.72 -1.68
CA ARG A 63 -11.96 -9.73 -0.94
C ARG A 63 -11.00 -8.68 -0.42
N CYS A 64 -11.39 -7.42 -0.49
CA CYS A 64 -10.48 -6.32 -0.19
C CYS A 64 -10.55 -5.89 1.28
N ALA A 65 -9.45 -5.31 1.77
CA ALA A 65 -9.27 -5.06 3.19
C ALA A 65 -10.08 -3.86 3.69
N GLY A 66 -9.89 -2.70 3.08
CA GLY A 66 -10.47 -1.47 3.59
C GLY A 66 -11.99 -1.42 3.47
N CYS A 67 -12.48 -1.28 2.23
CA CYS A 67 -13.92 -1.26 1.97
C CYS A 67 -14.58 -2.49 2.57
N GLY A 68 -13.95 -3.64 2.38
CA GLY A 68 -14.49 -4.88 2.91
C GLY A 68 -15.45 -5.52 1.95
N GLY A 69 -15.11 -5.47 0.67
CA GLY A 69 -15.96 -6.08 -0.34
C GLY A 69 -15.19 -7.05 -1.20
N LYS A 70 -14.43 -6.50 -2.14
CA LYS A 70 -13.63 -7.30 -3.06
C LYS A 70 -12.82 -6.38 -3.95
N ILE A 71 -11.61 -6.80 -4.27
CA ILE A 71 -10.75 -6.02 -5.14
C ILE A 71 -11.24 -6.10 -6.59
N ALA A 72 -11.78 -4.99 -7.08
CA ALA A 72 -12.28 -4.92 -8.44
C ALA A 72 -11.50 -3.89 -9.24
N ASP A 73 -10.20 -3.78 -8.95
CA ASP A 73 -9.32 -2.87 -9.68
C ASP A 73 -8.69 -3.60 -10.87
N ARG A 74 -7.38 -3.83 -10.78
CA ARG A 74 -6.64 -4.56 -11.81
C ARG A 74 -5.40 -5.16 -11.19
N PHE A 75 -4.47 -4.30 -10.82
CA PHE A 75 -3.27 -4.73 -10.14
C PHE A 75 -3.46 -4.58 -8.64
N LEU A 76 -2.88 -5.50 -7.89
CA LEU A 76 -3.02 -5.49 -6.44
C LEU A 76 -1.87 -4.73 -5.82
N LEU A 77 -2.18 -3.94 -4.80
CA LEU A 77 -1.18 -3.12 -4.15
C LEU A 77 -0.87 -3.68 -2.78
N TYR A 78 0.40 -3.98 -2.55
CA TYR A 78 0.84 -4.57 -1.31
C TYR A 78 1.23 -3.49 -0.32
N ALA A 79 0.43 -3.33 0.70
CA ALA A 79 0.70 -2.35 1.75
C ALA A 79 0.52 -2.98 3.11
N MET A 80 1.52 -2.76 3.97
CA MET A 80 1.53 -3.28 5.35
C MET A 80 1.65 -4.80 5.37
N ASP A 81 0.68 -5.48 4.77
CA ASP A 81 0.64 -6.94 4.76
C ASP A 81 -0.47 -7.44 3.82
N SER A 82 -1.46 -6.57 3.55
CA SER A 82 -2.64 -6.99 2.83
C SER A 82 -2.59 -6.55 1.38
N TYR A 83 -3.52 -7.06 0.58
CA TYR A 83 -3.63 -6.69 -0.82
C TYR A 83 -4.72 -5.65 -1.00
N TRP A 84 -4.34 -4.46 -1.44
CA TRP A 84 -5.27 -3.36 -1.58
C TRP A 84 -5.46 -2.99 -3.05
N HIS A 85 -6.40 -2.09 -3.28
CA HIS A 85 -6.63 -1.51 -4.61
C HIS A 85 -6.73 0.00 -4.46
N SER A 86 -7.07 0.72 -5.53
CA SER A 86 -7.11 2.18 -5.50
C SER A 86 -7.97 2.72 -4.36
N ARG A 87 -9.16 2.13 -4.21
CA ARG A 87 -10.14 2.64 -3.27
C ARG A 87 -9.88 2.13 -1.85
N CYS A 88 -8.93 1.23 -1.71
CA CYS A 88 -8.55 0.72 -0.40
C CYS A 88 -7.30 1.41 0.10
N LEU A 89 -6.30 1.46 -0.76
CA LEU A 89 -5.03 2.09 -0.43
C LEU A 89 -5.16 3.61 -0.52
N LYS A 90 -5.91 4.16 0.40
CA LYS A 90 -6.10 5.60 0.52
C LYS A 90 -6.17 5.97 1.99
N CYS A 91 -5.89 7.21 2.32
CA CYS A 91 -5.98 7.65 3.69
C CYS A 91 -7.45 7.76 4.10
N SER A 92 -7.75 7.48 5.35
CA SER A 92 -9.14 7.47 5.81
C SER A 92 -9.65 8.88 6.09
N SER A 93 -8.75 9.86 6.08
CA SER A 93 -9.11 11.22 6.44
C SER A 93 -9.45 12.09 5.22
N CYS A 94 -8.60 12.06 4.19
CA CYS A 94 -8.86 12.82 2.98
C CYS A 94 -9.21 11.90 1.83
N GLN A 95 -9.03 10.60 2.04
CA GLN A 95 -9.24 9.58 1.02
C GLN A 95 -8.25 9.79 -0.10
N ALA A 96 -7.02 10.10 0.26
CA ALA A 96 -5.97 10.29 -0.71
C ALA A 96 -5.49 8.92 -1.19
N GLN A 97 -5.86 8.57 -2.42
CA GLN A 97 -5.52 7.28 -2.98
C GLN A 97 -4.00 7.13 -3.10
N LEU A 98 -3.41 6.59 -2.04
CA LEU A 98 -1.96 6.38 -1.99
C LEU A 98 -1.55 5.27 -2.96
N GLY A 99 -2.52 4.50 -3.42
CA GLY A 99 -2.26 3.50 -4.43
C GLY A 99 -1.96 4.10 -5.79
N ASP A 100 -2.20 5.41 -5.92
CA ASP A 100 -1.88 6.13 -7.14
C ASP A 100 -0.56 6.88 -6.97
N ILE A 101 -0.06 6.82 -5.76
CA ILE A 101 1.15 7.53 -5.37
C ILE A 101 2.31 6.56 -5.22
N GLY A 102 3.26 6.61 -6.15
CA GLY A 102 4.41 5.73 -6.09
C GLY A 102 5.44 6.19 -5.08
N THR A 103 5.18 7.34 -4.48
CA THR A 103 6.07 7.89 -3.48
C THR A 103 5.89 7.19 -2.12
N SER A 104 6.92 7.26 -1.30
CA SER A 104 6.95 6.58 -0.01
C SER A 104 5.82 7.05 0.91
N SER A 105 4.93 6.12 1.26
CA SER A 105 3.86 6.39 2.20
C SER A 105 4.30 6.02 3.61
N TYR A 106 3.47 6.33 4.61
CA TYR A 106 3.84 6.09 6.00
C TYR A 106 2.76 5.28 6.69
N THR A 107 3.14 4.62 7.78
CA THR A 107 2.20 3.82 8.56
C THR A 107 2.66 3.75 10.01
N LYS A 108 1.79 3.21 10.86
CA LYS A 108 2.11 3.07 12.28
C LYS A 108 1.20 2.03 12.93
N SER A 109 0.03 2.48 13.35
CA SER A 109 -0.92 1.63 14.08
C SER A 109 -1.77 0.78 13.13
N GLY A 110 -1.18 0.34 12.03
CA GLY A 110 -1.93 -0.41 11.05
C GLY A 110 -2.92 0.46 10.31
N MET A 111 -2.60 1.74 10.21
CA MET A 111 -3.47 2.70 9.58
C MET A 111 -2.80 3.30 8.35
N ILE A 112 -3.59 3.54 7.32
CA ILE A 112 -3.09 4.14 6.09
C ILE A 112 -3.45 5.62 6.03
N LEU A 113 -2.44 6.47 6.18
CA LEU A 113 -2.63 7.90 6.09
C LEU A 113 -1.72 8.49 5.02
N CYS A 114 -2.10 9.65 4.49
CA CYS A 114 -1.29 10.33 3.50
C CYS A 114 -0.07 10.97 4.17
N ARG A 115 0.81 11.54 3.36
CA ARG A 115 2.05 12.15 3.86
C ARG A 115 1.74 13.26 4.86
N ASN A 116 0.68 14.02 4.60
CA ASN A 116 0.28 15.11 5.46
C ASN A 116 -0.53 14.60 6.65
N ASP A 117 -1.24 13.51 6.43
CA ASP A 117 -2.15 12.97 7.42
C ASP A 117 -1.42 12.38 8.61
N TYR A 118 -0.46 11.49 8.32
CA TYR A 118 0.24 10.77 9.36
C TYR A 118 0.88 11.73 10.36
N ILE A 119 1.51 12.78 9.84
CA ILE A 119 2.18 13.77 10.67
C ILE A 119 1.18 14.46 11.60
N ARG A 120 0.00 14.75 11.06
CA ARG A 120 -1.04 15.44 11.81
C ARG A 120 -1.73 14.49 12.80
N LEU A 121 -1.97 13.26 12.35
CA LEU A 121 -2.66 12.27 13.17
C LEU A 121 -1.75 11.77 14.31
N PHE A 122 -0.59 11.26 13.95
CA PHE A 122 0.34 10.70 14.93
C PHE A 122 1.66 11.47 14.91
N GLY A 123 2.50 11.11 13.94
CA GLY A 123 3.82 11.70 13.86
C GLY A 123 4.80 10.94 14.72
ZN ZN B . -11.34 -2.02 -0.92
ZN ZN C . -5.12 12.24 4.08
N SER A 3 -6.28 23.61 -17.90
CA SER A 3 -5.61 24.09 -19.13
C SER A 3 -4.45 23.17 -19.48
N LEU A 4 -4.18 23.04 -20.78
CA LEU A 4 -3.07 22.20 -21.25
C LEU A 4 -1.74 22.91 -21.07
N GLN A 5 -1.74 24.21 -21.31
CA GLN A 5 -0.52 25.01 -21.20
C GLN A 5 -0.30 25.42 -19.75
N ASN A 6 0.35 24.56 -18.98
CA ASN A 6 0.64 24.86 -17.60
C ASN A 6 2.03 24.34 -17.22
N ASN A 7 2.83 25.19 -16.61
CA ASN A 7 4.18 24.82 -16.22
C ASN A 7 4.40 25.11 -14.73
N GLN A 8 5.14 24.25 -14.07
CA GLN A 8 5.44 24.44 -12.65
C GLN A 8 6.93 24.66 -12.45
N ASP A 9 7.68 24.59 -13.53
CA ASP A 9 9.13 24.73 -13.49
C ASP A 9 9.55 26.14 -13.90
N VAL A 10 8.85 27.12 -13.35
CA VAL A 10 9.14 28.52 -13.64
C VAL A 10 10.58 28.87 -13.26
N SER A 11 10.91 28.70 -11.99
CA SER A 11 12.26 28.91 -11.51
C SER A 11 12.66 27.77 -10.57
N PHE A 12 13.94 27.42 -10.58
CA PHE A 12 14.43 26.33 -9.74
C PHE A 12 14.91 26.86 -8.40
N GLU A 13 15.00 28.18 -8.32
CA GLU A 13 15.42 28.86 -7.10
C GLU A 13 14.39 28.69 -5.99
N ASN A 14 13.15 28.39 -6.38
CA ASN A 14 12.08 28.17 -5.41
C ASN A 14 12.32 26.88 -4.62
N ILE A 15 12.94 25.91 -5.28
CA ILE A 15 13.21 24.62 -4.65
C ILE A 15 14.69 24.47 -4.36
N GLN A 16 15.28 25.56 -3.87
CA GLN A 16 16.70 25.57 -3.55
C GLN A 16 16.91 25.02 -2.15
N TRP A 17 15.83 24.96 -1.38
CA TRP A 17 15.88 24.42 -0.03
C TRP A 17 15.89 22.89 -0.07
N SER A 18 16.47 22.28 0.95
CA SER A 18 16.68 20.84 0.94
C SER A 18 15.45 20.09 1.46
N ILE A 19 14.75 19.46 0.53
CA ILE A 19 13.60 18.63 0.88
C ILE A 19 14.09 17.33 1.52
N ASP A 20 13.38 16.89 2.57
CA ASP A 20 13.73 15.66 3.26
C ASP A 20 13.52 14.46 2.34
N PRO A 21 14.60 13.75 2.01
CA PRO A 21 14.56 12.60 1.10
C PRO A 21 14.34 11.30 1.85
N GLY A 22 13.64 11.36 2.97
CA GLY A 22 13.37 10.19 3.76
C GLY A 22 14.40 10.00 4.86
N ALA A 23 14.90 11.12 5.38
CA ALA A 23 15.90 11.08 6.43
C ALA A 23 15.26 10.59 7.72
N ASP A 24 14.02 10.98 7.91
CA ASP A 24 13.21 10.48 9.01
C ASP A 24 11.90 9.94 8.48
N LEU A 25 11.15 9.25 9.35
CA LEU A 25 9.87 8.62 8.99
C LEU A 25 10.11 7.40 8.10
N SER A 26 11.38 7.06 7.92
CA SER A 26 11.78 5.94 7.09
C SER A 26 11.30 4.62 7.69
N GLN A 27 11.30 4.53 9.02
CA GLN A 27 10.88 3.32 9.71
C GLN A 27 9.36 3.30 9.86
N TYR A 28 8.73 4.43 9.55
CA TYR A 28 7.29 4.56 9.69
C TYR A 28 6.58 4.21 8.39
N LYS A 29 7.34 4.21 7.30
CA LYS A 29 6.77 4.02 5.98
C LYS A 29 6.45 2.54 5.72
N MET A 30 5.37 2.31 4.98
CA MET A 30 5.05 1.00 4.47
C MET A 30 5.42 0.95 3.00
N ASP A 31 5.73 -0.23 2.49
CA ASP A 31 6.18 -0.35 1.12
C ASP A 31 5.01 -0.59 0.18
N VAL A 32 4.79 0.34 -0.74
CA VAL A 32 3.68 0.25 -1.68
C VAL A 32 4.07 -0.63 -2.87
N THR A 33 3.71 -1.90 -2.78
CA THR A 33 4.00 -2.84 -3.85
C THR A 33 2.79 -3.00 -4.76
N VAL A 34 3.03 -3.17 -6.04
CA VAL A 34 1.94 -3.35 -7.00
C VAL A 34 2.07 -4.70 -7.69
N ILE A 35 0.99 -5.46 -7.71
CA ILE A 35 1.01 -6.78 -8.31
C ILE A 35 0.78 -6.69 -9.81
N ASP A 36 1.72 -7.21 -10.57
CA ASP A 36 1.65 -7.17 -12.02
C ASP A 36 0.69 -8.22 -12.56
N THR A 37 -0.60 -7.94 -12.47
CA THR A 37 -1.61 -8.85 -12.98
C THR A 37 -1.91 -8.57 -14.45
N LYS A 38 -0.93 -8.82 -15.31
CA LYS A 38 -1.11 -8.62 -16.74
C LYS A 38 -1.68 -9.89 -17.39
N ASP A 39 -1.82 -10.94 -16.60
CA ASP A 39 -2.39 -12.20 -17.07
C ASP A 39 -3.90 -12.09 -17.09
N GLY A 40 -4.43 -11.60 -18.21
CA GLY A 40 -5.85 -11.40 -18.34
C GLY A 40 -6.14 -10.38 -19.41
N SER A 41 -5.22 -9.45 -19.57
CA SER A 41 -5.31 -8.46 -20.63
C SER A 41 -4.85 -9.06 -21.96
N GLN A 42 -4.11 -10.17 -21.86
CA GLN A 42 -3.60 -10.86 -23.04
C GLN A 42 -4.54 -12.00 -23.44
N SER A 43 -5.10 -11.90 -24.63
CA SER A 43 -6.02 -12.90 -25.14
C SER A 43 -5.32 -13.87 -26.09
N LYS A 44 -4.01 -13.99 -25.92
CA LYS A 44 -3.21 -14.87 -26.77
C LYS A 44 -2.99 -16.22 -26.10
N LEU A 45 -3.55 -16.37 -24.91
CA LEU A 45 -3.40 -17.60 -24.16
C LEU A 45 -4.58 -18.52 -24.42
N GLY A 46 -4.59 -19.13 -25.61
CA GLY A 46 -5.65 -20.06 -25.96
C GLY A 46 -5.70 -21.24 -25.02
N GLY A 47 -4.57 -21.90 -24.87
CA GLY A 47 -4.48 -23.02 -23.96
C GLY A 47 -4.30 -22.56 -22.53
N GLY A 48 -5.39 -22.56 -21.78
CA GLY A 48 -5.33 -22.15 -20.39
C GLY A 48 -4.74 -23.23 -19.51
N GLY A 49 -4.68 -24.44 -20.03
CA GLY A 49 -4.09 -25.53 -19.29
C GLY A 49 -3.67 -26.66 -20.21
N SER A 50 -3.57 -27.86 -19.66
CA SER A 50 -3.24 -29.04 -20.43
C SER A 50 -4.40 -29.45 -21.32
N GLY A 51 -5.61 -29.31 -20.79
CA GLY A 51 -6.80 -29.72 -21.51
C GLY A 51 -7.28 -31.08 -21.05
N GLY A 52 -7.50 -31.20 -19.76
CA GLY A 52 -7.95 -32.46 -19.19
C GLY A 52 -8.80 -32.28 -17.95
N HIS A 53 -8.50 -31.24 -17.18
CA HIS A 53 -9.24 -30.95 -15.96
C HIS A 53 -9.58 -29.46 -15.88
N MET A 54 -10.82 -29.12 -16.17
CA MET A 54 -11.30 -27.75 -16.04
C MET A 54 -11.99 -27.55 -14.69
N GLY A 55 -12.41 -26.33 -14.42
CA GLY A 55 -13.10 -26.06 -13.16
C GLY A 55 -12.35 -25.05 -12.32
N SER A 56 -12.27 -23.82 -12.79
CA SER A 56 -11.59 -22.76 -12.07
C SER A 56 -12.39 -22.32 -10.85
N GLY A 57 -12.01 -22.82 -9.69
CA GLY A 57 -12.70 -22.47 -8.47
C GLY A 57 -12.01 -21.34 -7.72
N GLY A 58 -12.48 -21.05 -6.52
CA GLY A 58 -11.92 -19.96 -5.76
C GLY A 58 -12.35 -18.62 -6.32
N LEU A 59 -13.66 -18.48 -6.56
CA LEU A 59 -14.22 -17.27 -7.16
C LEU A 59 -14.23 -16.12 -6.15
N SER A 60 -13.71 -16.37 -4.96
CA SER A 60 -13.62 -15.36 -3.92
C SER A 60 -12.36 -14.53 -4.13
N TRP A 61 -11.34 -15.16 -4.72
CA TRP A 61 -10.02 -14.57 -4.91
C TRP A 61 -9.50 -13.97 -3.60
N LYS A 62 -9.66 -12.67 -3.46
CA LYS A 62 -9.20 -11.95 -2.27
C LYS A 62 -10.24 -10.93 -1.84
N ARG A 63 -10.44 -10.84 -0.54
CA ARG A 63 -11.32 -9.84 0.04
C ARG A 63 -10.50 -8.65 0.50
N CYS A 64 -10.91 -7.46 0.11
CA CYS A 64 -10.15 -6.27 0.41
C CYS A 64 -10.44 -5.76 1.83
N ALA A 65 -9.47 -5.05 2.40
CA ALA A 65 -9.50 -4.67 3.81
C ALA A 65 -10.25 -3.37 4.05
N GLY A 66 -10.37 -2.54 3.04
CA GLY A 66 -11.07 -1.28 3.19
C GLY A 66 -12.56 -1.44 3.05
N CYS A 67 -13.02 -1.52 1.79
CA CYS A 67 -14.42 -1.74 1.49
C CYS A 67 -14.92 -3.06 2.07
N GLY A 68 -14.21 -4.14 1.77
CA GLY A 68 -14.60 -5.43 2.26
C GLY A 68 -15.30 -6.26 1.21
N GLY A 69 -14.76 -6.25 0.00
CA GLY A 69 -15.34 -7.03 -1.08
C GLY A 69 -14.27 -7.74 -1.86
N LYS A 70 -14.68 -8.58 -2.80
CA LYS A 70 -13.71 -9.28 -3.64
C LYS A 70 -13.08 -8.28 -4.61
N ILE A 71 -11.75 -8.24 -4.63
CA ILE A 71 -11.05 -7.28 -5.46
C ILE A 71 -11.26 -7.58 -6.93
N ALA A 72 -12.03 -6.71 -7.59
CA ALA A 72 -12.31 -6.86 -9.00
C ALA A 72 -11.53 -5.81 -9.80
N ASP A 73 -10.55 -5.20 -9.15
CA ASP A 73 -9.64 -4.31 -9.84
C ASP A 73 -8.59 -5.15 -10.57
N ARG A 74 -7.99 -4.61 -11.61
CA ARG A 74 -7.02 -5.37 -12.39
C ARG A 74 -5.72 -5.53 -11.61
N PHE A 75 -5.16 -4.40 -11.19
CA PHE A 75 -3.89 -4.41 -10.47
C PHE A 75 -4.11 -4.26 -8.98
N LEU A 76 -3.65 -5.24 -8.22
CA LEU A 76 -3.78 -5.22 -6.77
C LEU A 76 -2.54 -4.60 -6.15
N LEU A 77 -2.70 -3.98 -4.99
CA LEU A 77 -1.60 -3.29 -4.34
C LEU A 77 -1.30 -3.88 -2.97
N TYR A 78 -0.13 -3.55 -2.46
CA TYR A 78 0.31 -3.99 -1.14
C TYR A 78 0.51 -2.78 -0.25
N ALA A 79 0.29 -2.95 1.04
CA ALA A 79 0.55 -1.90 2.01
C ALA A 79 1.23 -2.50 3.23
N MET A 80 0.44 -3.19 4.04
CA MET A 80 0.98 -3.92 5.18
C MET A 80 1.31 -5.35 4.74
N ASP A 81 0.27 -6.17 4.61
CA ASP A 81 0.40 -7.54 4.14
C ASP A 81 -0.87 -7.98 3.44
N SER A 82 -1.84 -7.07 3.38
CA SER A 82 -3.12 -7.35 2.76
C SER A 82 -3.08 -6.99 1.28
N TYR A 83 -4.10 -7.41 0.54
CA TYR A 83 -4.19 -7.11 -0.88
C TYR A 83 -5.23 -6.01 -1.10
N TRP A 84 -4.79 -4.92 -1.72
CA TRP A 84 -5.64 -3.74 -1.89
C TRP A 84 -5.87 -3.45 -3.37
N HIS A 85 -6.62 -2.40 -3.62
CA HIS A 85 -6.88 -1.91 -4.97
C HIS A 85 -7.00 -0.39 -4.92
N SER A 86 -7.41 0.21 -6.03
CA SER A 86 -7.53 1.66 -6.15
C SER A 86 -8.32 2.30 -5.00
N ARG A 87 -9.50 1.76 -4.71
CA ARG A 87 -10.38 2.35 -3.70
C ARG A 87 -9.93 2.01 -2.28
N CYS A 88 -9.01 1.07 -2.14
CA CYS A 88 -8.57 0.64 -0.82
C CYS A 88 -7.23 1.24 -0.43
N LEU A 89 -6.30 1.26 -1.37
CA LEU A 89 -4.95 1.75 -1.11
C LEU A 89 -4.93 3.27 -1.07
N LYS A 90 -5.50 3.83 -0.01
CA LYS A 90 -5.60 5.27 0.15
C LYS A 90 -5.39 5.67 1.60
N CYS A 91 -5.15 6.95 1.81
CA CYS A 91 -5.08 7.51 3.14
C CYS A 91 -6.41 7.32 3.85
N SER A 92 -6.38 6.83 5.07
CA SER A 92 -7.60 6.63 5.83
C SER A 92 -8.11 7.94 6.40
N SER A 93 -7.30 8.99 6.25
CA SER A 93 -7.62 10.28 6.82
C SER A 93 -8.25 11.21 5.78
N CYS A 94 -7.61 11.38 4.62
CA CYS A 94 -8.15 12.29 3.61
C CYS A 94 -8.60 11.53 2.36
N GLN A 95 -8.35 10.23 2.36
CA GLN A 95 -8.74 9.35 1.24
C GLN A 95 -7.97 9.67 -0.02
N ALA A 96 -6.70 10.00 0.12
CA ALA A 96 -5.84 10.23 -1.02
C ALA A 96 -5.14 8.94 -1.42
N GLN A 97 -5.13 8.64 -2.71
CA GLN A 97 -4.49 7.42 -3.20
C GLN A 97 -2.98 7.49 -3.03
N LEU A 98 -2.41 6.48 -2.39
CA LEU A 98 -0.97 6.44 -2.18
C LEU A 98 -0.32 5.41 -3.11
N GLY A 99 -1.13 4.77 -3.94
CA GLY A 99 -0.62 3.74 -4.82
C GLY A 99 -0.22 4.29 -6.17
N ASP A 100 -1.13 5.00 -6.82
CA ASP A 100 -0.88 5.57 -8.15
C ASP A 100 -0.18 6.91 -8.05
N ILE A 101 0.22 7.26 -6.85
CA ILE A 101 0.97 8.47 -6.60
C ILE A 101 2.28 8.12 -5.91
N GLY A 102 3.34 8.83 -6.24
CA GLY A 102 4.65 8.55 -5.68
C GLY A 102 4.81 9.03 -4.24
N THR A 103 3.77 8.86 -3.43
CA THR A 103 3.82 9.20 -2.02
C THR A 103 4.01 7.95 -1.18
N SER A 104 5.03 7.96 -0.32
CA SER A 104 5.24 6.87 0.61
C SER A 104 4.29 7.00 1.78
N SER A 105 3.45 6.00 1.97
CA SER A 105 2.48 5.98 3.06
C SER A 105 3.17 5.64 4.38
N TYR A 106 2.84 6.39 5.41
CA TYR A 106 3.44 6.17 6.72
C TYR A 106 2.39 5.66 7.69
N THR A 107 2.83 4.91 8.69
CA THR A 107 1.92 4.32 9.65
C THR A 107 2.52 4.33 11.06
N LYS A 108 1.73 3.85 12.01
CA LYS A 108 2.13 3.81 13.41
C LYS A 108 1.20 2.88 14.16
N SER A 109 -0.08 3.21 14.13
CA SER A 109 -1.10 2.41 14.79
C SER A 109 -1.93 1.66 13.75
N GLY A 110 -1.25 1.14 12.73
CA GLY A 110 -1.92 0.34 11.70
C GLY A 110 -2.62 1.19 10.65
N MET A 111 -3.00 2.40 11.03
CA MET A 111 -3.70 3.31 10.12
C MET A 111 -2.78 3.77 9.00
N ILE A 112 -3.32 3.81 7.80
CA ILE A 112 -2.58 4.29 6.63
C ILE A 112 -2.86 5.78 6.43
N LEU A 113 -1.81 6.58 6.43
CA LEU A 113 -1.97 8.02 6.26
C LEU A 113 -0.97 8.56 5.25
N CYS A 114 -1.30 9.70 4.66
CA CYS A 114 -0.41 10.37 3.73
C CYS A 114 0.71 11.09 4.47
N ARG A 115 1.63 11.67 3.73
CA ARG A 115 2.76 12.38 4.32
C ARG A 115 2.28 13.58 5.14
N ASN A 116 1.22 14.22 4.68
CA ASN A 116 0.67 15.39 5.35
C ASN A 116 -0.12 14.99 6.58
N ASP A 117 -0.96 13.98 6.40
CA ASP A 117 -1.87 13.53 7.45
C ASP A 117 -1.11 12.88 8.59
N TYR A 118 -0.10 12.09 8.26
CA TYR A 118 0.64 11.37 9.27
C TYR A 118 1.36 12.31 10.22
N ILE A 119 1.95 13.36 9.68
CA ILE A 119 2.66 14.34 10.50
C ILE A 119 1.66 15.13 11.35
N ARG A 120 0.49 15.35 10.80
CA ARG A 120 -0.58 16.03 11.50
C ARG A 120 -1.13 15.16 12.63
N LEU A 121 -1.24 13.87 12.36
CA LEU A 121 -1.81 12.93 13.32
C LEU A 121 -0.77 12.45 14.34
N PHE A 122 0.28 11.81 13.84
CA PHE A 122 1.29 11.23 14.73
C PHE A 122 2.67 11.85 14.46
N GLY A 123 3.43 11.22 13.58
CA GLY A 123 4.77 11.68 13.30
C GLY A 123 5.77 11.11 14.28
ZN ZN B . -11.52 -2.25 -1.14
ZN ZN C . -4.22 12.08 4.07
N SER A 3 9.08 -20.12 9.64
CA SER A 3 9.00 -18.71 10.06
C SER A 3 10.32 -18.00 9.80
N LEU A 4 10.29 -17.00 8.94
CA LEU A 4 11.51 -16.30 8.53
C LEU A 4 11.86 -15.20 9.53
N GLN A 5 12.15 -15.60 10.76
CA GLN A 5 12.65 -14.68 11.76
C GLN A 5 14.17 -14.63 11.65
N ASN A 6 14.67 -13.59 10.98
CA ASN A 6 16.10 -13.46 10.73
C ASN A 6 16.85 -13.18 12.01
N ASN A 7 16.58 -12.03 12.62
CA ASN A 7 17.22 -11.66 13.88
C ASN A 7 16.45 -10.53 14.54
N GLN A 8 16.26 -10.64 15.85
CA GLN A 8 15.61 -9.60 16.62
C GLN A 8 16.63 -8.56 17.04
N ASP A 9 16.88 -7.60 16.13
CA ASP A 9 17.85 -6.53 16.39
C ASP A 9 17.63 -5.91 17.77
N VAL A 10 18.67 -5.94 18.59
CA VAL A 10 18.54 -5.53 19.98
C VAL A 10 19.47 -4.36 20.32
N SER A 11 18.87 -3.31 20.86
CA SER A 11 19.62 -2.23 21.47
C SER A 11 19.73 -2.50 22.96
N PHE A 12 20.96 -2.53 23.48
CA PHE A 12 21.19 -2.86 24.87
C PHE A 12 21.05 -1.64 25.76
N GLU A 13 21.08 -1.85 27.08
CA GLU A 13 20.86 -0.79 28.05
C GLU A 13 21.95 0.28 28.00
N ASN A 14 23.07 -0.01 27.34
CA ASN A 14 24.13 0.97 27.18
C ASN A 14 23.76 1.98 26.11
N ILE A 15 23.05 1.53 25.09
CA ILE A 15 22.62 2.40 24.01
C ILE A 15 21.25 3.00 24.29
N GLN A 16 21.18 3.79 25.36
CA GLN A 16 19.98 4.53 25.67
C GLN A 16 20.02 5.87 24.96
N TRP A 17 19.59 5.87 23.70
CA TRP A 17 19.65 7.07 22.87
C TRP A 17 18.71 8.15 23.37
N SER A 18 19.21 9.38 23.42
CA SER A 18 18.40 10.52 23.79
C SER A 18 17.86 11.19 22.53
N ILE A 19 17.51 10.37 21.55
CA ILE A 19 17.02 10.85 20.26
C ILE A 19 15.58 11.32 20.36
N ASP A 20 15.04 11.78 19.23
CA ASP A 20 13.65 12.18 19.17
C ASP A 20 12.83 11.08 18.53
N PRO A 21 11.88 10.50 19.29
CA PRO A 21 11.06 9.37 18.83
C PRO A 21 10.11 9.75 17.70
N GLY A 22 10.06 11.02 17.35
CA GLY A 22 9.21 11.46 16.27
C GLY A 22 10.00 12.12 15.16
N ALA A 23 11.31 11.93 15.18
CA ALA A 23 12.17 12.49 14.16
C ALA A 23 12.36 11.55 12.98
N ASP A 24 12.19 10.25 13.24
CA ASP A 24 12.37 9.24 12.22
C ASP A 24 11.03 8.83 11.61
N LEU A 25 10.89 9.06 10.32
CA LEU A 25 9.67 8.69 9.61
C LEU A 25 9.91 7.47 8.73
N SER A 26 11.17 7.10 8.59
CA SER A 26 11.56 6.02 7.69
C SER A 26 11.05 4.67 8.19
N GLN A 27 11.03 4.51 9.50
CA GLN A 27 10.56 3.27 10.11
C GLN A 27 9.08 3.03 9.80
N TYR A 28 8.36 4.11 9.50
CA TYR A 28 6.92 4.04 9.28
C TYR A 28 6.58 4.02 7.80
N LYS A 29 7.58 3.89 6.96
CA LYS A 29 7.37 3.85 5.51
C LYS A 29 6.94 2.46 5.08
N MET A 30 5.80 2.37 4.42
CA MET A 30 5.30 1.09 3.92
C MET A 30 5.79 0.84 2.49
N ASP A 31 5.89 -0.42 2.12
CA ASP A 31 6.34 -0.78 0.79
C ASP A 31 5.15 -1.11 -0.11
N VAL A 32 4.92 -0.28 -1.11
CA VAL A 32 3.81 -0.46 -2.03
C VAL A 32 4.21 -1.42 -3.14
N THR A 33 3.87 -2.69 -2.95
CA THR A 33 4.13 -3.71 -3.96
C THR A 33 2.96 -3.84 -4.93
N VAL A 34 3.17 -3.40 -6.16
CA VAL A 34 2.13 -3.47 -7.19
C VAL A 34 2.19 -4.82 -7.91
N ILE A 35 1.09 -5.55 -7.88
CA ILE A 35 1.02 -6.85 -8.51
C ILE A 35 0.40 -6.74 -9.90
N ASP A 36 1.14 -7.19 -10.91
CA ASP A 36 0.66 -7.18 -12.28
C ASP A 36 -0.27 -8.37 -12.52
N THR A 37 -1.57 -8.09 -12.52
CA THR A 37 -2.58 -9.11 -12.73
C THR A 37 -2.59 -9.60 -14.18
N LYS A 38 -2.24 -10.87 -14.37
CA LYS A 38 -2.24 -11.47 -15.69
C LYS A 38 -3.61 -12.03 -16.03
N ASP A 39 -4.30 -12.54 -15.02
CA ASP A 39 -5.65 -13.09 -15.20
C ASP A 39 -6.68 -11.98 -15.27
N GLY A 40 -6.51 -11.11 -16.25
CA GLY A 40 -7.44 -10.01 -16.46
C GLY A 40 -7.45 -9.59 -17.91
N SER A 41 -6.27 -9.50 -18.50
CA SER A 41 -6.14 -9.15 -19.89
C SER A 41 -6.41 -10.36 -20.80
N GLN A 42 -6.41 -11.54 -20.20
CA GLN A 42 -6.65 -12.78 -20.93
C GLN A 42 -8.07 -13.28 -20.66
N SER A 43 -8.99 -12.86 -21.50
CA SER A 43 -10.40 -13.21 -21.33
C SER A 43 -10.69 -14.62 -21.84
N LYS A 44 -9.78 -15.16 -22.64
CA LYS A 44 -9.95 -16.49 -23.22
C LYS A 44 -9.70 -17.58 -22.17
N LEU A 45 -9.17 -17.18 -21.02
CA LEU A 45 -8.86 -18.11 -19.95
C LEU A 45 -10.12 -18.71 -19.37
N GLY A 46 -10.36 -19.99 -19.65
CA GLY A 46 -11.53 -20.66 -19.13
C GLY A 46 -12.35 -21.33 -20.21
N GLY A 47 -12.18 -20.88 -21.45
CA GLY A 47 -12.95 -21.42 -22.56
C GLY A 47 -12.09 -21.78 -23.74
N GLY A 48 -11.04 -22.57 -23.50
CA GLY A 48 -10.15 -22.97 -24.57
C GLY A 48 -10.44 -24.36 -25.09
N GLY A 49 -11.59 -24.52 -25.72
CA GLY A 49 -11.96 -25.80 -26.29
C GLY A 49 -13.45 -26.02 -26.33
N SER A 50 -13.86 -27.27 -26.48
CA SER A 50 -15.27 -27.62 -26.53
C SER A 50 -15.57 -28.71 -25.51
N GLY A 51 -16.73 -29.36 -25.66
CA GLY A 51 -17.09 -30.43 -24.75
C GLY A 51 -17.81 -29.91 -23.53
N GLY A 52 -17.15 -29.01 -22.81
CA GLY A 52 -17.75 -28.44 -21.62
C GLY A 52 -17.18 -27.06 -21.33
N HIS A 53 -17.37 -26.59 -20.12
CA HIS A 53 -16.90 -25.27 -19.72
C HIS A 53 -16.10 -25.35 -18.43
N MET A 54 -14.78 -25.39 -18.58
CA MET A 54 -13.89 -25.47 -17.42
C MET A 54 -13.99 -24.20 -16.59
N GLY A 55 -13.91 -23.05 -17.26
CA GLY A 55 -14.05 -21.78 -16.58
C GLY A 55 -12.84 -21.44 -15.72
N SER A 56 -13.03 -20.50 -14.81
CA SER A 56 -11.98 -20.11 -13.90
C SER A 56 -12.11 -20.87 -12.59
N GLY A 57 -11.00 -21.40 -12.09
CA GLY A 57 -11.03 -22.19 -10.87
C GLY A 57 -10.95 -21.33 -9.63
N GLY A 58 -11.84 -20.35 -9.53
CA GLY A 58 -11.84 -19.46 -8.38
C GLY A 58 -12.09 -18.03 -8.79
N LEU A 59 -13.32 -17.57 -8.62
CA LEU A 59 -13.70 -16.22 -9.01
C LEU A 59 -13.55 -15.26 -7.83
N SER A 60 -12.80 -15.68 -6.83
CA SER A 60 -12.54 -14.85 -5.67
C SER A 60 -11.32 -13.98 -5.93
N TRP A 61 -10.44 -14.46 -6.80
CA TRP A 61 -9.19 -13.77 -7.13
C TRP A 61 -8.43 -13.38 -5.86
N LYS A 62 -8.32 -12.08 -5.62
CA LYS A 62 -7.65 -11.58 -4.43
C LYS A 62 -8.62 -10.76 -3.59
N ARG A 63 -8.59 -10.97 -2.29
CA ARG A 63 -9.52 -10.30 -1.38
C ARG A 63 -8.92 -9.01 -0.84
N CYS A 64 -9.77 -8.01 -0.64
CA CYS A 64 -9.35 -6.74 -0.08
C CYS A 64 -9.48 -6.76 1.45
N ALA A 65 -8.69 -5.94 2.11
CA ALA A 65 -8.77 -5.81 3.56
C ALA A 65 -9.18 -4.40 3.94
N GLY A 66 -9.71 -3.66 2.97
CA GLY A 66 -10.10 -2.29 3.20
C GLY A 66 -11.60 -2.08 3.15
N CYS A 67 -12.26 -2.49 2.07
CA CYS A 67 -13.68 -2.23 1.92
C CYS A 67 -14.50 -3.43 2.39
N GLY A 68 -14.86 -4.29 1.45
CA GLY A 68 -15.66 -5.44 1.79
C GLY A 68 -15.91 -6.34 0.60
N GLY A 69 -14.89 -7.10 0.23
CA GLY A 69 -15.03 -8.01 -0.88
C GLY A 69 -13.70 -8.34 -1.53
N LYS A 70 -13.73 -8.66 -2.81
CA LYS A 70 -12.52 -8.96 -3.54
C LYS A 70 -12.08 -7.75 -4.35
N ILE A 71 -10.81 -7.70 -4.69
CA ILE A 71 -10.26 -6.60 -5.47
C ILE A 71 -10.71 -6.71 -6.92
N ALA A 72 -11.59 -5.81 -7.33
CA ALA A 72 -12.08 -5.78 -8.70
C ALA A 72 -11.49 -4.60 -9.46
N ASP A 73 -10.50 -3.96 -8.84
CA ASP A 73 -9.82 -2.82 -9.45
C ASP A 73 -8.75 -3.29 -10.42
N ARG A 74 -8.77 -4.60 -10.71
CA ARG A 74 -7.79 -5.26 -11.56
C ARG A 74 -6.45 -5.40 -10.85
N PHE A 75 -5.78 -4.28 -10.62
CA PHE A 75 -4.44 -4.30 -10.05
C PHE A 75 -4.49 -4.15 -8.54
N LEU A 76 -3.85 -5.09 -7.85
CA LEU A 76 -3.80 -5.06 -6.40
C LEU A 76 -2.47 -4.50 -5.94
N LEU A 77 -2.49 -3.82 -4.80
CA LEU A 77 -1.30 -3.20 -4.26
C LEU A 77 -1.05 -3.68 -2.84
N TYR A 78 0.16 -3.44 -2.36
CA TYR A 78 0.53 -3.81 -1.01
C TYR A 78 0.87 -2.57 -0.20
N ALA A 79 0.64 -2.62 1.10
CA ALA A 79 0.99 -1.53 1.98
C ALA A 79 1.63 -2.07 3.26
N MET A 80 0.82 -2.42 4.23
CA MET A 80 1.30 -3.00 5.47
C MET A 80 1.52 -4.50 5.29
N ASP A 81 0.43 -5.26 5.36
CA ASP A 81 0.51 -6.72 5.27
C ASP A 81 -0.61 -7.29 4.39
N SER A 82 -1.53 -6.44 3.98
CA SER A 82 -2.74 -6.90 3.32
C SER A 82 -2.78 -6.49 1.85
N TYR A 83 -3.75 -7.02 1.13
CA TYR A 83 -3.94 -6.68 -0.28
C TYR A 83 -4.88 -5.50 -0.40
N TRP A 84 -4.55 -4.57 -1.27
CA TRP A 84 -5.36 -3.37 -1.47
C TRP A 84 -5.55 -3.10 -2.96
N HIS A 85 -6.29 -2.04 -3.25
CA HIS A 85 -6.49 -1.58 -4.62
C HIS A 85 -6.59 -0.06 -4.60
N SER A 86 -6.66 0.54 -5.79
CA SER A 86 -6.60 1.99 -5.95
C SER A 86 -7.51 2.75 -4.98
N ARG A 87 -8.78 2.35 -4.89
CA ARG A 87 -9.76 3.09 -4.11
C ARG A 87 -9.61 2.86 -2.61
N CYS A 88 -8.91 1.81 -2.21
CA CYS A 88 -8.79 1.49 -0.78
C CYS A 88 -7.45 1.93 -0.21
N LEU A 89 -6.40 1.86 -1.02
CA LEU A 89 -5.10 2.31 -0.57
C LEU A 89 -5.04 3.83 -0.54
N LYS A 90 -5.80 4.40 0.38
CA LYS A 90 -5.92 5.82 0.51
C LYS A 90 -5.74 6.24 1.95
N CYS A 91 -5.47 7.51 2.15
CA CYS A 91 -5.36 8.09 3.47
C CYS A 91 -6.69 8.00 4.20
N SER A 92 -6.65 7.54 5.44
CA SER A 92 -7.85 7.47 6.25
C SER A 92 -8.24 8.87 6.74
N SER A 93 -7.35 9.83 6.52
CA SER A 93 -7.57 11.17 7.02
C SER A 93 -8.06 12.13 5.92
N CYS A 94 -7.37 12.19 4.78
CA CYS A 94 -7.79 13.10 3.71
C CYS A 94 -8.28 12.33 2.49
N GLN A 95 -8.25 11.00 2.59
CA GLN A 95 -8.73 10.11 1.53
C GLN A 95 -7.86 10.18 0.28
N ALA A 96 -6.63 10.65 0.42
CA ALA A 96 -5.69 10.69 -0.69
C ALA A 96 -5.36 9.28 -1.15
N GLN A 97 -5.70 8.95 -2.39
CA GLN A 97 -5.47 7.62 -2.93
C GLN A 97 -3.99 7.45 -3.27
N LEU A 98 -3.20 7.05 -2.27
CA LEU A 98 -1.76 6.91 -2.43
C LEU A 98 -1.41 5.67 -3.24
N GLY A 99 -2.33 4.71 -3.27
CA GLY A 99 -2.12 3.50 -4.05
C GLY A 99 -2.20 3.78 -5.53
N ASP A 100 -2.72 4.96 -5.88
CA ASP A 100 -2.83 5.37 -7.26
C ASP A 100 -1.67 6.28 -7.62
N ILE A 101 -0.72 6.39 -6.72
CA ILE A 101 0.47 7.21 -6.93
C ILE A 101 1.71 6.34 -6.93
N GLY A 102 1.92 5.64 -5.84
CA GLY A 102 3.04 4.72 -5.74
C GLY A 102 4.04 5.10 -4.67
N THR A 103 4.01 6.36 -4.24
CA THR A 103 4.91 6.82 -3.20
C THR A 103 4.52 6.24 -1.85
N SER A 104 5.53 5.92 -1.04
CA SER A 104 5.32 5.27 0.24
C SER A 104 4.51 6.12 1.22
N SER A 105 3.35 5.60 1.61
CA SER A 105 2.55 6.22 2.64
C SER A 105 3.08 5.82 4.03
N TYR A 106 2.44 6.32 5.07
CA TYR A 106 2.89 6.05 6.43
C TYR A 106 1.77 5.45 7.28
N THR A 107 2.12 4.91 8.43
CA THR A 107 1.15 4.29 9.31
C THR A 107 1.67 4.25 10.74
N LYS A 108 0.81 3.79 11.65
CA LYS A 108 1.16 3.64 13.05
C LYS A 108 0.10 2.81 13.77
N SER A 109 -1.10 3.35 13.85
CA SER A 109 -2.21 2.67 14.51
C SER A 109 -3.08 1.90 13.51
N GLY A 110 -2.43 1.21 12.58
CA GLY A 110 -3.16 0.41 11.60
C GLY A 110 -3.75 1.23 10.47
N MET A 111 -3.99 2.51 10.72
CA MET A 111 -4.58 3.38 9.72
C MET A 111 -3.53 3.82 8.70
N ILE A 112 -3.94 3.88 7.45
CA ILE A 112 -3.06 4.34 6.39
C ILE A 112 -3.19 5.84 6.23
N LEU A 113 -2.08 6.55 6.34
CA LEU A 113 -2.10 8.00 6.28
C LEU A 113 -1.05 8.50 5.30
N CYS A 114 -1.34 9.63 4.65
CA CYS A 114 -0.41 10.22 3.72
C CYS A 114 0.79 10.80 4.46
N ARG A 115 1.79 11.19 3.68
CA ARG A 115 3.02 11.77 4.25
C ARG A 115 2.72 13.07 4.96
N ASN A 116 1.70 13.76 4.49
CA ASN A 116 1.30 15.04 5.05
C ASN A 116 0.52 14.84 6.34
N ASP A 117 -0.41 13.90 6.32
CA ASP A 117 -1.33 13.71 7.42
C ASP A 117 -0.67 13.03 8.60
N TYR A 118 0.22 12.08 8.33
CA TYR A 118 0.85 11.33 9.41
C TYR A 118 1.60 12.25 10.35
N ILE A 119 2.34 13.21 9.80
CA ILE A 119 3.12 14.13 10.63
C ILE A 119 2.20 15.10 11.37
N ARG A 120 1.08 15.43 10.74
CA ARG A 120 0.09 16.31 11.34
C ARG A 120 -0.66 15.59 12.46
N LEU A 121 -0.93 14.32 12.24
CA LEU A 121 -1.70 13.52 13.18
C LEU A 121 -0.82 12.99 14.32
N PHE A 122 0.16 12.18 13.98
CA PHE A 122 0.98 11.49 14.98
C PHE A 122 2.38 12.07 15.05
N GLY A 123 3.23 11.65 14.12
CA GLY A 123 4.64 11.98 14.20
C GLY A 123 5.39 10.94 14.99
ZN ZN B . -11.08 -2.42 -0.90
ZN ZN C . -3.91 12.51 4.18
N SER A 3 25.16 36.55 3.25
CA SER A 3 25.92 36.93 4.46
C SER A 3 26.92 35.85 4.81
N LEU A 4 28.05 36.25 5.39
CA LEU A 4 29.06 35.30 5.82
C LEU A 4 28.76 34.84 7.23
N GLN A 5 28.08 35.69 7.98
CA GLN A 5 27.63 35.38 9.32
C GLN A 5 26.33 34.58 9.23
N ASN A 6 26.48 33.27 9.10
CA ASN A 6 25.33 32.38 8.97
C ASN A 6 24.55 32.31 10.27
N ASN A 7 23.58 33.21 10.40
CA ASN A 7 22.71 33.22 11.57
C ASN A 7 21.81 31.99 11.58
N GLN A 8 21.70 31.35 12.74
CA GLN A 8 20.99 30.09 12.88
C GLN A 8 21.75 28.99 12.16
N ASP A 9 22.84 28.54 12.80
CA ASP A 9 23.70 27.51 12.24
C ASP A 9 23.01 26.15 12.26
N VAL A 10 22.06 25.98 11.35
CA VAL A 10 21.32 24.74 11.20
C VAL A 10 20.82 24.60 9.77
N SER A 11 20.55 25.74 9.14
CA SER A 11 20.17 25.78 7.74
C SER A 11 21.39 25.54 6.86
N PHE A 12 21.69 24.28 6.64
CA PHE A 12 22.88 23.88 5.87
C PHE A 12 22.79 24.36 4.42
N GLU A 13 23.73 25.22 4.04
CA GLU A 13 23.82 25.70 2.67
C GLU A 13 24.68 24.74 1.85
N ASN A 14 25.41 23.89 2.56
CA ASN A 14 26.32 22.93 1.92
C ASN A 14 25.54 21.83 1.21
N ILE A 15 24.40 21.44 1.76
CA ILE A 15 23.58 20.41 1.17
C ILE A 15 22.12 20.85 1.08
N GLN A 16 21.50 20.59 -0.06
CA GLN A 16 20.09 20.92 -0.26
C GLN A 16 19.35 19.72 -0.85
N TRP A 17 19.63 18.55 -0.31
CA TRP A 17 19.02 17.32 -0.80
C TRP A 17 17.56 17.22 -0.35
N SER A 18 16.76 16.49 -1.11
CA SER A 18 15.36 16.30 -0.78
C SER A 18 15.14 14.96 -0.08
N ILE A 19 15.84 14.76 1.02
CA ILE A 19 15.75 13.51 1.76
C ILE A 19 15.10 13.75 3.13
N ASP A 20 15.13 12.73 3.99
CA ASP A 20 14.58 12.84 5.33
C ASP A 20 15.35 13.87 6.14
N PRO A 21 14.66 14.90 6.66
CA PRO A 21 15.28 15.98 7.42
C PRO A 21 15.88 15.50 8.75
N GLY A 22 15.53 14.28 9.15
CA GLY A 22 16.04 13.75 10.39
C GLY A 22 14.91 13.32 11.32
N ALA A 23 13.76 13.00 10.73
CA ALA A 23 12.62 12.56 11.50
C ALA A 23 12.65 11.04 11.65
N ASP A 24 13.31 10.39 10.69
CA ASP A 24 13.45 8.93 10.67
C ASP A 24 12.09 8.26 10.58
N LEU A 25 11.43 8.40 9.45
CA LEU A 25 10.12 7.83 9.25
C LEU A 25 10.20 6.57 8.38
N SER A 26 11.40 6.05 8.23
CA SER A 26 11.65 4.89 7.39
C SER A 26 10.94 3.65 7.92
N GLN A 27 10.77 3.58 9.23
CA GLN A 27 10.10 2.46 9.87
C GLN A 27 8.60 2.51 9.61
N TYR A 28 8.08 3.72 9.42
CA TYR A 28 6.65 3.91 9.19
C TYR A 28 6.35 3.93 7.70
N LYS A 29 7.40 3.98 6.89
CA LYS A 29 7.25 3.98 5.44
C LYS A 29 6.68 2.65 4.98
N MET A 30 5.54 2.70 4.31
CA MET A 30 4.92 1.50 3.80
C MET A 30 5.39 1.22 2.38
N ASP A 31 5.95 0.03 2.17
CA ASP A 31 6.41 -0.37 0.86
C ASP A 31 5.23 -0.79 0.00
N VAL A 32 4.96 -0.03 -1.04
CA VAL A 32 3.87 -0.37 -1.95
C VAL A 32 4.37 -1.39 -2.97
N THR A 33 4.12 -2.65 -2.68
CA THR A 33 4.50 -3.73 -3.57
C THR A 33 3.38 -3.98 -4.58
N VAL A 34 3.62 -3.57 -5.82
CA VAL A 34 2.61 -3.68 -6.86
C VAL A 34 2.65 -5.05 -7.51
N ILE A 35 1.57 -5.80 -7.35
CA ILE A 35 1.47 -7.13 -7.92
C ILE A 35 0.98 -7.06 -9.36
N ASP A 36 1.77 -7.61 -10.27
CA ASP A 36 1.36 -7.69 -11.67
C ASP A 36 0.29 -8.76 -11.82
N THR A 37 -0.96 -8.33 -11.80
CA THR A 37 -2.11 -9.23 -11.84
C THR A 37 -2.04 -10.17 -13.03
N LYS A 38 -2.24 -11.46 -12.78
CA LYS A 38 -2.21 -12.48 -13.81
C LYS A 38 -3.64 -12.89 -14.15
N ASP A 39 -4.52 -12.72 -13.18
CA ASP A 39 -5.93 -13.05 -13.33
C ASP A 39 -6.58 -12.18 -14.40
N GLY A 40 -6.86 -12.81 -15.53
CA GLY A 40 -7.49 -12.11 -16.62
C GLY A 40 -6.64 -12.17 -17.87
N SER A 41 -5.35 -11.91 -17.70
CA SER A 41 -4.41 -11.93 -18.81
C SER A 41 -4.01 -13.35 -19.16
N GLN A 42 -3.66 -14.13 -18.16
CA GLN A 42 -3.27 -15.52 -18.37
C GLN A 42 -4.49 -16.42 -18.19
N SER A 43 -5.62 -15.99 -18.74
CA SER A 43 -6.88 -16.69 -18.62
C SER A 43 -6.79 -18.10 -19.20
N LYS A 44 -5.99 -18.24 -20.25
CA LYS A 44 -5.84 -19.50 -20.96
C LYS A 44 -5.19 -20.57 -20.08
N LEU A 45 -4.31 -20.15 -19.19
CA LEU A 45 -3.55 -21.09 -18.37
C LEU A 45 -4.08 -21.12 -16.94
N GLY A 46 -4.80 -20.08 -16.55
CA GLY A 46 -5.30 -19.97 -15.19
C GLY A 46 -6.52 -20.84 -14.93
N GLY A 47 -6.89 -21.67 -15.89
CA GLY A 47 -8.03 -22.55 -15.71
C GLY A 47 -7.72 -23.69 -14.76
N GLY A 48 -8.19 -23.59 -13.53
CA GLY A 48 -7.95 -24.62 -12.55
C GLY A 48 -8.82 -25.83 -12.74
N GLY A 49 -8.42 -26.71 -13.63
CA GLY A 49 -9.17 -27.93 -13.87
C GLY A 49 -9.15 -28.32 -15.33
N SER A 50 -10.16 -29.05 -15.76
CA SER A 50 -10.27 -29.45 -17.16
C SER A 50 -11.66 -29.14 -17.70
N GLY A 51 -11.86 -27.90 -18.12
CA GLY A 51 -13.16 -27.50 -18.61
C GLY A 51 -13.08 -26.24 -19.46
N GLY A 52 -12.74 -25.13 -18.81
CA GLY A 52 -12.68 -23.87 -19.52
C GLY A 52 -11.41 -23.09 -19.23
N HIS A 53 -11.57 -21.80 -19.00
CA HIS A 53 -10.44 -20.92 -18.76
C HIS A 53 -10.72 -20.00 -17.57
N MET A 54 -9.73 -19.22 -17.18
CA MET A 54 -9.89 -18.29 -16.06
C MET A 54 -10.50 -16.98 -16.55
N GLY A 55 -11.81 -17.00 -16.78
CA GLY A 55 -12.52 -15.79 -17.14
C GLY A 55 -12.84 -14.96 -15.92
N SER A 56 -11.88 -14.18 -15.47
CA SER A 56 -12.02 -13.37 -14.28
C SER A 56 -13.13 -12.34 -14.42
N GLY A 57 -14.27 -12.65 -13.85
CA GLY A 57 -15.39 -11.72 -13.86
C GLY A 57 -16.23 -11.86 -12.61
N GLY A 58 -16.76 -13.05 -12.39
CA GLY A 58 -17.58 -13.29 -11.22
C GLY A 58 -16.85 -14.04 -10.13
N LEU A 59 -15.62 -14.43 -10.41
CA LEU A 59 -14.81 -15.18 -9.45
C LEU A 59 -14.43 -14.29 -8.27
N SER A 60 -13.79 -14.87 -7.26
CA SER A 60 -13.49 -14.16 -6.03
C SER A 60 -12.07 -13.59 -6.04
N TRP A 61 -11.13 -14.36 -6.58
CA TRP A 61 -9.72 -13.96 -6.64
C TRP A 61 -9.17 -13.66 -5.25
N LYS A 62 -8.93 -12.39 -4.99
CA LYS A 62 -8.42 -11.96 -3.70
C LYS A 62 -9.36 -10.95 -3.06
N ARG A 63 -9.70 -11.18 -1.81
CA ARG A 63 -10.60 -10.29 -1.08
C ARG A 63 -9.95 -8.95 -0.80
N CYS A 64 -10.68 -7.88 -1.01
CA CYS A 64 -10.18 -6.54 -0.77
C CYS A 64 -10.48 -6.12 0.67
N ALA A 65 -9.49 -5.52 1.33
CA ALA A 65 -9.52 -5.37 2.78
C ALA A 65 -10.32 -4.17 3.27
N GLY A 66 -10.12 -3.02 2.62
CA GLY A 66 -10.75 -1.80 3.08
C GLY A 66 -12.25 -1.81 2.89
N CYS A 67 -12.67 -1.84 1.63
CA CYS A 67 -14.09 -1.88 1.29
C CYS A 67 -14.73 -3.18 1.76
N GLY A 68 -13.95 -4.26 1.76
CA GLY A 68 -14.44 -5.53 2.23
C GLY A 68 -15.13 -6.33 1.14
N GLY A 69 -14.51 -6.39 -0.03
CA GLY A 69 -15.08 -7.13 -1.13
C GLY A 69 -14.05 -7.97 -1.83
N LYS A 70 -13.80 -7.67 -3.10
CA LYS A 70 -12.78 -8.36 -3.87
C LYS A 70 -12.15 -7.40 -4.84
N ILE A 71 -10.86 -7.55 -5.07
CA ILE A 71 -10.14 -6.64 -5.94
C ILE A 71 -10.47 -6.94 -7.41
N ALA A 72 -11.27 -6.08 -8.01
CA ALA A 72 -11.59 -6.17 -9.42
C ALA A 72 -11.19 -4.88 -10.11
N ASP A 73 -10.39 -4.10 -9.41
CA ASP A 73 -9.89 -2.84 -9.92
C ASP A 73 -8.93 -3.08 -11.08
N ARG A 74 -7.70 -3.41 -10.75
CA ARG A 74 -6.70 -3.80 -11.73
C ARG A 74 -5.51 -4.44 -11.04
N PHE A 75 -4.67 -3.62 -10.43
CA PHE A 75 -3.47 -4.11 -9.79
C PHE A 75 -3.62 -4.22 -8.29
N LEU A 76 -2.93 -5.19 -7.70
CA LEU A 76 -2.95 -5.39 -6.27
C LEU A 76 -1.76 -4.69 -5.63
N LEU A 77 -2.03 -3.87 -4.65
CA LEU A 77 -0.99 -3.11 -3.98
C LEU A 77 -0.83 -3.55 -2.54
N TYR A 78 0.41 -3.74 -2.12
CA TYR A 78 0.71 -4.09 -0.75
C TYR A 78 0.96 -2.83 0.07
N ALA A 79 0.63 -2.89 1.36
CA ALA A 79 0.86 -1.76 2.26
C ALA A 79 1.45 -2.24 3.57
N MET A 80 0.81 -3.23 4.17
CA MET A 80 1.26 -3.78 5.44
C MET A 80 1.27 -5.30 5.39
N ASP A 81 0.09 -5.88 5.41
CA ASP A 81 -0.04 -7.34 5.40
C ASP A 81 -1.18 -7.79 4.48
N SER A 82 -1.95 -6.83 4.00
CA SER A 82 -3.13 -7.16 3.20
C SER A 82 -2.95 -6.67 1.77
N TYR A 83 -3.83 -7.13 0.90
CA TYR A 83 -3.80 -6.74 -0.51
C TYR A 83 -4.86 -5.68 -0.76
N TRP A 84 -4.47 -4.59 -1.39
CA TRP A 84 -5.36 -3.48 -1.63
C TRP A 84 -5.40 -3.11 -3.10
N HIS A 85 -6.35 -2.27 -3.44
CA HIS A 85 -6.42 -1.65 -4.76
C HIS A 85 -6.44 -0.14 -4.54
N SER A 86 -6.68 0.64 -5.58
CA SER A 86 -6.63 2.09 -5.47
C SER A 86 -7.69 2.61 -4.49
N ARG A 87 -8.86 1.99 -4.50
CA ARG A 87 -9.96 2.42 -3.66
C ARG A 87 -9.82 1.89 -2.23
N CYS A 88 -8.93 0.94 -2.03
CA CYS A 88 -8.67 0.40 -0.70
C CYS A 88 -7.52 1.15 -0.04
N LEU A 89 -6.42 1.23 -0.78
CA LEU A 89 -5.22 1.90 -0.31
C LEU A 89 -5.37 3.40 -0.46
N LYS A 90 -6.00 4.02 0.52
CA LYS A 90 -6.21 5.46 0.52
C LYS A 90 -5.97 6.00 1.93
N CYS A 91 -5.66 7.29 2.04
CA CYS A 91 -5.52 7.92 3.34
C CYS A 91 -6.86 7.84 4.07
N SER A 92 -6.83 7.40 5.31
CA SER A 92 -8.03 7.28 6.12
C SER A 92 -8.58 8.66 6.46
N SER A 93 -7.77 9.68 6.20
CA SER A 93 -8.15 11.05 6.46
C SER A 93 -8.47 11.79 5.18
N CYS A 94 -7.66 11.57 4.14
CA CYS A 94 -7.84 12.26 2.86
C CYS A 94 -8.87 11.55 1.99
N GLN A 95 -8.88 10.22 2.08
CA GLN A 95 -9.60 9.36 1.14
C GLN A 95 -8.97 9.44 -0.24
N ALA A 96 -7.78 10.01 -0.29
CA ALA A 96 -7.01 10.08 -1.52
C ALA A 96 -6.33 8.76 -1.78
N GLN A 97 -6.49 8.25 -2.99
CA GLN A 97 -5.99 6.94 -3.35
C GLN A 97 -4.48 6.90 -3.36
N LEU A 98 -3.89 6.46 -2.25
CA LEU A 98 -2.44 6.33 -2.16
C LEU A 98 -1.95 5.25 -3.10
N GLY A 99 -2.86 4.36 -3.49
CA GLY A 99 -2.53 3.35 -4.48
C GLY A 99 -2.52 3.92 -5.89
N ASP A 100 -3.05 5.12 -6.04
CA ASP A 100 -3.09 5.78 -7.35
C ASP A 100 -1.97 6.79 -7.46
N ILE A 101 -1.27 6.98 -6.36
CA ILE A 101 -0.15 7.91 -6.27
C ILE A 101 1.02 7.23 -5.57
N GLY A 102 2.03 6.84 -6.34
CA GLY A 102 3.11 6.02 -5.81
C GLY A 102 4.10 6.77 -4.94
N THR A 103 3.59 7.57 -4.01
CA THR A 103 4.42 8.23 -3.02
C THR A 103 4.33 7.50 -1.68
N SER A 104 5.47 7.19 -1.08
CA SER A 104 5.51 6.44 0.17
C SER A 104 4.68 7.10 1.27
N SER A 105 3.61 6.43 1.67
CA SER A 105 2.78 6.89 2.77
C SER A 105 3.31 6.31 4.09
N TYR A 106 2.65 6.61 5.19
CA TYR A 106 3.14 6.19 6.49
C TYR A 106 2.04 5.54 7.31
N THR A 107 2.44 4.69 8.24
CA THR A 107 1.52 4.10 9.19
C THR A 107 2.19 4.02 10.57
N LYS A 108 1.39 3.91 11.61
CA LYS A 108 1.89 3.89 12.98
C LYS A 108 0.86 3.31 13.93
N SER A 109 -0.26 4.00 14.06
CA SER A 109 -1.33 3.58 14.96
C SER A 109 -2.22 2.51 14.34
N GLY A 110 -1.76 1.94 13.24
CA GLY A 110 -2.55 0.93 12.53
C GLY A 110 -3.47 1.56 11.50
N MET A 111 -3.23 2.82 11.18
CA MET A 111 -4.06 3.53 10.21
C MET A 111 -3.25 3.87 8.97
N ILE A 112 -3.91 3.84 7.82
CA ILE A 112 -3.27 4.21 6.56
C ILE A 112 -3.45 5.69 6.31
N LEU A 113 -2.38 6.45 6.45
CA LEU A 113 -2.45 7.89 6.25
C LEU A 113 -1.39 8.35 5.27
N CYS A 114 -1.59 9.54 4.71
CA CYS A 114 -0.63 10.13 3.81
C CYS A 114 0.61 10.60 4.58
N ARG A 115 1.60 11.08 3.85
CA ARG A 115 2.83 11.54 4.47
C ARG A 115 2.58 12.77 5.33
N ASN A 116 1.62 13.59 4.91
CA ASN A 116 1.34 14.84 5.59
C ASN A 116 0.48 14.59 6.82
N ASP A 117 -0.56 13.78 6.66
CA ASP A 117 -1.49 13.51 7.76
C ASP A 117 -0.81 12.79 8.90
N TYR A 118 0.11 11.89 8.57
CA TYR A 118 0.85 11.18 9.60
C TYR A 118 1.70 12.15 10.41
N ILE A 119 2.36 13.06 9.73
CA ILE A 119 3.20 14.05 10.38
C ILE A 119 2.36 14.97 11.26
N ARG A 120 1.18 15.34 10.76
CA ARG A 120 0.24 16.15 11.51
C ARG A 120 -0.20 15.43 12.78
N LEU A 121 -0.39 14.12 12.66
CA LEU A 121 -0.82 13.30 13.79
C LEU A 121 0.33 13.04 14.75
N PHE A 122 1.45 12.55 14.23
CA PHE A 122 2.60 12.22 15.06
C PHE A 122 3.86 12.90 14.56
N GLY A 123 4.46 12.33 13.53
CA GLY A 123 5.72 12.81 13.02
C GLY A 123 6.87 11.94 13.48
ZN ZN B . -11.30 -2.39 -1.43
ZN ZN C . -4.12 12.42 4.36
N SER A 3 1.24 33.07 5.34
CA SER A 3 2.04 34.01 4.52
C SER A 3 3.29 33.31 3.96
N LEU A 4 4.40 33.40 4.68
CA LEU A 4 5.67 32.89 4.18
C LEU A 4 5.97 31.52 4.76
N GLN A 5 5.17 30.53 4.39
CA GLN A 5 5.40 29.17 4.82
C GLN A 5 6.35 28.47 3.86
N ASN A 6 7.62 28.80 3.95
CA ASN A 6 8.63 28.20 3.10
C ASN A 6 9.79 27.70 3.94
N ASN A 7 9.67 26.49 4.45
CA ASN A 7 10.70 25.89 5.28
C ASN A 7 10.86 24.42 4.95
N GLN A 8 11.94 24.09 4.26
CA GLN A 8 12.24 22.71 3.93
C GLN A 8 13.72 22.43 4.15
N ASP A 9 14.21 22.86 5.31
CA ASP A 9 15.61 22.67 5.67
C ASP A 9 15.91 21.20 5.91
N VAL A 10 16.82 20.65 5.12
CA VAL A 10 17.21 19.26 5.26
C VAL A 10 18.56 19.16 5.98
N SER A 11 18.63 18.25 6.93
CA SER A 11 19.84 18.03 7.69
C SER A 11 20.81 17.14 6.91
N PHE A 12 22.04 17.59 6.76
CA PHE A 12 23.03 16.85 5.98
C PHE A 12 24.14 16.34 6.90
N GLU A 13 24.92 15.40 6.39
CA GLU A 13 26.02 14.81 7.15
C GLU A 13 27.12 15.85 7.40
N ASN A 14 27.38 16.69 6.40
CA ASN A 14 28.40 17.71 6.53
C ASN A 14 27.96 18.82 7.47
N ILE A 15 26.65 18.98 7.62
CA ILE A 15 26.08 19.97 8.52
C ILE A 15 25.32 19.29 9.66
N GLN A 16 26.07 18.72 10.59
CA GLN A 16 25.48 17.96 11.68
C GLN A 16 25.44 18.79 12.96
N TRP A 17 24.35 19.52 13.14
CA TRP A 17 24.14 20.24 14.39
C TRP A 17 23.20 19.45 15.28
N SER A 18 22.63 20.10 16.28
CA SER A 18 21.72 19.42 17.20
C SER A 18 20.39 19.10 16.50
N ILE A 19 20.31 17.93 15.89
CA ILE A 19 19.12 17.50 15.19
C ILE A 19 18.52 16.26 15.83
N ASP A 20 17.26 15.98 15.53
CA ASP A 20 16.59 14.79 16.04
C ASP A 20 17.09 13.54 15.31
N PRO A 21 17.61 12.56 16.05
CA PRO A 21 18.16 11.33 15.49
C PRO A 21 17.07 10.45 14.85
N GLY A 22 15.82 10.79 15.12
CA GLY A 22 14.72 10.05 14.54
C GLY A 22 13.87 10.91 13.64
N ALA A 23 14.52 11.86 12.97
CA ALA A 23 13.83 12.76 12.05
C ALA A 23 13.28 11.98 10.85
N ASP A 24 13.91 10.86 10.54
CA ASP A 24 13.44 9.98 9.49
C ASP A 24 12.58 8.90 10.10
N LEU A 25 11.31 8.86 9.71
CA LEU A 25 10.38 7.88 10.24
C LEU A 25 10.56 6.53 9.54
N SER A 26 11.75 5.96 9.67
CA SER A 26 12.12 4.72 9.00
C SER A 26 11.19 3.56 9.38
N GLN A 27 10.85 3.47 10.65
CA GLN A 27 10.05 2.36 11.15
C GLN A 27 8.60 2.45 10.69
N TYR A 28 8.20 3.63 10.24
CA TYR A 28 6.81 3.87 9.85
C TYR A 28 6.66 3.82 8.34
N LYS A 29 7.78 3.69 7.63
CA LYS A 29 7.77 3.68 6.17
C LYS A 29 7.12 2.42 5.65
N MET A 30 6.03 2.59 4.93
CA MET A 30 5.34 1.48 4.30
C MET A 30 5.66 1.44 2.82
N ASP A 31 5.92 0.25 2.30
CA ASP A 31 6.24 0.09 0.89
C ASP A 31 5.02 -0.37 0.12
N VAL A 32 4.83 0.20 -1.06
CA VAL A 32 3.67 -0.12 -1.89
C VAL A 32 4.07 -1.04 -3.03
N THR A 33 3.90 -2.33 -2.81
CA THR A 33 4.22 -3.32 -3.82
C THR A 33 3.02 -3.58 -4.73
N VAL A 34 3.14 -3.18 -5.98
CA VAL A 34 2.06 -3.36 -6.96
C VAL A 34 2.20 -4.70 -7.65
N ILE A 35 1.10 -5.42 -7.78
CA ILE A 35 1.12 -6.74 -8.41
C ILE A 35 0.35 -6.72 -9.72
N ASP A 36 0.94 -7.30 -10.75
CA ASP A 36 0.29 -7.42 -12.05
C ASP A 36 -0.76 -8.52 -12.00
N THR A 37 -2.00 -8.14 -12.24
CA THR A 37 -3.13 -9.04 -12.09
C THR A 37 -3.49 -9.79 -13.38
N LYS A 38 -2.57 -9.82 -14.34
CA LYS A 38 -2.83 -10.47 -15.61
C LYS A 38 -2.79 -11.99 -15.49
N ASP A 39 -1.94 -12.50 -14.61
CA ASP A 39 -1.73 -13.95 -14.48
C ASP A 39 -2.85 -14.62 -13.70
N GLY A 40 -3.96 -13.92 -13.58
CA GLY A 40 -5.10 -14.42 -12.85
C GLY A 40 -6.29 -14.63 -13.74
N SER A 41 -6.41 -13.81 -14.78
CA SER A 41 -7.55 -13.87 -15.69
C SER A 41 -7.33 -14.92 -16.79
N GLN A 42 -6.17 -15.55 -16.76
CA GLN A 42 -5.81 -16.54 -17.78
C GLN A 42 -6.50 -17.88 -17.53
N SER A 43 -7.80 -17.91 -17.75
CA SER A 43 -8.55 -19.15 -17.65
C SER A 43 -8.45 -19.93 -18.95
N LYS A 44 -8.14 -19.23 -20.04
CA LYS A 44 -8.02 -19.84 -21.35
C LYS A 44 -6.59 -20.28 -21.60
N LEU A 45 -5.63 -19.53 -21.06
CA LEU A 45 -4.23 -19.86 -21.22
C LEU A 45 -3.88 -21.07 -20.35
N GLY A 46 -3.41 -22.12 -20.99
CA GLY A 46 -3.19 -23.36 -20.31
C GLY A 46 -4.14 -24.43 -20.81
N GLY A 47 -5.07 -24.00 -21.65
CA GLY A 47 -6.00 -24.92 -22.26
C GLY A 47 -6.17 -24.63 -23.73
N GLY A 48 -5.05 -24.43 -24.42
CA GLY A 48 -5.10 -24.12 -25.84
C GLY A 48 -5.30 -25.36 -26.70
N GLY A 49 -6.44 -25.98 -26.54
CA GLY A 49 -6.76 -27.17 -27.29
C GLY A 49 -7.78 -28.02 -26.56
N SER A 50 -7.91 -29.27 -26.96
CA SER A 50 -8.85 -30.17 -26.30
C SER A 50 -8.19 -30.85 -25.11
N GLY A 51 -8.62 -30.47 -23.91
CA GLY A 51 -8.10 -31.08 -22.70
C GLY A 51 -7.32 -30.09 -21.86
N GLY A 52 -7.90 -28.92 -21.65
CA GLY A 52 -7.26 -27.91 -20.84
C GLY A 52 -8.25 -27.01 -20.14
N HIS A 53 -9.42 -27.56 -19.81
CA HIS A 53 -10.47 -26.79 -19.14
C HIS A 53 -10.21 -26.75 -17.64
N MET A 54 -9.28 -25.89 -17.24
CA MET A 54 -8.97 -25.72 -15.83
C MET A 54 -9.85 -24.63 -15.24
N GLY A 55 -10.13 -23.60 -16.05
CA GLY A 55 -11.02 -22.53 -15.63
C GLY A 55 -10.39 -21.62 -14.59
N SER A 56 -11.17 -20.65 -14.13
CA SER A 56 -10.71 -19.74 -13.09
C SER A 56 -11.27 -20.16 -11.74
N GLY A 57 -10.48 -20.94 -11.00
CA GLY A 57 -10.90 -21.38 -9.69
C GLY A 57 -10.92 -20.24 -8.69
N GLY A 58 -9.98 -19.33 -8.83
CA GLY A 58 -9.93 -18.16 -7.98
C GLY A 58 -10.80 -17.03 -8.53
N LEU A 59 -12.10 -17.26 -8.59
CA LEU A 59 -13.03 -16.26 -9.12
C LEU A 59 -13.27 -15.16 -8.10
N SER A 60 -12.69 -15.33 -6.92
CA SER A 60 -12.75 -14.31 -5.88
C SER A 60 -11.53 -13.41 -5.97
N TRP A 61 -10.66 -13.73 -6.92
CA TRP A 61 -9.43 -13.00 -7.18
C TRP A 61 -8.62 -12.82 -5.89
N LYS A 62 -8.50 -11.59 -5.44
CA LYS A 62 -7.76 -11.29 -4.22
C LYS A 62 -8.67 -10.56 -3.24
N ARG A 63 -8.69 -11.04 -2.00
CA ARG A 63 -9.55 -10.48 -0.97
C ARG A 63 -8.97 -9.20 -0.39
N CYS A 64 -9.75 -8.13 -0.40
CA CYS A 64 -9.32 -6.86 0.15
C CYS A 64 -9.49 -6.84 1.66
N ALA A 65 -8.71 -6.03 2.32
CA ALA A 65 -8.79 -5.88 3.77
C ALA A 65 -9.46 -4.56 4.12
N GLY A 66 -9.71 -3.75 3.10
CA GLY A 66 -10.26 -2.43 3.31
C GLY A 66 -11.78 -2.44 3.30
N CYS A 67 -12.37 -2.94 2.22
CA CYS A 67 -13.83 -2.91 2.09
C CYS A 67 -14.44 -4.24 2.54
N GLY A 68 -13.65 -5.30 2.45
CA GLY A 68 -14.13 -6.60 2.86
C GLY A 68 -14.62 -7.41 1.69
N GLY A 69 -14.49 -6.85 0.50
CA GLY A 69 -14.83 -7.57 -0.71
C GLY A 69 -13.60 -8.04 -1.44
N LYS A 70 -13.74 -8.33 -2.72
CA LYS A 70 -12.59 -8.71 -3.52
C LYS A 70 -12.13 -7.51 -4.33
N ILE A 71 -10.84 -7.48 -4.65
CA ILE A 71 -10.28 -6.37 -5.40
C ILE A 71 -10.83 -6.35 -6.81
N ALA A 72 -11.69 -5.39 -7.08
CA ALA A 72 -12.30 -5.22 -8.40
C ALA A 72 -11.63 -4.07 -9.15
N ASP A 73 -10.38 -3.80 -8.80
CA ASP A 73 -9.61 -2.75 -9.45
C ASP A 73 -8.85 -3.32 -10.64
N ARG A 74 -7.94 -2.54 -11.18
CA ARG A 74 -7.04 -3.02 -12.20
C ARG A 74 -5.86 -3.72 -11.53
N PHE A 75 -5.01 -2.93 -10.89
CA PHE A 75 -3.87 -3.45 -10.18
C PHE A 75 -4.12 -3.48 -8.68
N LEU A 76 -3.60 -4.50 -8.02
CA LEU A 76 -3.67 -4.57 -6.57
C LEU A 76 -2.34 -4.14 -5.96
N LEU A 77 -2.41 -3.57 -4.77
CA LEU A 77 -1.22 -3.03 -4.14
C LEU A 77 -1.03 -3.63 -2.75
N TYR A 78 0.18 -3.50 -2.22
CA TYR A 78 0.52 -3.99 -0.90
C TYR A 78 0.77 -2.81 0.04
N ALA A 79 0.47 -3.02 1.32
CA ALA A 79 0.76 -2.03 2.35
C ALA A 79 1.19 -2.74 3.63
N MET A 80 0.27 -2.90 4.57
CA MET A 80 0.56 -3.65 5.79
C MET A 80 0.36 -5.14 5.53
N ASP A 81 1.02 -5.63 4.48
CA ASP A 81 0.99 -7.04 4.07
C ASP A 81 -0.42 -7.57 3.86
N SER A 82 -1.34 -6.69 3.49
CA SER A 82 -2.67 -7.11 3.08
C SER A 82 -2.86 -6.79 1.61
N TYR A 83 -3.94 -7.29 1.02
CA TYR A 83 -4.24 -7.00 -0.38
C TYR A 83 -5.08 -5.71 -0.47
N TRP A 84 -4.68 -4.81 -1.35
CA TRP A 84 -5.39 -3.54 -1.50
C TRP A 84 -5.64 -3.20 -2.96
N HIS A 85 -6.52 -2.23 -3.18
CA HIS A 85 -6.77 -1.66 -4.49
C HIS A 85 -6.90 -0.15 -4.31
N SER A 86 -6.90 0.61 -5.40
CA SER A 86 -6.85 2.07 -5.33
C SER A 86 -7.95 2.67 -4.45
N ARG A 87 -9.10 2.00 -4.36
CA ARG A 87 -10.22 2.51 -3.58
C ARG A 87 -9.95 2.48 -2.07
N CYS A 88 -9.35 1.40 -1.59
CA CYS A 88 -9.07 1.27 -0.16
C CYS A 88 -7.63 1.64 0.17
N LEU A 89 -6.73 1.41 -0.76
CA LEU A 89 -5.33 1.76 -0.58
C LEU A 89 -5.15 3.26 -0.77
N LYS A 90 -5.68 4.01 0.16
CA LYS A 90 -5.56 5.46 0.18
C LYS A 90 -5.45 5.94 1.62
N CYS A 91 -5.05 7.18 1.76
CA CYS A 91 -5.01 7.83 3.04
C CYS A 91 -6.40 7.88 3.65
N SER A 92 -6.51 7.54 4.92
CA SER A 92 -7.80 7.58 5.60
C SER A 92 -8.14 9.00 6.03
N SER A 93 -7.17 9.91 5.89
CA SER A 93 -7.35 11.28 6.35
C SER A 93 -7.77 12.23 5.22
N CYS A 94 -7.12 12.15 4.06
CA CYS A 94 -7.50 13.00 2.94
C CYS A 94 -8.17 12.19 1.83
N GLN A 95 -8.04 10.87 1.92
CA GLN A 95 -8.72 9.95 1.01
C GLN A 95 -8.15 10.02 -0.41
N ALA A 96 -6.93 10.50 -0.54
CA ALA A 96 -6.25 10.54 -1.82
C ALA A 96 -5.82 9.13 -2.21
N GLN A 97 -6.20 8.71 -3.41
CA GLN A 97 -5.89 7.37 -3.92
C GLN A 97 -4.38 7.14 -3.97
N LEU A 98 -3.86 6.48 -2.94
CA LEU A 98 -2.42 6.24 -2.82
C LEU A 98 -1.93 5.33 -3.95
N GLY A 99 -2.85 4.56 -4.51
CA GLY A 99 -2.50 3.64 -5.58
C GLY A 99 -2.24 4.35 -6.89
N ASP A 100 -2.86 5.50 -7.08
CA ASP A 100 -2.72 6.25 -8.34
C ASP A 100 -1.59 7.25 -8.25
N ILE A 101 -0.88 7.19 -7.16
CA ILE A 101 0.25 8.09 -6.93
C ILE A 101 1.52 7.30 -6.74
N GLY A 102 1.48 6.39 -5.81
CA GLY A 102 2.64 5.60 -5.46
C GLY A 102 3.41 6.21 -4.31
N THR A 103 2.69 7.01 -3.52
CA THR A 103 3.26 7.70 -2.39
C THR A 103 3.60 6.73 -1.26
N SER A 104 4.84 6.79 -0.79
CA SER A 104 5.26 6.00 0.35
C SER A 104 4.48 6.41 1.59
N SER A 105 3.43 5.66 1.88
CA SER A 105 2.54 5.96 2.97
C SER A 105 3.16 5.57 4.30
N TYR A 106 2.59 6.08 5.39
CA TYR A 106 3.11 5.79 6.71
C TYR A 106 2.03 5.15 7.57
N THR A 107 2.45 4.39 8.55
CA THR A 107 1.53 3.74 9.46
C THR A 107 2.02 3.86 10.89
N LYS A 108 1.14 3.65 11.84
CA LYS A 108 1.48 3.74 13.25
C LYS A 108 0.44 2.99 14.07
N SER A 109 -0.71 3.63 14.27
CA SER A 109 -1.80 3.04 15.02
C SER A 109 -2.68 2.17 14.11
N GLY A 110 -2.06 1.53 13.12
CA GLY A 110 -2.78 0.68 12.20
C GLY A 110 -3.60 1.45 11.19
N MET A 111 -3.30 2.73 11.03
CA MET A 111 -4.04 3.58 10.11
C MET A 111 -3.17 3.94 8.91
N ILE A 112 -3.76 3.86 7.73
CA ILE A 112 -3.06 4.23 6.50
C ILE A 112 -3.14 5.72 6.27
N LEU A 113 -2.00 6.40 6.32
CA LEU A 113 -1.96 7.84 6.17
C LEU A 113 -0.90 8.24 5.16
N CYS A 114 -1.13 9.34 4.45
CA CYS A 114 -0.17 9.82 3.47
C CYS A 114 1.01 10.49 4.18
N ARG A 115 2.02 10.85 3.39
CA ARG A 115 3.26 11.43 3.91
C ARG A 115 2.97 12.70 4.71
N ASN A 116 2.14 13.57 4.16
CA ASN A 116 1.82 14.84 4.78
C ASN A 116 0.91 14.64 6.00
N ASP A 117 -0.10 13.82 5.83
CA ASP A 117 -1.12 13.65 6.86
C ASP A 117 -0.58 12.98 8.11
N TYR A 118 0.31 12.01 7.92
CA TYR A 118 0.86 11.28 9.05
C TYR A 118 1.58 12.22 10.01
N ILE A 119 2.37 13.14 9.45
CA ILE A 119 3.12 14.09 10.25
C ILE A 119 2.17 15.04 10.97
N ARG A 120 1.08 15.40 10.29
CA ARG A 120 0.08 16.29 10.86
C ARG A 120 -0.64 15.63 12.03
N LEU A 121 -1.04 14.37 11.84
CA LEU A 121 -1.81 13.65 12.84
C LEU A 121 -0.95 13.10 13.96
N PHE A 122 -0.01 12.22 13.63
CA PHE A 122 0.78 11.54 14.64
C PHE A 122 2.21 12.07 14.67
N GLY A 123 3.08 11.45 13.88
CA GLY A 123 4.47 11.82 13.88
C GLY A 123 5.29 10.90 14.77
ZN ZN B . -11.23 -2.62 -0.70
ZN ZN C . -3.63 12.21 3.55
#